data_8DN1
# 
_entry.id   8DN1 
# 
_audit_conform.dict_name       mmcif_pdbx.dic 
_audit_conform.dict_version    5.380 
_audit_conform.dict_location   http://mmcif.pdb.org/dictionaries/ascii/mmcif_pdbx.dic 
# 
loop_
_database_2.database_id 
_database_2.database_code 
_database_2.pdbx_database_accession 
_database_2.pdbx_DOI 
PDB   8DN1         pdb_00008dn1 10.2210/pdb8dn1/pdb 
WWPDB D_1000266659 ?            ?                   
# 
_pdbx_database_status.status_code                     REL 
_pdbx_database_status.status_code_sf                  REL 
_pdbx_database_status.status_code_mr                  ? 
_pdbx_database_status.entry_id                        8DN1 
_pdbx_database_status.recvd_initial_deposition_date   2022-07-10 
_pdbx_database_status.SG_entry                        N 
_pdbx_database_status.deposit_site                    RCSB 
_pdbx_database_status.process_site                    RCSB 
_pdbx_database_status.status_code_cs                  ? 
_pdbx_database_status.status_code_nmr_data            ? 
_pdbx_database_status.methods_development_category    ? 
_pdbx_database_status.pdb_format_compatible           Y 
# 
loop_
_audit_author.name 
_audit_author.pdbx_ordinal 
_audit_author.identifier_ORCID 
'Bingham, C.R.' 1 0000-0001-5920-5543 
'Borhan, B.'    2 0000-0002-3193-0732 
'Geiger, J.H.'  3 0000-0002-9443-4488 
# 
_citation.abstract                  ? 
_citation.abstract_id_CAS           ? 
_citation.book_id_ISBN              ? 
_citation.book_publisher            ? 
_citation.book_publisher_city       ? 
_citation.book_title                ? 
_citation.coordinate_linkage        ? 
_citation.country                   ? 
_citation.database_id_Medline       ? 
_citation.details                   ? 
_citation.id                        primary 
_citation.journal_abbrev            Analyst 
_citation.journal_id_ASTM           ? 
_citation.journal_id_CSD            ? 
_citation.journal_id_ISSN           1364-5528 
_citation.journal_full              ? 
_citation.journal_issue             ? 
_citation.journal_volume            148 
_citation.language                  ? 
_citation.page_first                1085 
_citation.page_last                 1092 
_citation.title                     
'Light controlled reversible Michael addition of cysteine: a new tool for dynamic site-specific labeling of proteins.' 
_citation.year                      2023 
_citation.database_id_CSD           ? 
_citation.pdbx_database_id_DOI      10.1039/d2an01395a 
_citation.pdbx_database_id_PubMed   36722993 
_citation.pdbx_database_id_patent   ? 
_citation.unpublished_flag          ? 
# 
loop_
_citation_author.citation_id 
_citation_author.name 
_citation_author.ordinal 
_citation_author.identifier_ORCID 
primary 'Maity, S.'          1  ? 
primary 'Bingham, C.'        2  ? 
primary 'Sheng, W.'          3  ? 
primary 'Ehyaei, N.'         4  ? 
primary 'Chakraborty, D.'    5  ? 
primary 'Tahmasebi-Nick, S.' 6  ? 
primary 'Kimmel, T.E.'       7  ? 
primary 'Vasileiou, C.'      8  ? 
primary 'Geiger, J.H.'       9  ? 
primary 'Borhan, B.'         10 ? 
# 
_cell.angle_alpha                  90.000 
_cell.angle_alpha_esd              ? 
_cell.angle_beta                   91.926 
_cell.angle_beta_esd               ? 
_cell.angle_gamma                  90.000 
_cell.angle_gamma_esd              ? 
_cell.entry_id                     8DN1 
_cell.details                      ? 
_cell.formula_units_Z              ? 
_cell.length_a                     29.222 
_cell.length_a_esd                 ? 
_cell.length_b                     66.833 
_cell.length_b_esd                 ? 
_cell.length_c                     63.704 
_cell.length_c_esd                 ? 
_cell.volume                       124343.240 
_cell.volume_esd                   ? 
_cell.Z_PDB                        4 
_cell.reciprocal_angle_alpha       ? 
_cell.reciprocal_angle_beta        ? 
_cell.reciprocal_angle_gamma       ? 
_cell.reciprocal_angle_alpha_esd   ? 
_cell.reciprocal_angle_beta_esd    ? 
_cell.reciprocal_angle_gamma_esd   ? 
_cell.reciprocal_length_a          ? 
_cell.reciprocal_length_b          ? 
_cell.reciprocal_length_c          ? 
_cell.reciprocal_length_a_esd      ? 
_cell.reciprocal_length_b_esd      ? 
_cell.reciprocal_length_c_esd      ? 
_cell.pdbx_unique_axis             ? 
_cell.pdbx_esd_method              ? 
# 
_symmetry.entry_id                         8DN1 
_symmetry.cell_setting                     ? 
_symmetry.Int_Tables_number                5 
_symmetry.space_group_name_Hall            'C 2y' 
_symmetry.space_group_name_H-M             'C 1 2 1' 
_symmetry.pdbx_full_space_group_name_H-M   ? 
# 
loop_
_entity.id 
_entity.type 
_entity.src_method 
_entity.pdbx_description 
_entity.formula_weight 
_entity.pdbx_number_of_molecules 
_entity.pdbx_ec 
_entity.pdbx_mutation 
_entity.pdbx_fragment 
_entity.details 
1 polymer     man 'Retinol-binding protein 2'                                                   15548.548 1   ? ? ? ? 
2 non-polymer syn GLYCEROL                                                                      92.094    2   ? ? ? ? 
3 non-polymer syn '(2E)-3-[7-(diethylamino)-2-oxo-2H-1-benzopyran-3-yl]prop-2-enal, bound form' 257.328   1   ? ? ? ? 
4 water       nat water                                                                         18.015    157 ? ? ? ? 
# 
_entity_name_com.entity_id   1 
_entity_name_com.name        'Cellular retinol-binding protein II,CRBP-II' 
# 
_entity_poly.entity_id                      1 
_entity_poly.type                           'polypeptide(L)' 
_entity_poly.nstd_linkage                   no 
_entity_poly.nstd_monomer                   no 
_entity_poly.pdbx_seq_one_letter_code       
;TRDFNGTWEMESNENFEGYMKALDIDFATRKIAVRLTFTLVIDQDGDNFKCKATSTFLNYDVDFTVGVEFDEYTKSLDNR
HVKALVTWEGDVLVCVQKGEKENRGWKKWIEGDKLYLELTCGDQVCRQVFKKK
;
_entity_poly.pdbx_seq_one_letter_code_can   
;TRDFNGTWEMESNENFEGYMKALDIDFATRKIAVRLTFTLVIDQDGDNFKCKATSTFLNYDVDFTVGVEFDEYTKSLDNR
HVKALVTWEGDVLVCVQKGEKENRGWKKWIEGDKLYLELTCGDQVCRQVFKKK
;
_entity_poly.pdbx_strand_id                 A 
_entity_poly.pdbx_target_identifier         ? 
# 
loop_
_entity_poly_seq.entity_id 
_entity_poly_seq.num 
_entity_poly_seq.mon_id 
_entity_poly_seq.hetero 
1 1   THR n 
1 2   ARG n 
1 3   ASP n 
1 4   PHE n 
1 5   ASN n 
1 6   GLY n 
1 7   THR n 
1 8   TRP n 
1 9   GLU n 
1 10  MET n 
1 11  GLU n 
1 12  SER n 
1 13  ASN n 
1 14  GLU n 
1 15  ASN n 
1 16  PHE n 
1 17  GLU n 
1 18  GLY n 
1 19  TYR n 
1 20  MET n 
1 21  LYS n 
1 22  ALA n 
1 23  LEU n 
1 24  ASP n 
1 25  ILE n 
1 26  ASP n 
1 27  PHE n 
1 28  ALA n 
1 29  THR n 
1 30  ARG n 
1 31  LYS n 
1 32  ILE n 
1 33  ALA n 
1 34  VAL n 
1 35  ARG n 
1 36  LEU n 
1 37  THR n 
1 38  PHE n 
1 39  THR n 
1 40  LEU n 
1 41  VAL n 
1 42  ILE n 
1 43  ASP n 
1 44  GLN n 
1 45  ASP n 
1 46  GLY n 
1 47  ASP n 
1 48  ASN n 
1 49  PHE n 
1 50  LYS n 
1 51  CYS n 
1 52  LYS n 
1 53  ALA n 
1 54  THR n 
1 55  SER n 
1 56  THR n 
1 57  PHE n 
1 58  LEU n 
1 59  ASN n 
1 60  TYR n 
1 61  ASP n 
1 62  VAL n 
1 63  ASP n 
1 64  PHE n 
1 65  THR n 
1 66  VAL n 
1 67  GLY n 
1 68  VAL n 
1 69  GLU n 
1 70  PHE n 
1 71  ASP n 
1 72  GLU n 
1 73  TYR n 
1 74  THR n 
1 75  LYS n 
1 76  SER n 
1 77  LEU n 
1 78  ASP n 
1 79  ASN n 
1 80  ARG n 
1 81  HIS n 
1 82  VAL n 
1 83  LYS n 
1 84  ALA n 
1 85  LEU n 
1 86  VAL n 
1 87  THR n 
1 88  TRP n 
1 89  GLU n 
1 90  GLY n 
1 91  ASP n 
1 92  VAL n 
1 93  LEU n 
1 94  VAL n 
1 95  CYS n 
1 96  VAL n 
1 97  GLN n 
1 98  LYS n 
1 99  GLY n 
1 100 GLU n 
1 101 LYS n 
1 102 GLU n 
1 103 ASN n 
1 104 ARG n 
1 105 GLY n 
1 106 TRP n 
1 107 LYS n 
1 108 LYS n 
1 109 TRP n 
1 110 ILE n 
1 111 GLU n 
1 112 GLY n 
1 113 ASP n 
1 114 LYS n 
1 115 LEU n 
1 116 TYR n 
1 117 LEU n 
1 118 GLU n 
1 119 LEU n 
1 120 THR n 
1 121 CYS n 
1 122 GLY n 
1 123 ASP n 
1 124 GLN n 
1 125 VAL n 
1 126 CYS n 
1 127 ARG n 
1 128 GLN n 
1 129 VAL n 
1 130 PHE n 
1 131 LYS n 
1 132 LYS n 
1 133 LYS n 
# 
_entity_src_gen.entity_id                          1 
_entity_src_gen.pdbx_src_id                        1 
_entity_src_gen.pdbx_alt_source_flag               sample 
_entity_src_gen.pdbx_seq_type                      'Biological sequence' 
_entity_src_gen.pdbx_beg_seq_num                   1 
_entity_src_gen.pdbx_end_seq_num                   133 
_entity_src_gen.gene_src_common_name               human 
_entity_src_gen.gene_src_genus                     ? 
_entity_src_gen.pdbx_gene_src_gene                 'RBP2, CRBP2' 
_entity_src_gen.gene_src_species                   ? 
_entity_src_gen.gene_src_strain                    ? 
_entity_src_gen.gene_src_tissue                    ? 
_entity_src_gen.gene_src_tissue_fraction           ? 
_entity_src_gen.gene_src_details                   ? 
_entity_src_gen.pdbx_gene_src_fragment             ? 
_entity_src_gen.pdbx_gene_src_scientific_name      'Homo sapiens' 
_entity_src_gen.pdbx_gene_src_ncbi_taxonomy_id     9606 
_entity_src_gen.pdbx_gene_src_variant              ? 
_entity_src_gen.pdbx_gene_src_cell_line            ? 
_entity_src_gen.pdbx_gene_src_atcc                 ? 
_entity_src_gen.pdbx_gene_src_organ                ? 
_entity_src_gen.pdbx_gene_src_organelle            ? 
_entity_src_gen.pdbx_gene_src_cell                 ? 
_entity_src_gen.pdbx_gene_src_cellular_location    ? 
_entity_src_gen.host_org_common_name               ? 
_entity_src_gen.pdbx_host_org_scientific_name      'Escherichia coli' 
_entity_src_gen.pdbx_host_org_ncbi_taxonomy_id     562 
_entity_src_gen.host_org_genus                     ? 
_entity_src_gen.pdbx_host_org_gene                 ? 
_entity_src_gen.pdbx_host_org_organ                ? 
_entity_src_gen.host_org_species                   ? 
_entity_src_gen.pdbx_host_org_tissue               ? 
_entity_src_gen.pdbx_host_org_tissue_fraction      ? 
_entity_src_gen.pdbx_host_org_strain               ? 
_entity_src_gen.pdbx_host_org_variant              ? 
_entity_src_gen.pdbx_host_org_cell_line            ? 
_entity_src_gen.pdbx_host_org_atcc                 ? 
_entity_src_gen.pdbx_host_org_culture_collection   ? 
_entity_src_gen.pdbx_host_org_cell                 ? 
_entity_src_gen.pdbx_host_org_organelle            ? 
_entity_src_gen.pdbx_host_org_cellular_location    ? 
_entity_src_gen.pdbx_host_org_vector_type          ? 
_entity_src_gen.pdbx_host_org_vector               ? 
_entity_src_gen.host_org_details                   ? 
_entity_src_gen.expression_system_id               ? 
_entity_src_gen.plasmid_name                       ? 
_entity_src_gen.plasmid_details                    ? 
_entity_src_gen.pdbx_description                   ? 
# 
_struct_ref.id                         1 
_struct_ref.db_name                    UNP 
_struct_ref.db_code                    RET2_HUMAN 
_struct_ref.pdbx_db_accession          P50120 
_struct_ref.pdbx_db_isoform            ? 
_struct_ref.entity_id                  1 
_struct_ref.pdbx_seq_one_letter_code   
;TRDQNGTWEMESNENFEGYMKALDIDFATRKIAVRLTQTKVIDQDGDNFKTKTTSTFRNYDVDFTVGVEFDEYTKSLDNR
HVKALVTWEGDVLVCVQKGEKENRGWKQWIEGDKLYLELTCGDQVCRQVFKKK
;
_struct_ref.pdbx_align_begin           2 
# 
_struct_ref_seq.align_id                      1 
_struct_ref_seq.ref_id                        1 
_struct_ref_seq.pdbx_PDB_id_code              8DN1 
_struct_ref_seq.pdbx_strand_id                A 
_struct_ref_seq.seq_align_beg                 1 
_struct_ref_seq.pdbx_seq_align_beg_ins_code   ? 
_struct_ref_seq.seq_align_end                 133 
_struct_ref_seq.pdbx_seq_align_end_ins_code   ? 
_struct_ref_seq.pdbx_db_accession             P50120 
_struct_ref_seq.db_align_beg                  2 
_struct_ref_seq.pdbx_db_align_beg_ins_code    ? 
_struct_ref_seq.db_align_end                  134 
_struct_ref_seq.pdbx_db_align_end_ins_code    ? 
_struct_ref_seq.pdbx_auth_seq_align_beg       1 
_struct_ref_seq.pdbx_auth_seq_align_end       133 
# 
loop_
_struct_ref_seq_dif.align_id 
_struct_ref_seq_dif.pdbx_pdb_id_code 
_struct_ref_seq_dif.mon_id 
_struct_ref_seq_dif.pdbx_pdb_strand_id 
_struct_ref_seq_dif.seq_num 
_struct_ref_seq_dif.pdbx_pdb_ins_code 
_struct_ref_seq_dif.pdbx_seq_db_name 
_struct_ref_seq_dif.pdbx_seq_db_accession_code 
_struct_ref_seq_dif.db_mon_id 
_struct_ref_seq_dif.pdbx_seq_db_seq_num 
_struct_ref_seq_dif.details 
_struct_ref_seq_dif.pdbx_auth_seq_num 
_struct_ref_seq_dif.pdbx_ordinal 
1 8DN1 PHE A 4   ? UNP P50120 GLN 5   'engineered mutation' 4   1 
1 8DN1 PHE A 38  ? UNP P50120 GLN 39  'engineered mutation' 38  2 
1 8DN1 LEU A 40  ? UNP P50120 LYS 41  'engineered mutation' 40  3 
1 8DN1 CYS A 51  ? UNP P50120 THR 52  'engineered mutation' 51  4 
1 8DN1 ALA A 53  ? UNP P50120 THR 54  'engineered mutation' 53  5 
1 8DN1 LEU A 58  ? UNP P50120 ARG 59  'engineered mutation' 58  6 
1 8DN1 LYS A 108 ? UNP P50120 GLN 109 'engineered mutation' 108 7 
# 
loop_
_chem_comp.id 
_chem_comp.type 
_chem_comp.mon_nstd_flag 
_chem_comp.name 
_chem_comp.pdbx_synonyms 
_chem_comp.formula 
_chem_comp.formula_weight 
ALA 'L-peptide linking' y ALANINE                                                                       ? 'C3 H7 N O2'     89.093  
ARG 'L-peptide linking' y ARGININE                                                                      ? 'C6 H15 N4 O2 1' 175.209 
ASN 'L-peptide linking' y ASPARAGINE                                                                    ? 'C4 H8 N2 O3'    132.118 
ASP 'L-peptide linking' y 'ASPARTIC ACID'                                                               ? 'C4 H7 N O4'     133.103 
CYS 'L-peptide linking' y CYSTEINE                                                                      ? 'C3 H7 N O2 S'   121.158 
GLN 'L-peptide linking' y GLUTAMINE                                                                     ? 'C5 H10 N2 O3'   146.144 
GLU 'L-peptide linking' y 'GLUTAMIC ACID'                                                               ? 'C5 H9 N O4'     147.129 
GLY 'peptide linking'   y GLYCINE                                                                       ? 'C2 H5 N O2'     75.067  
GOL non-polymer         . GLYCEROL                                                                      
'GLYCERIN; PROPANE-1,2,3-TRIOL' 'C3 H8 O3'       92.094  
HIS 'L-peptide linking' y HISTIDINE                                                                     ? 'C6 H10 N3 O2 1' 156.162 
HOH non-polymer         . WATER                                                                         ? 'H2 O'           18.015  
ILE 'L-peptide linking' y ISOLEUCINE                                                                    ? 'C6 H13 N O2'    131.173 
LEU 'L-peptide linking' y LEUCINE                                                                       ? 'C6 H13 N O2'    131.173 
LYS 'L-peptide linking' y LYSINE                                                                        ? 'C6 H15 N2 O2 1' 147.195 
MET 'L-peptide linking' y METHIONINE                                                                    ? 'C5 H11 N O2 S'  149.211 
PHE 'L-peptide linking' y PHENYLALANINE                                                                 ? 'C9 H11 N O2'    165.189 
RH6 non-polymer         . '(2E)-3-[7-(diethylamino)-2-oxo-2H-1-benzopyran-3-yl]prop-2-enal, bound form' ? 'C16 H19 N O2'   257.328 
SER 'L-peptide linking' y SERINE                                                                        ? 'C3 H7 N O3'     105.093 
THR 'L-peptide linking' y THREONINE                                                                     ? 'C4 H9 N O3'     119.119 
TRP 'L-peptide linking' y TRYPTOPHAN                                                                    ? 'C11 H12 N2 O2'  204.225 
TYR 'L-peptide linking' y TYROSINE                                                                      ? 'C9 H11 N O3'    181.189 
VAL 'L-peptide linking' y VALINE                                                                        ? 'C5 H11 N O2'    117.146 
# 
_exptl.absorpt_coefficient_mu     ? 
_exptl.absorpt_correction_T_max   ? 
_exptl.absorpt_correction_T_min   ? 
_exptl.absorpt_correction_type    ? 
_exptl.absorpt_process_details    ? 
_exptl.entry_id                   8DN1 
_exptl.crystals_number            1 
_exptl.details                    ? 
_exptl.method                     'X-RAY DIFFRACTION' 
_exptl.method_details             ? 
# 
_exptl_crystal.colour                       ? 
_exptl_crystal.density_diffrn               ? 
_exptl_crystal.density_Matthews             2.00 
_exptl_crystal.density_method               ? 
_exptl_crystal.density_percent_sol          38.48 
_exptl_crystal.description                  ? 
_exptl_crystal.F_000                        ? 
_exptl_crystal.id                           1 
_exptl_crystal.preparation                  ? 
_exptl_crystal.size_max                     ? 
_exptl_crystal.size_mid                     ? 
_exptl_crystal.size_min                     ? 
_exptl_crystal.size_rad                     ? 
_exptl_crystal.colour_lustre                ? 
_exptl_crystal.colour_modifier              ? 
_exptl_crystal.colour_primary               ? 
_exptl_crystal.density_meas                 ? 
_exptl_crystal.density_meas_esd             ? 
_exptl_crystal.density_meas_gt              ? 
_exptl_crystal.density_meas_lt              ? 
_exptl_crystal.density_meas_temp            ? 
_exptl_crystal.density_meas_temp_esd        ? 
_exptl_crystal.density_meas_temp_gt         ? 
_exptl_crystal.density_meas_temp_lt         ? 
_exptl_crystal.pdbx_crystal_image_url       ? 
_exptl_crystal.pdbx_crystal_image_format    ? 
_exptl_crystal.pdbx_mosaicity               ? 
_exptl_crystal.pdbx_mosaicity_esd           ? 
_exptl_crystal.pdbx_mosaic_method           ? 
_exptl_crystal.pdbx_mosaic_block_size       ? 
_exptl_crystal.pdbx_mosaic_block_size_esd   ? 
# 
_exptl_crystal_grow.apparatus       ? 
_exptl_crystal_grow.atmosphere      ? 
_exptl_crystal_grow.crystal_id      1 
_exptl_crystal_grow.details         ? 
_exptl_crystal_grow.method          'VAPOR DIFFUSION, HANGING DROP' 
_exptl_crystal_grow.method_ref      ? 
_exptl_crystal_grow.pH              4.0 
_exptl_crystal_grow.pressure        ? 
_exptl_crystal_grow.pressure_esd    ? 
_exptl_crystal_grow.seeding         ? 
_exptl_crystal_grow.seeding_ref     ? 
_exptl_crystal_grow.temp            293 
_exptl_crystal_grow.temp_details    ? 
_exptl_crystal_grow.temp_esd        ? 
_exptl_crystal_grow.time            ? 
_exptl_crystal_grow.pdbx_details    '25% PEG 4000, ammonium acetate, sodium acetate pH 4.0 - 4.8' 
_exptl_crystal_grow.pdbx_pH_range   '4.0 - 4.8' 
# 
_diffrn.ambient_environment              ? 
_diffrn.ambient_temp                     100 
_diffrn.ambient_temp_details             ? 
_diffrn.ambient_temp_esd                 ? 
_diffrn.crystal_id                       1 
_diffrn.crystal_support                  ? 
_diffrn.crystal_treatment                ? 
_diffrn.details                          ? 
_diffrn.id                               1 
_diffrn.ambient_pressure                 ? 
_diffrn.ambient_pressure_esd             ? 
_diffrn.ambient_pressure_gt              ? 
_diffrn.ambient_pressure_lt              ? 
_diffrn.ambient_temp_gt                  ? 
_diffrn.ambient_temp_lt                  ? 
_diffrn.pdbx_serial_crystal_experiment   N 
# 
_diffrn_detector.details                      ? 
_diffrn_detector.detector                     PIXEL 
_diffrn_detector.diffrn_id                    1 
_diffrn_detector.type                         'DECTRIS EIGER X 9M' 
_diffrn_detector.area_resol_mean              ? 
_diffrn_detector.dtime                        ? 
_diffrn_detector.pdbx_frames_total            ? 
_diffrn_detector.pdbx_collection_time_total   ? 
_diffrn_detector.pdbx_collection_date         2021-08-25 
_diffrn_detector.pdbx_frequency               ? 
# 
_diffrn_radiation.collimation                      ? 
_diffrn_radiation.diffrn_id                        1 
_diffrn_radiation.filter_edge                      ? 
_diffrn_radiation.inhomogeneity                    ? 
_diffrn_radiation.monochromator                    ? 
_diffrn_radiation.polarisn_norm                    ? 
_diffrn_radiation.polarisn_ratio                   ? 
_diffrn_radiation.probe                            ? 
_diffrn_radiation.type                             ? 
_diffrn_radiation.xray_symbol                      ? 
_diffrn_radiation.wavelength_id                    1 
_diffrn_radiation.pdbx_monochromatic_or_laue_m_l   M 
_diffrn_radiation.pdbx_wavelength_list             ? 
_diffrn_radiation.pdbx_wavelength                  ? 
_diffrn_radiation.pdbx_diffrn_protocol             'SINGLE WAVELENGTH' 
_diffrn_radiation.pdbx_analyzer                    ? 
_diffrn_radiation.pdbx_scattering_type             x-ray 
# 
_diffrn_radiation_wavelength.id           1 
_diffrn_radiation_wavelength.wavelength   1.1272 
_diffrn_radiation_wavelength.wt           1.0 
# 
_diffrn_source.current                     ? 
_diffrn_source.details                     ? 
_diffrn_source.diffrn_id                   1 
_diffrn_source.power                       ? 
_diffrn_source.size                        ? 
_diffrn_source.source                      SYNCHROTRON 
_diffrn_source.target                      ? 
_diffrn_source.type                        'APS BEAMLINE 21-ID-D' 
_diffrn_source.voltage                     ? 
_diffrn_source.take-off_angle              ? 
_diffrn_source.pdbx_wavelength_list        1.1272 
_diffrn_source.pdbx_wavelength             ? 
_diffrn_source.pdbx_synchrotron_beamline   21-ID-D 
_diffrn_source.pdbx_synchrotron_site       APS 
# 
_reflns.B_iso_Wilson_estimate                          14.43 
_reflns.entry_id                                       8DN1 
_reflns.data_reduction_details                         ? 
_reflns.data_reduction_method                          ? 
_reflns.d_resolution_high                              1.32 
_reflns.d_resolution_low                               29.59 
_reflns.details                                        ? 
_reflns.limit_h_max                                    ? 
_reflns.limit_h_min                                    ? 
_reflns.limit_k_max                                    ? 
_reflns.limit_k_min                                    ? 
_reflns.limit_l_max                                    ? 
_reflns.limit_l_min                                    ? 
_reflns.number_all                                     ? 
_reflns.number_obs                                     28092 
_reflns.observed_criterion                             ? 
_reflns.observed_criterion_F_max                       ? 
_reflns.observed_criterion_F_min                       ? 
_reflns.observed_criterion_I_max                       ? 
_reflns.observed_criterion_I_min                       ? 
_reflns.observed_criterion_sigma_F                     ? 
_reflns.observed_criterion_sigma_I                     ? 
_reflns.percent_possible_obs                           98.13 
_reflns.R_free_details                                 ? 
_reflns.Rmerge_F_all                                   ? 
_reflns.Rmerge_F_obs                                   ? 
_reflns.Friedel_coverage                               ? 
_reflns.number_gt                                      ? 
_reflns.threshold_expression                           ? 
_reflns.pdbx_redundancy                                11.9 
_reflns.pdbx_Rmerge_I_obs                              ? 
_reflns.pdbx_Rmerge_I_all                              ? 
_reflns.pdbx_Rsym_value                                ? 
_reflns.pdbx_netI_over_av_sigmaI                       ? 
_reflns.pdbx_netI_over_sigmaI                          30.8 
_reflns.pdbx_res_netI_over_av_sigmaI_2                 ? 
_reflns.pdbx_res_netI_over_sigmaI_2                    ? 
_reflns.pdbx_chi_squared                               ? 
_reflns.pdbx_scaling_rejects                           ? 
_reflns.pdbx_d_res_high_opt                            ? 
_reflns.pdbx_d_res_low_opt                             ? 
_reflns.pdbx_d_res_opt_method                          ? 
_reflns.phase_calculation_details                      ? 
_reflns.pdbx_Rrim_I_all                                0.087 
_reflns.pdbx_Rpim_I_all                                0.024 
_reflns.pdbx_d_opt                                     ? 
_reflns.pdbx_number_measured_all                       ? 
_reflns.pdbx_diffrn_id                                 1 
_reflns.pdbx_ordinal                                   1 
_reflns.pdbx_CC_half                                   ? 
_reflns.pdbx_CC_star                                   ? 
_reflns.pdbx_R_split                                   ? 
_reflns.pdbx_aniso_diffraction_limit_axis_1_ortho[1]   ? 
_reflns.pdbx_aniso_diffraction_limit_axis_1_ortho[2]   ? 
_reflns.pdbx_aniso_diffraction_limit_axis_1_ortho[3]   ? 
_reflns.pdbx_aniso_diffraction_limit_axis_2_ortho[1]   ? 
_reflns.pdbx_aniso_diffraction_limit_axis_2_ortho[2]   ? 
_reflns.pdbx_aniso_diffraction_limit_axis_2_ortho[3]   ? 
_reflns.pdbx_aniso_diffraction_limit_axis_3_ortho[1]   ? 
_reflns.pdbx_aniso_diffraction_limit_axis_3_ortho[2]   ? 
_reflns.pdbx_aniso_diffraction_limit_axis_3_ortho[3]   ? 
_reflns.pdbx_aniso_diffraction_limit_1                 ? 
_reflns.pdbx_aniso_diffraction_limit_2                 ? 
_reflns.pdbx_aniso_diffraction_limit_3                 ? 
_reflns.pdbx_aniso_B_tensor_eigenvector_1_ortho[1]     ? 
_reflns.pdbx_aniso_B_tensor_eigenvector_1_ortho[2]     ? 
_reflns.pdbx_aniso_B_tensor_eigenvector_1_ortho[3]     ? 
_reflns.pdbx_aniso_B_tensor_eigenvector_2_ortho[1]     ? 
_reflns.pdbx_aniso_B_tensor_eigenvector_2_ortho[2]     ? 
_reflns.pdbx_aniso_B_tensor_eigenvector_2_ortho[3]     ? 
_reflns.pdbx_aniso_B_tensor_eigenvector_3_ortho[1]     ? 
_reflns.pdbx_aniso_B_tensor_eigenvector_3_ortho[2]     ? 
_reflns.pdbx_aniso_B_tensor_eigenvector_3_ortho[3]     ? 
_reflns.pdbx_aniso_B_tensor_eigenvalue_1               ? 
_reflns.pdbx_aniso_B_tensor_eigenvalue_2               ? 
_reflns.pdbx_aniso_B_tensor_eigenvalue_3               ? 
_reflns.pdbx_orthogonalization_convention              ? 
_reflns.pdbx_percent_possible_ellipsoidal              ? 
_reflns.pdbx_percent_possible_spherical                ? 
_reflns.pdbx_percent_possible_ellipsoidal_anomalous    ? 
_reflns.pdbx_percent_possible_spherical_anomalous      ? 
_reflns.pdbx_redundancy_anomalous                      ? 
_reflns.pdbx_CC_half_anomalous                         ? 
_reflns.pdbx_absDiff_over_sigma_anomalous              ? 
_reflns.pdbx_percent_possible_anomalous                ? 
_reflns.pdbx_observed_signal_threshold                 ? 
_reflns.pdbx_signal_type                               ? 
_reflns.pdbx_signal_details                            ? 
_reflns.pdbx_signal_software_id                        ? 
_reflns.pdbx_CC_split_method                           ? 
# 
_reflns_shell.d_res_high                                    1.32 
_reflns_shell.d_res_low                                     1.369 
_reflns_shell.meanI_over_sigI_all                           ? 
_reflns_shell.meanI_over_sigI_obs                           ? 
_reflns_shell.number_measured_all                           ? 
_reflns_shell.number_measured_obs                           ? 
_reflns_shell.number_possible                               ? 
_reflns_shell.number_unique_all                             ? 
_reflns_shell.number_unique_obs                             2805 
_reflns_shell.percent_possible_all                          ? 
_reflns_shell.percent_possible_obs                          ? 
_reflns_shell.Rmerge_F_all                                  ? 
_reflns_shell.Rmerge_F_obs                                  ? 
_reflns_shell.Rmerge_I_all                                  ? 
_reflns_shell.Rmerge_I_obs                                  ? 
_reflns_shell.meanI_over_sigI_gt                            ? 
_reflns_shell.meanI_over_uI_all                             ? 
_reflns_shell.meanI_over_uI_gt                              ? 
_reflns_shell.number_measured_gt                            ? 
_reflns_shell.number_unique_gt                              ? 
_reflns_shell.percent_possible_gt                           ? 
_reflns_shell.Rmerge_F_gt                                   ? 
_reflns_shell.Rmerge_I_gt                                   ? 
_reflns_shell.pdbx_redundancy                               ? 
_reflns_shell.pdbx_Rsym_value                               ? 
_reflns_shell.pdbx_chi_squared                              ? 
_reflns_shell.pdbx_netI_over_sigmaI_all                     ? 
_reflns_shell.pdbx_netI_over_sigmaI_obs                     ? 
_reflns_shell.pdbx_Rrim_I_all                               0.376 
_reflns_shell.pdbx_Rpim_I_all                               0.134 
_reflns_shell.pdbx_rejects                                  ? 
_reflns_shell.pdbx_ordinal                                  1 
_reflns_shell.pdbx_diffrn_id                                1 
_reflns_shell.pdbx_CC_half                                  ? 
_reflns_shell.pdbx_CC_star                                  ? 
_reflns_shell.pdbx_R_split                                  ? 
_reflns_shell.pdbx_percent_possible_ellipsoidal             ? 
_reflns_shell.pdbx_percent_possible_spherical               ? 
_reflns_shell.pdbx_percent_possible_ellipsoidal_anomalous   ? 
_reflns_shell.pdbx_percent_possible_spherical_anomalous     ? 
_reflns_shell.pdbx_redundancy_anomalous                     ? 
_reflns_shell.pdbx_CC_half_anomalous                        ? 
_reflns_shell.pdbx_absDiff_over_sigma_anomalous             ? 
_reflns_shell.pdbx_percent_possible_anomalous               ? 
# 
_refine.aniso_B[1][1]                            ? 
_refine.aniso_B[1][2]                            ? 
_refine.aniso_B[1][3]                            ? 
_refine.aniso_B[2][2]                            ? 
_refine.aniso_B[2][3]                            ? 
_refine.aniso_B[3][3]                            ? 
_refine.B_iso_max                                ? 
_refine.B_iso_mean                               19.32 
_refine.B_iso_min                                ? 
_refine.correlation_coeff_Fo_to_Fc               ? 
_refine.correlation_coeff_Fo_to_Fc_free          ? 
_refine.details                                  ? 
_refine.diff_density_max                         ? 
_refine.diff_density_max_esd                     ? 
_refine.diff_density_min                         ? 
_refine.diff_density_min_esd                     ? 
_refine.diff_density_rms                         ? 
_refine.diff_density_rms_esd                     ? 
_refine.entry_id                                 8DN1 
_refine.pdbx_refine_id                           'X-RAY DIFFRACTION' 
_refine.ls_abs_structure_details                 ? 
_refine.ls_abs_structure_Flack                   ? 
_refine.ls_abs_structure_Flack_esd               ? 
_refine.ls_abs_structure_Rogers                  ? 
_refine.ls_abs_structure_Rogers_esd              ? 
_refine.ls_d_res_high                            1.32 
_refine.ls_d_res_low                             29.59 
_refine.ls_extinction_coef                       ? 
_refine.ls_extinction_coef_esd                   ? 
_refine.ls_extinction_expression                 ? 
_refine.ls_extinction_method                     ? 
_refine.ls_goodness_of_fit_all                   ? 
_refine.ls_goodness_of_fit_all_esd               ? 
_refine.ls_goodness_of_fit_obs                   ? 
_refine.ls_goodness_of_fit_obs_esd               ? 
_refine.ls_hydrogen_treatment                    ? 
_refine.ls_matrix_type                           ? 
_refine.ls_number_constraints                    ? 
_refine.ls_number_parameters                     ? 
_refine.ls_number_reflns_all                     ? 
_refine.ls_number_reflns_obs                     28092 
_refine.ls_number_reflns_R_free                  2009 
_refine.ls_number_reflns_R_work                  26083 
_refine.ls_number_restraints                     ? 
_refine.ls_percent_reflns_obs                    98.14 
_refine.ls_percent_reflns_R_free                 7.15 
_refine.ls_R_factor_all                          ? 
_refine.ls_R_factor_obs                          0.1900 
_refine.ls_R_factor_R_free                       0.2174 
_refine.ls_R_factor_R_free_error                 ? 
_refine.ls_R_factor_R_free_error_details         ? 
_refine.ls_R_factor_R_work                       0.1880 
_refine.ls_R_Fsqd_factor_obs                     ? 
_refine.ls_R_I_factor_obs                        ? 
_refine.ls_redundancy_reflns_all                 ? 
_refine.ls_redundancy_reflns_obs                 ? 
_refine.ls_restrained_S_all                      ? 
_refine.ls_restrained_S_obs                      ? 
_refine.ls_shift_over_esd_max                    ? 
_refine.ls_shift_over_esd_mean                   ? 
_refine.ls_structure_factor_coef                 ? 
_refine.ls_weighting_details                     ? 
_refine.ls_weighting_scheme                      ? 
_refine.ls_wR_factor_all                         ? 
_refine.ls_wR_factor_obs                         ? 
_refine.ls_wR_factor_R_free                      ? 
_refine.ls_wR_factor_R_work                      ? 
_refine.occupancy_max                            ? 
_refine.occupancy_min                            ? 
_refine.solvent_model_details                    'FLAT BULK SOLVENT MODEL' 
_refine.solvent_model_param_bsol                 ? 
_refine.solvent_model_param_ksol                 ? 
_refine.pdbx_R_complete                          ? 
_refine.ls_R_factor_gt                           ? 
_refine.ls_goodness_of_fit_gt                    ? 
_refine.ls_goodness_of_fit_ref                   ? 
_refine.ls_shift_over_su_max                     ? 
_refine.ls_shift_over_su_max_lt                  ? 
_refine.ls_shift_over_su_mean                    ? 
_refine.ls_shift_over_su_mean_lt                 ? 
_refine.pdbx_ls_sigma_I                          ? 
_refine.pdbx_ls_sigma_F                          1.43 
_refine.pdbx_ls_sigma_Fsqd                       ? 
_refine.pdbx_data_cutoff_high_absF               ? 
_refine.pdbx_data_cutoff_high_rms_absF           ? 
_refine.pdbx_data_cutoff_low_absF                ? 
_refine.pdbx_isotropic_thermal_model             ? 
_refine.pdbx_ls_cross_valid_method               'FREE R-VALUE' 
_refine.pdbx_method_to_determine_struct          'MOLECULAR REPLACEMENT' 
_refine.pdbx_starting_model                      4QZT 
_refine.pdbx_stereochemistry_target_values       'GeoStd + Monomer Library + CDL v1.2' 
_refine.pdbx_R_Free_selection_details            ? 
_refine.pdbx_stereochem_target_val_spec_case     ? 
_refine.pdbx_overall_ESU_R                       ? 
_refine.pdbx_overall_ESU_R_Free                  ? 
_refine.pdbx_solvent_vdw_probe_radii             1.1100 
_refine.pdbx_solvent_ion_probe_radii             ? 
_refine.pdbx_solvent_shrinkage_radii             0.9000 
_refine.pdbx_real_space_R                        ? 
_refine.pdbx_density_correlation                 ? 
_refine.pdbx_pd_number_of_powder_patterns        ? 
_refine.pdbx_pd_number_of_points                 ? 
_refine.pdbx_pd_meas_number_of_points            ? 
_refine.pdbx_pd_proc_ls_prof_R_factor            ? 
_refine.pdbx_pd_proc_ls_prof_wR_factor           ? 
_refine.pdbx_pd_Marquardt_correlation_coeff      ? 
_refine.pdbx_pd_Fsqrd_R_factor                   ? 
_refine.pdbx_pd_ls_matrix_band_width             ? 
_refine.pdbx_overall_phase_error                 20.7834 
_refine.pdbx_overall_SU_R_free_Cruickshank_DPI   ? 
_refine.pdbx_overall_SU_R_free_Blow_DPI          ? 
_refine.pdbx_overall_SU_R_Blow_DPI               ? 
_refine.pdbx_TLS_residual_ADP_flag               ? 
_refine.pdbx_diffrn_id                           1 
_refine.overall_SU_B                             ? 
_refine.overall_SU_ML                            0.1259 
_refine.overall_SU_R_Cruickshank_DPI             ? 
_refine.overall_SU_R_free                        ? 
_refine.overall_FOM_free_R_set                   ? 
_refine.overall_FOM_work_R_set                   ? 
_refine.pdbx_average_fsc_overall                 ? 
_refine.pdbx_average_fsc_work                    ? 
_refine.pdbx_average_fsc_free                    ? 
# 
_refine_hist.pdbx_refine_id                   'X-RAY DIFFRACTION' 
_refine_hist.cycle_id                         LAST 
_refine_hist.details                          ? 
_refine_hist.d_res_high                       1.32 
_refine_hist.d_res_low                        29.59 
_refine_hist.number_atoms_solvent             157 
_refine_hist.number_atoms_total               1275 
_refine_hist.number_reflns_all                ? 
_refine_hist.number_reflns_obs                ? 
_refine_hist.number_reflns_R_free             ? 
_refine_hist.number_reflns_R_work             ? 
_refine_hist.R_factor_all                     ? 
_refine_hist.R_factor_obs                     ? 
_refine_hist.R_factor_R_free                  ? 
_refine_hist.R_factor_R_work                  ? 
_refine_hist.pdbx_number_residues_total       ? 
_refine_hist.pdbx_B_iso_mean_ligand           ? 
_refine_hist.pdbx_B_iso_mean_solvent          ? 
_refine_hist.pdbx_number_atoms_protein        1087 
_refine_hist.pdbx_number_atoms_nucleic_acid   0 
_refine_hist.pdbx_number_atoms_ligand         31 
_refine_hist.pdbx_number_atoms_lipid          ? 
_refine_hist.pdbx_number_atoms_carb           ? 
_refine_hist.pdbx_pseudo_atom_details         ? 
# 
loop_
_refine_ls_restr.pdbx_refine_id 
_refine_ls_restr.criterion 
_refine_ls_restr.dev_ideal 
_refine_ls_restr.dev_ideal_target 
_refine_ls_restr.number 
_refine_ls_restr.rejects 
_refine_ls_restr.type 
_refine_ls_restr.weight 
_refine_ls_restr.pdbx_restraint_function 
'X-RAY DIFFRACTION' ? 0.0094  ? 1177 ? f_bond_d           ? ? 
'X-RAY DIFFRACTION' ? 1.1563  ? 1591 ? f_angle_d          ? ? 
'X-RAY DIFFRACTION' ? 0.0859  ? 167  ? f_chiral_restr     ? ? 
'X-RAY DIFFRACTION' ? 0.0052  ? 205  ? f_plane_restr      ? ? 
'X-RAY DIFFRACTION' ? 24.1408 ? 432  ? f_dihedral_angle_d ? ? 
# 
loop_
_refine_ls_shell.pdbx_refine_id 
_refine_ls_shell.d_res_high 
_refine_ls_shell.d_res_low 
_refine_ls_shell.number_reflns_all 
_refine_ls_shell.number_reflns_obs 
_refine_ls_shell.number_reflns_R_free 
_refine_ls_shell.number_reflns_R_work 
_refine_ls_shell.percent_reflns_obs 
_refine_ls_shell.percent_reflns_R_free 
_refine_ls_shell.R_factor_all 
_refine_ls_shell.R_factor_obs 
_refine_ls_shell.R_factor_R_free 
_refine_ls_shell.R_factor_R_free_error 
_refine_ls_shell.R_factor_R_work 
_refine_ls_shell.redundancy_reflns_all 
_refine_ls_shell.redundancy_reflns_obs 
_refine_ls_shell.wR_factor_all 
_refine_ls_shell.wR_factor_obs 
_refine_ls_shell.wR_factor_R_free 
_refine_ls_shell.wR_factor_R_work 
_refine_ls_shell.pdbx_R_complete 
_refine_ls_shell.pdbx_total_number_of_bins_used 
_refine_ls_shell.pdbx_phase_error 
_refine_ls_shell.pdbx_fsc_work 
_refine_ls_shell.pdbx_fsc_free 
'X-RAY DIFFRACTION' 1.32 1.36  . . 148 1874 98.06 . . . 0.2623 . 0.2252 . . . . . . . . . . . 
'X-RAY DIFFRACTION' 1.36 1.39  . . 140 1863 98.96 . . . 0.2379 . 0.2252 . . . . . . . . . . . 
'X-RAY DIFFRACTION' 1.39 1.43  . . 142 1860 98.86 . . . 0.2636 . 0.2224 . . . . . . . . . . . 
'X-RAY DIFFRACTION' 1.43 1.48  . . 142 1868 98.34 . . . 0.2258 . 0.2139 . . . . . . . . . . . 
'X-RAY DIFFRACTION' 1.48 1.53  . . 144 1854 97.75 . . . 0.2312 . 0.1988 . . . . . . . . . . . 
'X-RAY DIFFRACTION' 1.53 1.59  . . 147 1813 97.17 . . . 0.1940 . 0.1915 . . . . . . . . . . . 
'X-RAY DIFFRACTION' 1.59 1.67  . . 132 1820 95.27 . . . 0.1937 . 0.1890 . . . . . . . . . . . 
'X-RAY DIFFRACTION' 1.67 1.75  . . 137 1855 98.32 . . . 0.2269 . 0.1971 . . . . . . . . . . . 
'X-RAY DIFFRACTION' 1.75 1.86  . . 151 1885 99.85 . . . 0.2087 . 0.1873 . . . . . . . . . . . 
'X-RAY DIFFRACTION' 1.86 2.01  . . 146 1897 99.80 . . . 0.2088 . 0.1763 . . . . . . . . . . . 
'X-RAY DIFFRACTION' 2.01 2.21  . . 146 1889 99.51 . . . 0.2023 . 0.1733 . . . . . . . . . . . 
'X-RAY DIFFRACTION' 2.21 2.53  . . 144 1869 98.24 . . . 0.2263 . 0.1890 . . . . . . . . . . . 
'X-RAY DIFFRACTION' 2.53 3.19  . . 138 1795 93.97 . . . 0.2455 . 0.1913 . . . . . . . . . . . 
'X-RAY DIFFRACTION' 3.19 29.59 . . 152 1941 99.95 . . . 0.2021 . 0.1809 . . . . . . . . . . . 
# 
_struct.entry_id                     8DN1 
_struct.title                        
'Q108K:K40L:T51C:T53A:R58L:Q38F:Q4F mutant of hCRBPII bound to synthetic fluorophore CM1V at pH 7.2' 
_struct.pdbx_model_details           ? 
_struct.pdbx_formula_weight          ? 
_struct.pdbx_formula_weight_method   ? 
_struct.pdbx_model_type_details      ? 
_struct.pdbx_CASP_flag               N 
# 
_struct_keywords.entry_id        8DN1 
_struct_keywords.text            'hCRBPII, cellular retinol binding protein II, covalently bound fluorophore, TRANSPORT PROTEIN' 
_struct_keywords.pdbx_keywords   'TRANSPORT PROTEIN' 
# 
loop_
_struct_asym.id 
_struct_asym.pdbx_blank_PDB_chainid_flag 
_struct_asym.pdbx_modified 
_struct_asym.entity_id 
_struct_asym.details 
A N N 1 ? 
B N N 2 ? 
C N N 2 ? 
D N N 3 ? 
E N N 4 ? 
# 
loop_
_struct_conf.conf_type_id 
_struct_conf.id 
_struct_conf.pdbx_PDB_helix_id 
_struct_conf.beg_label_comp_id 
_struct_conf.beg_label_asym_id 
_struct_conf.beg_label_seq_id 
_struct_conf.pdbx_beg_PDB_ins_code 
_struct_conf.end_label_comp_id 
_struct_conf.end_label_asym_id 
_struct_conf.end_label_seq_id 
_struct_conf.pdbx_end_PDB_ins_code 
_struct_conf.beg_auth_comp_id 
_struct_conf.beg_auth_asym_id 
_struct_conf.beg_auth_seq_id 
_struct_conf.end_auth_comp_id 
_struct_conf.end_auth_asym_id 
_struct_conf.end_auth_seq_id 
_struct_conf.pdbx_PDB_helix_class 
_struct_conf.details 
_struct_conf.pdbx_PDB_helix_length 
HELX_P HELX_P1 AA1 ASN A 15 ? LEU A 23 ? ASN A 15 LEU A 23 1 ? 9 
HELX_P HELX_P2 AA2 ASP A 26 ? VAL A 34 ? ASP A 26 VAL A 34 1 ? 9 
# 
_struct_conf_type.id          HELX_P 
_struct_conf_type.criteria    ? 
_struct_conf_type.reference   ? 
# 
_struct_sheet.id               AA1 
_struct_sheet.type             ? 
_struct_sheet.number_strands   10 
_struct_sheet.details          ? 
# 
loop_
_struct_sheet_order.sheet_id 
_struct_sheet_order.range_id_1 
_struct_sheet_order.range_id_2 
_struct_sheet_order.offset 
_struct_sheet_order.sense 
AA1 1 2  ? anti-parallel 
AA1 2 3  ? anti-parallel 
AA1 3 4  ? anti-parallel 
AA1 4 5  ? anti-parallel 
AA1 5 6  ? anti-parallel 
AA1 6 7  ? anti-parallel 
AA1 7 8  ? anti-parallel 
AA1 8 9  ? anti-parallel 
AA1 9 10 ? anti-parallel 
# 
loop_
_struct_sheet_range.sheet_id 
_struct_sheet_range.id 
_struct_sheet_range.beg_label_comp_id 
_struct_sheet_range.beg_label_asym_id 
_struct_sheet_range.beg_label_seq_id 
_struct_sheet_range.pdbx_beg_PDB_ins_code 
_struct_sheet_range.end_label_comp_id 
_struct_sheet_range.end_label_asym_id 
_struct_sheet_range.end_label_seq_id 
_struct_sheet_range.pdbx_end_PDB_ins_code 
_struct_sheet_range.beg_auth_comp_id 
_struct_sheet_range.beg_auth_asym_id 
_struct_sheet_range.beg_auth_seq_id 
_struct_sheet_range.end_auth_comp_id 
_struct_sheet_range.end_auth_asym_id 
_struct_sheet_range.end_auth_seq_id 
AA1 1  TYR A 60  ? THR A 65  ? TYR A 60  THR A 65  
AA1 2  ASN A 48  ? THR A 54  ? ASN A 48  THR A 54  
AA1 3  THR A 39  ? ASP A 45  ? THR A 39  ASP A 45  
AA1 4  GLY A 6   ? GLU A 14  ? GLY A 6   GLU A 14  
AA1 5  GLN A 124 ? LYS A 133 ? GLN A 124 LYS A 133 
AA1 6  LYS A 114 ? CYS A 121 ? LYS A 114 CYS A 121 
AA1 7  GLY A 105 ? GLU A 111 ? GLY A 105 GLU A 111 
AA1 8  VAL A 92  ? LYS A 98  ? VAL A 92  LYS A 98  
AA1 9  HIS A 81  ? GLU A 89  ? HIS A 81  GLU A 89  
AA1 10 PHE A 70  ? TYR A 73  ? PHE A 70  TYR A 73  
# 
loop_
_pdbx_struct_sheet_hbond.sheet_id 
_pdbx_struct_sheet_hbond.range_id_1 
_pdbx_struct_sheet_hbond.range_id_2 
_pdbx_struct_sheet_hbond.range_1_label_atom_id 
_pdbx_struct_sheet_hbond.range_1_label_comp_id 
_pdbx_struct_sheet_hbond.range_1_label_asym_id 
_pdbx_struct_sheet_hbond.range_1_label_seq_id 
_pdbx_struct_sheet_hbond.range_1_PDB_ins_code 
_pdbx_struct_sheet_hbond.range_1_auth_atom_id 
_pdbx_struct_sheet_hbond.range_1_auth_comp_id 
_pdbx_struct_sheet_hbond.range_1_auth_asym_id 
_pdbx_struct_sheet_hbond.range_1_auth_seq_id 
_pdbx_struct_sheet_hbond.range_2_label_atom_id 
_pdbx_struct_sheet_hbond.range_2_label_comp_id 
_pdbx_struct_sheet_hbond.range_2_label_asym_id 
_pdbx_struct_sheet_hbond.range_2_label_seq_id 
_pdbx_struct_sheet_hbond.range_2_PDB_ins_code 
_pdbx_struct_sheet_hbond.range_2_auth_atom_id 
_pdbx_struct_sheet_hbond.range_2_auth_comp_id 
_pdbx_struct_sheet_hbond.range_2_auth_asym_id 
_pdbx_struct_sheet_hbond.range_2_auth_seq_id 
AA1 1 2  O TYR A 60  ? O TYR A 60  N ALA A 53  ? N ALA A 53  
AA1 2 3  O ASN A 48  ? O ASN A 48  N ASP A 45  ? N ASP A 45  
AA1 3 4  O LEU A 40  ? O LEU A 40  N TRP A 8   ? N TRP A 8   
AA1 4 5  N GLU A 11  ? N GLU A 11  O VAL A 129 ? O VAL A 129 
AA1 5 6  O CYS A 126 ? O CYS A 126 N LEU A 119 ? N LEU A 119 
AA1 6 7  O GLU A 118 ? O GLU A 118 N LYS A 107 ? N LYS A 107 
AA1 7 8  O TRP A 106 ? O TRP A 106 N CYS A 95  ? N CYS A 95  
AA1 8 9  O VAL A 94  ? O VAL A 94  N THR A 87  ? N THR A 87  
AA1 9 10 O VAL A 82  ? O VAL A 82  N GLU A 72  ? N GLU A 72  
# 
_atom_sites.entry_id                    8DN1 
_atom_sites.Cartn_transf_matrix[1][1]   ? 
_atom_sites.Cartn_transf_matrix[1][2]   ? 
_atom_sites.Cartn_transf_matrix[1][3]   ? 
_atom_sites.Cartn_transf_matrix[2][1]   ? 
_atom_sites.Cartn_transf_matrix[2][2]   ? 
_atom_sites.Cartn_transf_matrix[2][3]   ? 
_atom_sites.Cartn_transf_matrix[3][1]   ? 
_atom_sites.Cartn_transf_matrix[3][2]   ? 
_atom_sites.Cartn_transf_matrix[3][3]   ? 
_atom_sites.Cartn_transf_vector[1]      ? 
_atom_sites.Cartn_transf_vector[2]      ? 
_atom_sites.Cartn_transf_vector[3]      ? 
_atom_sites.fract_transf_matrix[1][1]   0.02248370 
_atom_sites.fract_transf_matrix[1][2]   0.02581238 
_atom_sites.fract_transf_matrix[1][3]   -0.00077850 
_atom_sites.fract_transf_matrix[2][1]   -0.01119117 
_atom_sites.fract_transf_matrix[2][2]   0.00968106 
_atom_sites.fract_transf_matrix[2][3]   -0.00221947 
_atom_sites.fract_transf_matrix[3][1]   -0.00117766 
_atom_sites.fract_transf_matrix[3][2]   0.00219384 
_atom_sites.fract_transf_matrix[3][3]   0.01550737 
_atom_sites.fract_transf_vector[1]      0.400421 
_atom_sites.fract_transf_vector[2]      0.010097 
_atom_sites.fract_transf_vector[3]      0.260445 
_atom_sites.solution_primary            ? 
_atom_sites.solution_secondary          ? 
_atom_sites.solution_hydrogens          ? 
_atom_sites.special_details             ? 
# 
loop_
_atom_type.symbol 
_atom_type.scat_dispersion_real 
_atom_type.scat_dispersion_imag 
_atom_type.scat_Cromer_Mann_a1 
_atom_type.scat_Cromer_Mann_a2 
_atom_type.scat_Cromer_Mann_a3 
_atom_type.scat_Cromer_Mann_a4 
_atom_type.scat_Cromer_Mann_b1 
_atom_type.scat_Cromer_Mann_b2 
_atom_type.scat_Cromer_Mann_b3 
_atom_type.scat_Cromer_Mann_b4 
_atom_type.scat_Cromer_Mann_c 
_atom_type.scat_source 
_atom_type.scat_dispersion_source 
C   ? ? 3.54356 2.42580 ? ? 25.62398 1.50364  ? ? 0.0 
;2-Gaussian fit: Grosse-Kunstleve RW, Sauter NK, Adams PD: Newsletter of the IUCr Commission on Crystallographic Computing 2004, 3, 22-31.
;
? 
H   ? ? 0.51345 0.48472 ? ? 24.73122 6.32584  ? ? 0.0 
;2-Gaussian fit: Grosse-Kunstleve RW, Sauter NK, Adams PD: Newsletter of the IUCr Commission on Crystallographic Computing 2004, 3, 22-31.
;
? 
N   ? ? 4.01032 2.96436 ? ? 19.97189 1.75589  ? ? 0.0 
;2-Gaussian fit: Grosse-Kunstleve RW, Sauter NK, Adams PD: Newsletter of the IUCr Commission on Crystallographic Computing 2004, 3, 22-31.
;
? 
O   ? ? 4.49882 3.47563 ? ? 15.80542 1.70748  ? ? 0.0 
;2-Gaussian fit: Grosse-Kunstleve RW, Sauter NK, Adams PD: Newsletter of the IUCr Commission on Crystallographic Computing 2004, 3, 22-31.
;
? 
O1- ? ? 5.12366 3.84317 ? ? 3.49406  27.47979 ? ? 0.0 
;2-Gaussian fit: Grosse-Kunstleve RW, Sauter NK, Adams PD: Newsletter of the IUCr Commission on Crystallographic Computing 2004, 3, 22-31.
;
? 
S   ? ? 9.55732 6.39887 ? ? 1.23737  29.19336 ? ? 0.0 
;2-Gaussian fit: Grosse-Kunstleve RW, Sauter NK, Adams PD: Newsletter of the IUCr Commission on Crystallographic Computing 2004, 3, 22-31.
;
? 
# 
loop_
_atom_site.group_PDB 
_atom_site.id 
_atom_site.type_symbol 
_atom_site.label_atom_id 
_atom_site.label_alt_id 
_atom_site.label_comp_id 
_atom_site.label_asym_id 
_atom_site.label_entity_id 
_atom_site.label_seq_id 
_atom_site.pdbx_PDB_ins_code 
_atom_site.Cartn_x 
_atom_site.Cartn_y 
_atom_site.Cartn_z 
_atom_site.occupancy 
_atom_site.B_iso_or_equiv 
_atom_site.pdbx_formal_charge 
_atom_site.auth_seq_id 
_atom_site.auth_comp_id 
_atom_site.auth_asym_id 
_atom_site.auth_atom_id 
_atom_site.pdbx_PDB_model_num 
ATOM   1    N N   . THR A 1 1   ? 18.61198  4.16357   -3.97583  1.000 41.16000 ? 1   THR A N   1 
ATOM   2    C CA  . THR A 1 1   ? 18.39540  2.76026   -3.63170  1.000 31.06000 ? 1   THR A CA  1 
ATOM   3    C C   . THR A 1 1   ? 16.95949  2.32293   -3.91486  1.000 32.28000 ? 1   THR A C   1 
ATOM   4    O O   . THR A 1 1   ? 16.00510  2.90003   -3.39445  1.000 32.27000 ? 1   THR A O   1 
ATOM   5    C CB  . THR A 1 1   ? 18.74903  2.47416   -2.15251  1.000 32.39000 ? 1   THR A CB  1 
ATOM   6    O OG1 . THR A 1 1   ? 18.61713  1.07059   -1.88598  1.000 39.64000 ? 1   THR A OG1 1 
ATOM   7    C CG2 . THR A 1 1   ? 17.83505  3.25594   -1.21944  1.000 33.51000 ? 1   THR A CG2 1 
ATOM   8    N N   . ARG A 1 2   ? 16.81819  1.30322   -4.76477  1.000 33.61000 ? 2   ARG A N   1 
ATOM   9    C CA  . ARG A 1 2   ? 15.52591  0.71323   -5.09645  1.000 31.61000 ? 2   ARG A CA  1 
ATOM   10   C C   . ARG A 1 2   ? 15.27619  -0.57856  -4.32801  1.000 28.06000 ? 2   ARG A C   1 
ATOM   11   O O   . ARG A 1 2   ? 14.59018  -1.46854  -4.83860  1.000 28.10000 ? 2   ARG A O   1 
ATOM   12   C CB  . ARG A 1 2   ? 15.44748  0.40890   -6.59477  1.000 29.05000 ? 2   ARG A CB  1 
ATOM   13   C CG  . ARG A 1 2   ? 15.39731  1.58322   -7.55673  1.000 35.44000 ? 2   ARG A CG  1 
ATOM   14   C CD  . ARG A 1 2   ? 15.19231  1.02472   -8.96591  1.000 31.24000 ? 2   ARG A CD  1 
ATOM   15   N NE  . ARG A 1 2   ? 15.09581  2.04030   -10.00919 1.000 36.45000 ? 2   ARG A NE  1 
ATOM   16   C CZ  . ARG A 1 2   ? 14.71763  1.78476   -11.25967 1.000 33.21000 ? 2   ARG A CZ  1 
ATOM   17   N NH1 . ARG A 1 2   ? 14.39975  0.54342   -11.61967 1.000 30.39000 ? 2   ARG A NH1 1 
ATOM   18   N NH2 . ARG A 1 2   ? 14.66005  2.76526   -12.15325 1.000 30.85000 ? 2   ARG A NH2 1 
ATOM   19   N N   . ASP A 1 3   ? 15.83791  -0.71342  -3.12383  1.000 23.99000 ? 3   ASP A N   1 
ATOM   20   C CA  . ASP A 1 3   ? 15.84212  -1.98019  -2.38725  1.000 19.57000 ? 3   ASP A CA  1 
ATOM   21   C C   . ASP A 1 3   ? 14.91372  -1.90404  -1.17619  1.000 20.55000 ? 3   ASP A C   1 
ATOM   22   O O   . ASP A 1 3   ? 15.28725  -1.39073  -0.11952  1.000 20.99000 ? 3   ASP A O   1 
ATOM   23   C CB  . ASP A 1 3   ? 17.25644  -2.36920  -1.97262  1.000 28.09000 ? 3   ASP A CB  1 
ATOM   24   C CG  . ASP A 1 3   ? 17.35386  -3.81939  -1.57573  1.000 31.10000 ? 3   ASP A CG  1 
ATOM   25   O OD1 . ASP A 1 3   ? 16.34692  -4.34221  -1.05766  1.000 20.05000 ? 3   ASP A OD1 1 
ATOM   26   O OD2 . ASP A 1 3   ? 18.41816  -4.43561  -1.78956  1.000 32.11000 ? 3   ASP A OD2 1 
ATOM   27   N N   . PHE A 1 4   ? 13.71365  -2.46148  -1.32519  1.000 13.31000 ? 4   PHE A N   1 
ATOM   28   C CA  . PHE A 1 4   ? 12.68986  -2.42555  -0.29393  1.000 12.33000 ? 4   PHE A CA  1 
ATOM   29   C C   . PHE A 1 4   ? 12.66633  -3.67731  0.56704   1.000 12.63000 ? 4   PHE A C   1 
ATOM   30   O O   . PHE A 1 4   ? 11.79330  -3.81082  1.42710   1.000 12.91000 ? 4   PHE A O   1 
ATOM   31   C CB  . PHE A 1 4   ? 11.31390  -2.26563  -0.93049  1.000 13.16000 ? 4   PHE A CB  1 
ATOM   32   C CG  . PHE A 1 4   ? 11.16949  -1.02199  -1.73521  1.000 13.19000 ? 4   PHE A CG  1 
ATOM   33   C CD1 . PHE A 1 4   ? 10.87471  0.18086   -1.12360  1.000 16.47000 ? 4   PHE A CD1 1 
ATOM   34   C CD2 . PHE A 1 4   ? 11.28547  -1.05203  -3.11173  1.000 15.88000 ? 4   PHE A CD2 1 
ATOM   35   C CE1 . PHE A 1 4   ? 10.72351  1.33752   -1.86892  1.000 16.94000 ? 4   PHE A CE1 1 
ATOM   36   C CE2 . PHE A 1 4   ? 11.15009  0.10882   -3.86455  1.000 17.58000 ? 4   PHE A CE2 1 
ATOM   37   C CZ  . PHE A 1 4   ? 10.86734  1.30194   -3.24153  1.000 15.20000 ? 4   PHE A CZ  1 
ATOM   38   N N   A ASN A 1 5   ? 13.57250  -4.62268  0.33510   0.430 12.95000 ? 5   ASN A N   1 
ATOM   39   N N   B ASN A 1 5   ? 13.62247  -4.57747  0.36795   0.570 13.06000 ? 5   ASN A N   1 
ATOM   40   C CA  A ASN A 1 5   ? 13.48116  -5.92389  0.98523   0.430 12.88000 ? 5   ASN A CA  1 
ATOM   41   C CA  B ASN A 1 5   ? 13.64205  -5.82542  1.10911   0.570 12.61000 ? 5   ASN A CA  1 
ATOM   42   C C   A ASN A 1 5   ? 13.74022  -5.80904  2.48559   0.430 14.21000 ? 5   ASN A C   1 
ATOM   43   C C   B ASN A 1 5   ? 13.64174  -5.59995  2.60653   0.570 14.35000 ? 5   ASN A C   1 
ATOM   44   O O   A ASN A 1 5   ? 14.71328  -5.18210  2.90934   0.430 14.41000 ? 5   ASN A O   1 
ATOM   45   O O   B ASN A 1 5   ? 14.34612  -4.73047  3.13052   0.570 15.86000 ? 5   ASN A O   1 
ATOM   46   C CB  A ASN A 1 5   ? 14.48757  -6.87884  0.34093   0.430 12.64000 ? 5   ASN A CB  1 
ATOM   47   C CB  B ASN A 1 5   ? 14.89231  -6.60627  0.75647   0.570 14.39000 ? 5   ASN A CB  1 
ATOM   48   C CG  A ASN A 1 5   ? 14.32127  -8.30011  0.80486   0.430 10.47000 ? 5   ASN A CG  1 
ATOM   49   C CG  B ASN A 1 5   ? 14.64741  -7.57807  -0.33293  0.570 13.21000 ? 5   ASN A CG  1 
ATOM   50   O OD1 A ASN A 1 5   ? 13.49700  -9.05036  0.28629   0.430 10.60000 ? 5   ASN A OD1 1 
ATOM   51   O OD1 B ASN A 1 5   ? 13.95707  -8.57200  -0.14245  0.570 13.64000 ? 5   ASN A OD1 1 
ATOM   52   N ND2 A ASN A 1 5   ? 15.11080  -8.68170  1.79995   0.430 9.81000  ? 5   ASN A ND2 1 
ATOM   53   N ND2 B ASN A 1 5   ? 15.18025  -7.28517  -1.51281  0.570 14.94000 ? 5   ASN A ND2 1 
ATOM   54   N N   . GLY A 1 6   ? 12.87070  -6.42298  3.29539   1.000 15.51000 ? 6   GLY A N   1 
ATOM   55   C CA  . GLY A 1 6   ? 13.03601  -6.51082  4.72817   1.000 17.58000 ? 6   GLY A CA  1 
ATOM   56   C C   . GLY A 1 6   ? 11.73341  -6.35830  5.48274   1.000 12.79000 ? 6   GLY A C   1 
ATOM   57   O O   . GLY A 1 6   ? 10.63905  -6.39721  4.91190   1.000 13.73000 ? 6   GLY A O   1 
ATOM   58   N N   . THR A 1 7   ? 11.86997  -6.20578  6.79426   1.000 14.33000 ? 7   THR A N   1 
ATOM   59   C CA  . THR A 1 7   ? 10.75975  -5.98674  7.70494   1.000 12.19000 ? 7   THR A CA  1 
ATOM   60   C C   . THR A 1 7   ? 10.78724  -4.53286  8.15055   1.000 13.05000 ? 7   THR A C   1 
ATOM   61   O O   . THR A 1 7   ? 11.84025  -4.00760  8.52994   1.000 15.69000 ? 7   THR A O   1 
ATOM   62   C CB  . THR A 1 7   ? 10.87394  -6.91740  8.91480   1.000 16.11000 ? 7   THR A CB  1 
ATOM   63   O OG1 . THR A 1 7   ? 10.74466  -8.26735  8.46498   1.000 18.57000 ? 7   THR A OG1 1 
ATOM   64   C CG2 . THR A 1 7   ? 9.77620   -6.62156  9.92899   1.000 17.21000 ? 7   THR A CG2 1 
ATOM   65   N N   . TRP A 1 8   ? 9.62754   -3.88121  8.08980   1.000 11.55000 ? 8   TRP A N   1 
ATOM   66   C CA  . TRP A 1 8   ? 9.49965   -2.44195  8.27755   1.000 11.52000 ? 8   TRP A CA  1 
ATOM   67   C C   . TRP A 1 8   ? 8.40704   -2.17658  9.30151   1.000 12.23000 ? 8   TRP A C   1 
ATOM   68   O O   . TRP A 1 8   ? 7.29905   -2.71118  9.18564   1.000 14.20000 ? 8   TRP A O   1 
ATOM   69   C CB  . TRP A 1 8   ? 9.12686   -1.79994  6.94406   1.000 11.77000 ? 8   TRP A CB  1 
ATOM   70   C CG  . TRP A 1 8   ? 10.14851  -1.98504  5.87297   1.000 10.17000 ? 8   TRP A CG  1 
ATOM   71   C CD1 . TRP A 1 8   ? 10.21812  -2.99569  4.94968   1.000 13.01000 ? 8   TRP A CD1 1 
ATOM   72   C CD2 . TRP A 1 8   ? 11.24209  -1.11109  5.59336   1.000 13.00000 ? 8   TRP A CD2 1 
ATOM   73   N NE1 . TRP A 1 8   ? 11.31081  -2.81109  4.12844   1.000 12.45000 ? 8   TRP A NE1 1 
ATOM   74   C CE2 . TRP A 1 8   ? 11.94495  -1.65292  4.49283   1.000 13.06000 ? 8   TRP A CE2 1 
ATOM   75   C CE3 . TRP A 1 8   ? 11.70137  0.08075   6.17062   1.000 12.38000 ? 8   TRP A CE3 1 
ATOM   76   C CZ2 . TRP A 1 8   ? 13.07373  -1.04732  3.96419   1.000 14.20000 ? 8   TRP A CZ2 1 
ATOM   77   C CZ3 . TRP A 1 8   ? 12.82005  0.68042   5.64003   1.000 14.39000 ? 8   TRP A CZ3 1 
ATOM   78   C CH2 . TRP A 1 8   ? 13.49602  0.11523   4.55291   1.000 14.27000 ? 8   TRP A CH2 1 
ATOM   79   N N   . GLU A 1 9   ? 8.69748   -1.33863  10.27859  1.000 12.13000 ? 9   GLU A N   1 
ATOM   80   C CA  . GLU A 1 9   ? 7.74848   -1.05868  11.34988  1.000 13.20000 ? 9   GLU A CA  1 
ATOM   81   C C   . GLU A 1 9   ? 7.26596   0.38628   11.24048  1.000 12.44000 ? 9   GLU A C   1 
ATOM   82   O O   . GLU A 1 9   ? 8.07012   1.31368   11.08933  1.000 11.76000 ? 9   GLU A O   1 
ATOM   83   C CB  . GLU A 1 9   ? 8.38304   -1.32060  12.71126  1.000 17.11000 ? 9   GLU A CB  1 
ATOM   84   C CG  . GLU A 1 9   ? 9.08588   -2.67257  12.80297  1.000 27.83000 ? 9   GLU A CG  1 
ATOM   85   C CD  . GLU A 1 9   ? 8.12261   -3.84102  12.90727  1.000 33.01000 ? 9   GLU A CD  1 
ATOM   86   O OE1 . GLU A 1 9   ? 6.91177   -3.60798  13.10544  1.000 38.73000 ? 9   GLU A OE1 1 
ATOM   87   O OE2 . GLU A 1 9   ? 8.58026   -4.99542  12.79137  1.000 40.20000 ? 9   GLU A OE2 1 
ATOM   88   N N   . MET A 1 10  ? 5.95579   0.56694   11.29976  1.000 12.83000 ? 10  MET A N   1 
ATOM   89   C CA  . MET A 1 10  ? 5.38866   1.89256   11.09650  1.000 11.45000 ? 10  MET A CA  1 
ATOM   90   C C   . MET A 1 10  ? 5.86115   2.85385   12.17226  1.000 12.97000 ? 10  MET A C   1 
ATOM   91   O O   . MET A 1 10  ? 5.85339   2.53074   13.36388  1.000 14.28000 ? 10  MET A O   1 
ATOM   92   C CB  . MET A 1 10  ? 3.86583   1.79243   11.12466  1.000 14.27000 ? 10  MET A CB  1 
ATOM   93   C CG  . MET A 1 10  ? 3.12731   3.12358   11.15574  1.000 14.47000 ? 10  MET A CG  1 
ATOM   94   S SD  . MET A 1 10  ? 1.37369   2.86702   10.83604  1.000 13.53000 ? 10  MET A SD  1 
ATOM   95   C CE  . MET A 1 10  ? 1.37413   2.81893   9.05324   1.000 16.17000 ? 10  MET A CE  1 
ATOM   96   N N   . GLU A 1 11  ? 6.27067   4.04263   11.74653  1.000 12.03000 ? 11  GLU A N   1 
ATOM   97   C CA  . GLU A 1 11  ? 6.54847   5.14953   12.63903  1.000 12.11000 ? 11  GLU A CA  1 
ATOM   98   C C   . GLU A 1 11  ? 5.50840   6.25543   12.56767  1.000 11.53000 ? 11  GLU A C   1 
ATOM   99   O O   . GLU A 1 11  ? 5.29218   6.94722   13.56747  1.000 12.50000 ? 11  GLU A O   1 
ATOM   100  C CB  . GLU A 1 11  ? 7.95708   5.71307   12.39687  1.000 20.64000 ? 11  GLU A CB  1 
ATOM   101  C CG  . GLU A 1 11  ? 8.08771   6.76363   11.31828  1.000 31.21000 ? 11  GLU A CG  1 
ATOM   102  C CD  . GLU A 1 11  ? 9.48881   7.36242   11.28123  1.000 33.22000 ? 11  GLU A CD  1 
ATOM   103  O OE1 . GLU A 1 11  ? 10.46137  6.59827   11.47130  1.000 25.69000 ? 11  GLU A OE1 1 
ATOM   104  O OE2 . GLU A 1 11  ? 9.61207   8.58972   11.07139  1.000 35.45000 ? 11  GLU A OE2 1 
ATOM   105  N N   A SER A 1 12  ? 4.82188   6.41316   11.43180  0.580 10.90000 ? 12  SER A N   1 
ATOM   106  N N   B SER A 1 12  ? 4.84232   6.43639   11.43006  0.420 10.96000 ? 12  SER A N   1 
ATOM   107  C CA  A SER A 1 12  ? 3.87887   7.50913   11.24565  0.580 11.97000 ? 12  SER A CA  1 
ATOM   108  C CA  B SER A 1 12  ? 3.80532   7.44390   11.34550  0.420 12.01000 ? 12  SER A CA  1 
ATOM   109  C C   A SER A 1 12  ? 2.82150   7.09337   10.22655  0.580 10.89000 ? 12  SER A C   1 
ATOM   110  C C   B SER A 1 12  ? 2.80538   7.06263   10.26816  0.420 10.85000 ? 12  SER A C   1 
ATOM   111  O O   A SER A 1 12  ? 3.10086   6.31932   9.29787   0.580 10.92000 ? 12  SER A O   1 
ATOM   112  O O   B SER A 1 12  ? 3.10934   6.30412   9.33713   0.420 10.97000 ? 12  SER A O   1 
ATOM   113  C CB  A SER A 1 12  ? 4.61527   8.77920   10.79374  0.580 14.20000 ? 12  SER A CB  1 
ATOM   114  C CB  B SER A 1 12  ? 4.37484   8.84378   11.09450  0.420 12.43000 ? 12  SER A CB  1 
ATOM   115  O OG  A SER A 1 12  ? 3.74342   9.87490   10.58468  0.580 16.23000 ? 12  SER A OG  1 
ATOM   116  O OG  B SER A 1 12  ? 4.97783   8.91554   9.81652   0.420 11.44000 ? 12  SER A OG  1 
ATOM   117  N N   . ASN A 1 13  ? 1.60206   7.61800   10.40509  1.000 11.40000 ? 13  ASN A N   1 
ATOM   118  C CA  . ASN A 1 13  ? 0.48134   7.30103   9.51609   1.000 10.86000 ? 13  ASN A CA  1 
ATOM   119  C C   . ASN A 1 13  ? -0.38745  8.54920   9.43760   1.000 11.21000 ? 13  ASN A C   1 
ATOM   120  O O   . ASN A 1 13  ? -0.99440  8.94025   10.43509  1.000 13.57000 ? 13  ASN A O   1 
ATOM   121  C CB  . ASN A 1 13  ? -0.29619  6.11742   10.08734  1.000 12.88000 ? 13  ASN A CB  1 
ATOM   122  C CG  . ASN A 1 13  ? -1.28108  5.51576   9.11220   1.000 12.32000 ? 13  ASN A CG  1 
ATOM   123  O OD1 . ASN A 1 13  ? -1.36732  5.90002   7.95340   1.000 13.02000 ? 13  ASN A OD1 1 
ATOM   124  N ND2 . ASN A 1 13  ? -2.04264  4.53547   9.59311   1.000 16.54000 ? 13  ASN A ND2 1 
ATOM   125  N N   . GLU A 1 14  ? -0.44034  9.16674   8.25847   1.000 11.35000 ? 14  GLU A N   1 
ATOM   126  C CA  . GLU A 1 14  ? -1.14312  10.42381  8.02219   1.000 12.01000 ? 14  GLU A CA  1 
ATOM   127  C C   . GLU A 1 14  ? -2.31742  10.17684  7.08175   1.000 13.25000 ? 14  GLU A C   1 
ATOM   128  O O   . GLU A 1 14  ? -2.13540  9.64998   5.97600   1.000 12.26000 ? 14  GLU A O   1 
ATOM   129  C CB  . GLU A 1 14  ? -0.20544  11.45594  7.39844   1.000 14.30000 ? 14  GLU A CB  1 
ATOM   130  C CG  . GLU A 1 14  ? -0.93157  12.72338  6.95434   1.000 17.38000 ? 14  GLU A CG  1 
ATOM   131  C CD  . GLU A 1 14  ? -0.01953  13.73692  6.29785   1.000 23.62000 ? 14  GLU A CD  1 
ATOM   132  O OE1 . GLU A 1 14  ? 1.18660   13.45025  6.11198   1.000 23.37000 ? 14  GLU A OE1 1 
ATOM   133  O OE2 . GLU A 1 14  ? -0.51620  14.83171  5.95941   1.000 38.41000 ? 14  GLU A OE2 1 
ATOM   134  N N   . ASN A 1 15  ? -3.51803  10.56143  7.51853   1.000 13.25000 ? 15  ASN A N   1 
ATOM   135  C CA  . ASN A 1 15  ? -4.73170  10.54089  6.69903   1.000 11.62000 ? 15  ASN A CA  1 
ATOM   136  C C   . ASN A 1 15  ? -5.11655  9.14232   6.21338   1.000 11.72000 ? 15  ASN A C   1 
ATOM   137  O O   . ASN A 1 15  ? -5.70329  8.99548   5.14033   1.000 12.80000 ? 15  ASN A O   1 
ATOM   138  C CB  . ASN A 1 15  ? -4.68588  11.55956  5.55166   1.000 14.91000 ? 15  ASN A CB  1 
ATOM   139  C CG  . ASN A 1 15  ? -6.04509  11.77152  4.91610   1.000 12.80000 ? 15  ASN A CG  1 
ATOM   140  O OD1 . ASN A 1 15  ? -7.06906  11.74665  5.59539   1.000 16.30000 ? 15  ASN A OD1 1 
ATOM   141  N ND2 . ASN A 1 15  ? -6.06114  11.96512  3.60325   1.000 14.41000 ? 15  ASN A ND2 1 
ATOM   142  N N   . PHE A 1 16  ? -4.81832  8.10165   6.99297   1.000 12.52000 ? 16  PHE A N   1 
ATOM   143  C CA  . PHE A 1 16  ? -5.34505  6.77663   6.66035   1.000 12.60000 ? 16  PHE A CA  1 
ATOM   144  C C   . PHE A 1 16  ? -6.86835  6.77993   6.65662   1.000 13.81000 ? 16  PHE A C   1 
ATOM   145  O O   . PHE A 1 16  ? -7.49372  6.05617   5.87089   1.000 13.78000 ? 16  PHE A O   1 
ATOM   146  C CB  . PHE A 1 16  ? -4.78147  5.73550   7.63030   1.000 13.04000 ? 16  PHE A CB  1 
ATOM   147  C CG  . PHE A 1 16  ? -4.97032  4.30984   7.19781   1.000 13.01000 ? 16  PHE A CG  1 
ATOM   148  C CD1 . PHE A 1 16  ? -4.67156  3.88424   5.91139   1.000 13.23000 ? 16  PHE A CD1 1 
ATOM   149  C CD2 . PHE A 1 16  ? -5.38500  3.36695   8.12211   1.000 16.05000 ? 16  PHE A CD2 1 
ATOM   150  C CE1 . PHE A 1 16  ? -4.81954  2.54781   5.54737   1.000 15.45000 ? 16  PHE A CE1 1 
ATOM   151  C CE2 . PHE A 1 16  ? -5.54016  2.04408   7.76575   1.000 18.35000 ? 16  PHE A CE2 1 
ATOM   152  C CZ  . PHE A 1 16  ? -5.26355  1.63193   6.48790   1.000 16.53000 ? 16  PHE A CZ  1 
ATOM   153  N N   . GLU A 1 17  ? -7.47911  7.59784   7.51949   1.000 13.98000 ? 17  GLU A N   1 
ATOM   154  C CA  . GLU A 1 17  ? -8.93336  7.70958   7.56643   1.000 14.85000 ? 17  GLU A CA  1 
ATOM   155  C C   . GLU A 1 17  ? -9.49229  8.19154   6.23740   1.000 14.96000 ? 17  GLU A C   1 
ATOM   156  O O   . GLU A 1 17  ? -10.47289 7.63819   5.72771   1.000 15.44000 ? 17  GLU A O   1 
ATOM   157  C CB  . GLU A 1 17  ? -9.32975  8.66156   8.69501   1.000 19.23000 ? 17  GLU A CB  1 
ATOM   158  C CG  . GLU A 1 17  ? -10.81712 8.97208   8.79842   1.000 25.36000 ? 17  GLU A CG  1 
ATOM   159  C CD  . GLU A 1 17  ? -11.16495 9.66941   10.10850  1.000 42.83000 ? 17  GLU A CD  1 
ATOM   160  O OE1 . GLU A 1 17  ? -11.35368 8.96547   11.12453  1.000 42.41000 ? 17  GLU A OE1 1 
ATOM   161  O OE2 . GLU A 1 17  ? -11.23629 10.91792  10.12294  1.000 43.38000 ? 17  GLU A OE2 1 
ATOM   162  N N   . GLY A 1 18  ? -8.87760  9.22586   5.66072   1.000 15.12000 ? 18  GLY A N   1 
ATOM   163  C CA  . GLY A 1 18  ? -9.36903  9.74420   4.39951   1.000 17.28000 ? 18  GLY A CA  1 
ATOM   164  C C   . GLY A 1 18  ? -9.27876  8.71730   3.28766   1.000 14.58000 ? 18  GLY A C   1 
ATOM   165  O O   . GLY A 1 18  ? -10.20497 8.56665   2.48713   1.000 15.73000 ? 18  GLY A O   1 
ATOM   166  N N   . TYR A 1 19  ? -8.15213  8.00039   3.21030   1.000 13.90000 ? 19  TYR A N   1 
ATOM   167  C CA  . TYR A 1 19  ? -7.99434  6.95168   2.20895   1.000 12.30000 ? 19  TYR A CA  1 
ATOM   168  C C   . TYR A 1 19  ? -9.06728  5.86259   2.36966   1.000 12.49000 ? 19  TYR A C   1 
ATOM   169  O O   . TYR A 1 19  ? -9.70144  5.46989   1.39362   1.000 13.08000 ? 19  TYR A O   1 
ATOM   170  C CB  . TYR A 1 19  ? -6.57377  6.38198   2.29615   1.000 14.09000 ? 19  TYR A CB  1 
ATOM   171  C CG  . TYR A 1 19  ? -6.30572  5.16985   1.44176   1.000 12.55000 ? 19  TYR A CG  1 
ATOM   172  C CD1 . TYR A 1 19  ? -6.09225  5.27735   0.07243   1.000 11.92000 ? 19  TYR A CD1 1 
ATOM   173  C CD2 . TYR A 1 19  ? -6.23812  3.91363   2.01251   1.000 12.07000 ? 19  TYR A CD2 1 
ATOM   174  C CE1 . TYR A 1 19  ? -5.82838  4.16895   -0.69264  1.000 13.17000 ? 19  TYR A CE1 1 
ATOM   175  C CE2 . TYR A 1 19  ? -5.97942  2.79607   1.26050   1.000 12.86000 ? 19  TYR A CE2 1 
ATOM   176  C CZ  . TYR A 1 19  ? -5.77702  2.92190   -0.10111  1.000 11.91000 ? 19  TYR A CZ  1 
ATOM   177  O OH  . TYR A 1 19  ? -5.49876  1.81295   -0.84678  1.000 14.26000 ? 19  TYR A OH  1 
ATOM   178  N N   A MET A 1 20  ? -9.27127  5.38877   3.58998   0.510 12.30000 ? 20  MET A N   1 
ATOM   179  N N   B MET A 1 20  ? -9.27468  5.39658   3.60077   0.490 12.30000 ? 20  MET A N   1 
ATOM   180  C CA  A MET A 1 20  ? -10.25587 4.32502   3.77306   0.510 14.68000 ? 20  MET A CA  1 
ATOM   181  C CA  B MET A 1 20  ? -10.23896 4.31933   3.82477   0.490 14.67000 ? 20  MET A CA  1 
ATOM   182  C C   A MET A 1 20  ? -11.66167 4.80752   3.46030   0.510 14.33000 ? 20  MET A C   1 
ATOM   183  C C   B MET A 1 20  ? -11.67353 4.76916   3.57522   0.490 14.25000 ? 20  MET A C   1 
ATOM   184  O O   A MET A 1 20  ? -12.46429 4.06637   2.87220   0.510 16.07000 ? 20  MET A O   1 
ATOM   185  O O   B MET A 1 20  ? -12.50986 3.96242   3.14070   0.490 15.35000 ? 20  MET A O   1 
ATOM   186  C CB  A MET A 1 20  ? -10.18070 3.79675   5.19547   0.510 16.12000 ? 20  MET A CB  1 
ATOM   187  C CB  B MET A 1 20  ? -10.08399 3.75750   5.23774   0.490 16.21000 ? 20  MET A CB  1 
ATOM   188  C CG  A MET A 1 20  ? -8.97620  2.93295   5.42636   0.510 16.96000 ? 20  MET A CG  1 
ATOM   189  C CG  B MET A 1 20  ? -8.69995  3.16814   5.52447   0.490 14.92000 ? 20  MET A CG  1 
ATOM   190  S SD  A MET A 1 20  ? -9.22098  2.01517   6.93833   0.510 16.44000 ? 20  MET A SD  1 
ATOM   191  S SD  B MET A 1 20  ? -8.42249  1.57835   4.70801   0.490 15.75000 ? 20  MET A SD  1 
ATOM   192  C CE  A MET A 1 20  ? -8.86226  3.28293   8.15149   0.510 19.17000 ? 20  MET A CE  1 
ATOM   193  C CE  B MET A 1 20  ? -9.06255  0.45046   5.94825   0.490 19.69000 ? 20  MET A CE  1 
ATOM   194  N N   . LYS A 1 21  ? -11.99671 6.03356   3.83668   1.000 14.43000 ? 21  LYS A N   1 
ATOM   195  C CA  . LYS A 1 21  ? -13.31941 6.54643   3.53403   1.000 15.76000 ? 21  LYS A CA  1 
ATOM   196  C C   . LYS A 1 21  ? -13.51371 6.68207   2.02443   1.000 14.82000 ? 21  LYS A C   1 
ATOM   197  O O   . LYS A 1 21  ? -14.59167 6.38666   1.49922   1.000 18.41000 ? 21  LYS A O   1 
ATOM   198  C CB  . LYS A 1 21  ? -13.59002 7.85001   4.26085   1.000 22.29000 ? 21  LYS A CB  1 
ATOM   199  C CG  . LYS A 1 21  ? -15.03920 7.99451   4.68132   1.000 30.02000 ? 21  LYS A CG  1 
ATOM   200  C CD  . LYS A 1 21  ? -15.15808 8.66163   6.03332   1.000 36.78000 ? 21  LYS A CD  1 
ATOM   201  C CE  . LYS A 1 21  ? -14.57400 10.05561  5.99998   1.000 35.43000 ? 21  LYS A CE  1 
ATOM   202  N NZ  . LYS A 1 21  ? -15.37353 10.99349  6.83458   1.000 43.26000 ? 21  LYS A NZ  1 
ATOM   203  N N   . ALA A 1 22  ? -12.45285 7.09590   1.32533   1.000 14.70000 ? 22  ALA A N   1 
ATOM   204  C CA  . ALA A 1 22  ? -12.53046 7.16708   -0.13693  1.000 16.34000 ? 22  ALA A CA  1 
ATOM   205  C C   . ALA A 1 22  ? -12.79687 5.80622   -0.75868  1.000 15.95000 ? 22  ALA A C   1 
ATOM   206  O O   . ALA A 1 22  ? -13.36342 5.72155   -1.85115  1.000 17.46000 ? 22  ALA A O   1 
ATOM   207  C CB  . ALA A 1 22  ? -11.24345 7.76702   -0.69934  1.000 17.07000 ? 22  ALA A CB  1 
ATOM   208  N N   . LEU A 1 23  ? -12.39760 4.72338   -0.08598  1.000 13.60000 ? 23  LEU A N   1 
ATOM   209  C CA  . LEU A 1 23  ? -12.64405 3.36160   -0.55619  1.000 14.94000 ? 23  LEU A CA  1 
ATOM   210  C C   . LEU A 1 23  ? -13.99555 2.82126   -0.11649  1.000 16.05000 ? 23  LEU A C   1 
ATOM   211  O O   . LEU A 1 23  ? -14.37448 1.72071   -0.52535  1.000 17.01000 ? 23  LEU A O   1 
ATOM   212  C CB  . LEU A 1 23  ? -11.55201 2.42001   -0.03013  1.000 14.99000 ? 23  LEU A CB  1 
ATOM   213  C CG  . LEU A 1 23  ? -10.13712 2.55081   -0.58027  1.000 15.95000 ? 23  LEU A CG  1 
ATOM   214  C CD1 . LEU A 1 23  ? -9.22696  1.61967   0.19383   1.000 16.76000 ? 23  LEU A CD1 1 
ATOM   215  C CD2 . LEU A 1 23  ? -10.12573 2.22049   -2.06505  1.000 19.45000 ? 23  LEU A CD2 1 
ATOM   216  N N   . ASP A 1 24  ? -14.70733 3.56439   0.73409   1.000 16.05000 ? 24  ASP A N   1 
ATOM   217  C CA  . ASP A 1 24  ? -16.03610 3.19768   1.22995   1.000 15.63000 ? 24  ASP A CA  1 
ATOM   218  C C   . ASP A 1 24  ? -15.99847 2.06415   2.25102   1.000 19.98000 ? 24  ASP A C   1 
ATOM   219  O O   . ASP A 1 24  ? -16.97557 1.33438   2.40362   1.000 22.76000 ? 24  ASP A O   1 
ATOM   220  C CB  . ASP A 1 24  ? -17.02875 2.89213   0.10903   1.000 17.42000 ? 24  ASP A CB  1 
ATOM   221  C CG  . ASP A 1 24  ? -16.99353 3.92062   -0.99597  1.000 15.09000 ? 24  ASP A CG  1 
ATOM   222  O OD1 . ASP A 1 24  ? -16.93776 5.13480   -0.69356  1.000 19.39000 ? 24  ASP A OD1 1 
ATOM   223  O OD2 . ASP A 1 24  ? -16.99411 3.51580   -2.17234  1.000 18.67000 ? 24  ASP A OD2 1 
ATOM   224  N N   . ILE A 1 25  ? -14.87346 1.91022   2.95883   1.000 16.93000 ? 25  ILE A N   1 
ATOM   225  C CA  . ILE A 1 25  ? -14.79422 0.88521   3.99404   1.000 19.86000 ? 25  ILE A CA  1 
ATOM   226  C C   . ILE A 1 25  ? -15.90337 1.12923   5.00153   1.000 18.31000 ? 25  ILE A C   1 
ATOM   227  O O   . ILE A 1 25  ? -16.17580 2.27814   5.38649   1.000 19.53000 ? 25  ILE A O   1 
ATOM   228  C CB  . ILE A 1 25  ? -13.41647 0.90939   4.66951   1.000 17.38000 ? 25  ILE A CB  1 
ATOM   229  C CG1 . ILE A 1 25  ? -12.28167 0.74579   3.64753   1.000 21.67000 ? 25  ILE A CG1 1 
ATOM   230  C CG2 . ILE A 1 25  ? -13.33464 -0.14799  5.76621   1.000 19.67000 ? 25  ILE A CG2 1 
ATOM   231  C CD1 . ILE A 1 25  ? -12.32928 -0.55486  2.87284   1.000 20.04000 ? 25  ILE A CD1 1 
ATOM   232  N N   . ASP A 1 26  ? -16.57321 0.05576   5.42257   1.000 20.35000 ? 26  ASP A N   1 
ATOM   233  C CA  . ASP A 1 26  ? -17.68362 0.19922   6.35507   1.000 21.66000 ? 26  ASP A CA  1 
ATOM   234  C C   . ASP A 1 26  ? -17.22597 0.90289   7.62920   1.000 20.65000 ? 26  ASP A C   1 
ATOM   235  O O   . ASP A 1 26  ? -16.08807 0.74265   8.08264   1.000 20.51000 ? 26  ASP A O   1 
ATOM   236  C CB  . ASP A 1 26  ? -18.28346 -1.16683  6.68406   1.000 28.42000 ? 26  ASP A CB  1 
ATOM   237  C CG  . ASP A 1 26  ? -17.24325 -2.17193  7.10680   1.000 28.94000 ? 26  ASP A CG  1 
ATOM   238  O OD1 . ASP A 1 26  ? -17.37409 -2.72351  8.21910   1.000 45.37000 ? 26  ASP A OD1 1 
ATOM   239  O OD2 . ASP A 1 26  ? -16.29524 -2.41039  6.32936   1.000 44.93000 ? 26  ASP A OD2 1 
ATOM   240  N N   . PHE A 1 27  ? -18.12881 1.69139   8.21174   1.000 20.06000 ? 27  PHE A N   1 
ATOM   241  C CA  . PHE A 1 27  ? -17.78601 2.57857   9.32155   1.000 20.55000 ? 27  PHE A CA  1 
ATOM   242  C C   . PHE A 1 27  ? -17.08907 1.83122   10.45554  1.000 19.83000 ? 27  PHE A C   1 
ATOM   243  O O   . PHE A 1 27  ? -16.02295 2.25284   10.92351  1.000 18.56000 ? 27  PHE A O   1 
ATOM   244  C CB  . PHE A 1 27  ? -19.04183 3.30943   9.81453   1.000 24.52000 ? 27  PHE A CB  1 
ATOM   245  C CG  . PHE A 1 27  ? -18.83678 4.11136   11.07179  1.000 27.66000 ? 27  PHE A CG  1 
ATOM   246  C CD1 . PHE A 1 27  ? -18.38293 5.42207   11.01502  1.000 35.00000 ? 27  PHE A CD1 1 
ATOM   247  C CD2 . PHE A 1 27  ? -19.12358 3.56523   12.31328  1.000 31.35000 ? 27  PHE A CD2 1 
ATOM   248  C CE1 . PHE A 1 27  ? -18.20177 6.16171   12.17496  1.000 37.51000 ? 27  PHE A CE1 1 
ATOM   249  C CE2 . PHE A 1 27  ? -18.94272 4.29853   13.47409  1.000 31.24000 ? 27  PHE A CE2 1 
ATOM   250  C CZ  . PHE A 1 27  ? -18.48389 5.60000   13.40584  1.000 35.05000 ? 27  PHE A CZ  1 
ATOM   251  N N   . ALA A 1 28  ? -17.66924 0.71924   10.91720  1.000 18.53000 ? 28  ALA A N   1 
ATOM   252  C CA  . ALA A 1 28  ? -17.10272 0.01994   12.06893  1.000 19.58000 ? 28  ALA A CA  1 
ATOM   253  C C   . ALA A 1 28  ? -15.69697 -0.49247  11.76607  1.000 19.35000 ? 28  ALA A C   1 
ATOM   254  O O   . ALA A 1 28  ? -14.77285 -0.32636  12.57034  1.000 18.82000 ? 28  ALA A O   1 
ATOM   255  C CB  . ALA A 1 28  ? -18.02374 -1.12283  12.49690  1.000 17.58000 ? 28  ALA A CB  1 
ATOM   256  N N   . THR A 1 29  ? -15.51924 -1.13246  10.61322  1.000 18.02000 ? 29  THR A N   1 
ATOM   257  C CA  . THR A 1 29  ? -14.19260 -1.60426  10.22569  1.000 18.28000 ? 29  THR A CA  1 
ATOM   258  C C   . THR A 1 29  ? -13.20632 -0.45308  10.12558  1.000 16.46000 ? 29  THR A C   1 
ATOM   259  O O   . THR A 1 29  ? -12.06668 -0.55536  10.60741  1.000 18.06000 ? 29  THR A O   1 
ATOM   260  C CB  . THR A 1 29  ? -14.29514 -2.32954  8.88030   1.000 19.61000 ? 29  THR A CB  1 
ATOM   261  O OG1 . THR A 1 29  ? -15.10840 -3.49919  9.03870   1.000 26.09000 ? 29  THR A OG1 1 
ATOM   262  C CG2 . THR A 1 29  ? -12.91593 -2.72876  8.36901   1.000 21.53000 ? 29  THR A CG2 1 
ATOM   263  N N   . ARG A 1 30  ? -13.62154 0.65027   9.52169   1.000 17.03000 ? 30  ARG A N   1 
ATOM   264  C CA  . ARG A 1 30  ? -12.72887 1.78043   9.32325   1.000 16.48000 ? 30  ARG A CA  1 
ATOM   265  C C   . ARG A 1 30  ? -12.33514 2.41500   10.65194  1.000 17.35000 ? 30  ARG A C   1 
ATOM   266  O O   . ARG A 1 30  ? -11.17124 2.79174   10.84908  1.000 17.22000 ? 30  ARG A O   1 
ATOM   267  C CB  . ARG A 1 30  ? -13.41723 2.80567   8.42102   1.000 23.87000 ? 30  ARG A CB  1 
ATOM   268  C CG  . ARG A 1 30  ? -12.51650 3.89849   7.92463   1.000 27.51000 ? 30  ARG A CG  1 
ATOM   269  C CD  . ARG A 1 30  ? -13.30860 4.88833   7.09448   1.000 30.42000 ? 30  ARG A CD  1 
ATOM   270  N NE  . ARG A 1 30  ? -14.15780 5.74520   7.92056   1.000 29.76000 ? 30  ARG A NE  1 
ATOM   271  C CZ  . ARG A 1 30  ? -15.48511 5.75267   7.87036   1.000 33.70000 ? 30  ARG A CZ  1 
ATOM   272  N NH1 . ARG A 1 30  ? -16.17398 6.57213   8.65517   1.000 34.91000 ? 30  ARG A NH1 1 
ATOM   273  N NH2 . ARG A 1 30  ? -16.12821 4.94121   7.04100   1.000 26.84000 ? 30  ARG A NH2 1 
ATOM   274  N N   . LYS A 1 31  ? -13.28342 2.54338   11.57761  1.000 16.69000 ? 31  LYS A N   1 
ATOM   275  C CA  . LYS A 1 31  ? -12.97947 3.18338   12.85010  1.000 18.69000 ? 31  LYS A CA  1 
ATOM   276  C C   . LYS A 1 31  ? -11.94387 2.38335   13.62429  1.000 15.94000 ? 31  LYS A C   1 
ATOM   277  O O   . LYS A 1 31  ? -11.07390 2.95527   14.29411  1.000 19.41000 ? 31  LYS A O   1 
ATOM   278  C CB  . LYS A 1 31  ? -14.25587 3.35964   13.67723  1.000 22.66000 ? 31  LYS A CB  1 
ATOM   279  C CG  . LYS A 1 31  ? -15.20601 4.41535   13.13568  1.000 26.73000 ? 31  LYS A CG  1 
ATOM   280  C CD  . LYS A 1 31  ? -14.53102 5.77587   13.06435  1.000 28.86000 ? 31  LYS A CD  1 
ATOM   281  N N   . ILE A 1 32  ? -12.01454 1.05614   13.54437  1.000 15.52000 ? 32  ILE A N   1 
ATOM   282  C CA  . ILE A 1 32  ? -11.01763 0.22692   14.20429  1.000 16.15000 ? 32  ILE A CA  1 
ATOM   283  C C   . ILE A 1 32  ? -9.68861  0.30625   13.47159  1.000 16.03000 ? 32  ILE A C   1 
ATOM   284  O O   . ILE A 1 32  ? -8.62790  0.46554   14.09678  1.000 16.89000 ? 32  ILE A O   1 
ATOM   285  C CB  . ILE A 1 32  ? -11.52372 -1.22262  14.32332  1.000 15.96000 ? 32  ILE A CB  1 
ATOM   286  C CG1 . ILE A 1 32  ? -12.84755 -1.29206  15.10667  1.000 22.25000 ? 32  ILE A CG1 1 
ATOM   287  C CG2 . ILE A 1 32  ? -10.45342 -2.11374  14.92972  1.000 20.26000 ? 32  ILE A CG2 1 
ATOM   288  C CD1 . ILE A 1 32  ? -12.88259 -0.45400  16.37704  1.000 25.32000 ? 32  ILE A CD1 1 
ATOM   289  N N   . ALA A 1 33  ? -9.70780  0.21594   12.14297  1.000 16.37000 ? 33  ALA A N   1 
ATOM   290  C CA  . ALA A 1 33  ? -8.46462  0.13265   11.38321  1.000 17.13000 ? 33  ALA A CA  1 
ATOM   291  C C   . ALA A 1 33  ? -7.67172  1.43536   11.40902  1.000 17.91000 ? 33  ALA A C   1 
ATOM   292  O O   . ALA A 1 33  ? -6.43974  1.40508   11.33469  1.000 16.54000 ? 33  ALA A O   1 
ATOM   293  C CB  . ALA A 1 33  ? -8.75070  -0.32683  9.95184   1.000 18.09000 ? 33  ALA A CB  1 
ATOM   294  N N   . VAL A 1 34  ? -8.33558  2.58671   11.51982  1.000 17.01000 ? 34  VAL A N   1 
ATOM   295  C CA  . VAL A 1 34  ? -7.59994  3.84890   11.54297  1.000 21.20000 ? 34  VAL A CA  1 
ATOM   296  C C   . VAL A 1 34  ? -6.68152  3.94916   12.75618  1.000 24.37000 ? 34  VAL A C   1 
ATOM   297  O O   . VAL A 1 34  ? -5.72789  4.73636   12.75673  1.000 25.33000 ? 34  VAL A O   1 
ATOM   298  C CB  . VAL A 1 34  ? -8.56669  5.04914   11.47295  1.000 24.38000 ? 34  VAL A CB  1 
ATOM   299  C CG1 . VAL A 1 34  ? -9.43621  5.09528   12.70792  1.000 25.98000 ? 34  VAL A CG1 1 
ATOM   300  C CG2 . VAL A 1 34  ? -7.80008  6.34034   11.33837  1.000 26.97000 ? 34  VAL A CG2 1 
ATOM   301  N N   . ARG A 1 35  ? -6.94701  3.16269   13.79932  1.000 15.84000 ? 35  ARG A N   1 
ATOM   302  C CA  . ARG A 1 35  ? -6.16247  3.23505   15.02656  1.000 16.59000 ? 35  ARG A CA  1 
ATOM   303  C C   . ARG A 1 35  ? -4.89251  2.39936   14.97587  1.000 14.40000 ? 35  ARG A C   1 
ATOM   304  O O   . ARG A 1 35  ? -4.06626  2.51550   15.88712  1.000 13.32000 ? 35  ARG A O   1 
ATOM   305  C CB  . ARG A 1 35  ? -6.99502  2.72366   16.19838  1.000 18.86000 ? 35  ARG A CB  1 
ATOM   306  C CG  . ARG A 1 35  ? -8.31648  3.42886   16.43174  1.000 19.95000 ? 35  ARG A CG  1 
ATOM   307  C CD  . ARG A 1 35  ? -9.10260  2.65056   17.45242  1.000 26.66000 ? 35  ARG A CD  1 
ATOM   308  N NE  . ARG A 1 35  ? -10.49792 3.05543   17.50997  1.000 36.29000 ? 35  ARG A NE  1 
ATOM   309  C CZ  . ARG A 1 35  ? -11.45728 2.32410   18.06521  1.000 29.31000 ? 35  ARG A CZ  1 
ATOM   310  N NH1 . ARG A 1 35  ? -12.70157 2.76721   18.07413  1.000 34.78000 ? 35  ARG A NH1 1 
ATOM   311  N NH2 . ARG A 1 35  ? -11.16759 1.14647   18.60728  1.000 37.75000 ? 35  ARG A NH2 1 
ATOM   312  N N   . LEU A 1 36  ? -4.71494  1.57704   13.95210  1.000 14.64000 ? 36  LEU A N   1 
ATOM   313  C CA  . LEU A 1 36  ? -3.75028  0.49283   13.97922  1.000 13.77000 ? 36  LEU A CA  1 
ATOM   314  C C   . LEU A 1 36  ? -2.35505  0.91758   13.54299  1.000 16.59000 ? 36  LEU A C   1 
ATOM   315  O O   . LEU A 1 36  ? -2.18615  1.75675   12.65723  1.000 17.29000 ? 36  LEU A O   1 
ATOM   316  C CB  . LEU A 1 36  ? -4.19820  -0.60444  13.01572  1.000 18.61000 ? 36  LEU A CB  1 
ATOM   317  C CG  . LEU A 1 36  ? -5.59629  -1.16112  13.24150  1.000 22.24000 ? 36  LEU A CG  1 
ATOM   318  C CD1 . LEU A 1 36  ? -6.01245  -2.02548  12.05503  1.000 27.59000 ? 36  LEU A CD1 1 
ATOM   319  C CD2 . LEU A 1 36  ? -5.61338  -1.95606  14.52549  1.000 22.31000 ? 36  LEU A CD2 1 
ATOM   320  N N   . THR A 1 37  ? -1.36022  0.27537   14.14591  1.000 12.07000 ? 37  THR A N   1 
ATOM   321  C CA  . THR A 1 37  ? 0.01686   0.34540   13.67645  1.000 13.08000 ? 37  THR A CA  1 
ATOM   322  C C   . THR A 1 37  ? 0.27718   -0.86033  12.78106  1.000 13.83000 ? 37  THR A C   1 
ATOM   323  O O   . THR A 1 37  ? -0.14688  -1.97338  13.08458  1.000 15.28000 ? 37  THR A O   1 
ATOM   324  C CB  . THR A 1 37  ? 0.95984   0.32715   14.89613  1.000 17.09000 ? 37  THR A CB  1 
ATOM   325  O OG1 . THR A 1 37  ? 0.84925   1.57343   15.59763  1.000 18.51000 ? 37  THR A OG1 1 
ATOM   326  C CG2 . THR A 1 37  ? 2.41000   0.12239   14.48426  1.000 15.14000 ? 37  THR A CG2 1 
ATOM   327  N N   . PHE A 1 38  ? 0.94966   -0.62982  11.64290  1.000 11.91000 ? 38  PHE A N   1 
ATOM   328  C CA  . PHE A 1 38  ? 1.19999   -1.66618  10.64683  1.000 11.88000 ? 38  PHE A CA  1 
ATOM   329  C C   . PHE A 1 38  ? 2.67478   -2.06455  10.59439  1.000 10.72000 ? 38  PHE A C   1 
ATOM   330  O O   . PHE A 1 38  ? 3.57110   -1.27344  10.90097  1.000 13.66000 ? 38  PHE A O   1 
ATOM   331  C CB  . PHE A 1 38  ? 0.76652   -1.20633  9.24942   1.000 13.96000 ? 38  PHE A CB  1 
ATOM   332  C CG  . PHE A 1 38  ? -0.71545  -1.14369  9.08041   1.000 13.85000 ? 38  PHE A CG  1 
ATOM   333  C CD1 . PHE A 1 38  ? -1.42174  -0.02393  9.48314   1.000 18.78000 ? 38  PHE A CD1 1 
ATOM   334  C CD2 . PHE A 1 38  ? -1.41157  -2.21591  8.54725   1.000 16.15000 ? 38  PHE A CD2 1 
ATOM   335  C CE1 . PHE A 1 38  ? -2.80220  0.03051   9.34629   1.000 18.67000 ? 38  PHE A CE1 1 
ATOM   336  C CE2 . PHE A 1 38  ? -2.79246  -2.17004  8.41563   1.000 16.42000 ? 38  PHE A CE2 1 
ATOM   337  C CZ  . PHE A 1 38  ? -3.48329  -1.04663  8.81699   1.000 18.88000 ? 38  PHE A CZ  1 
ATOM   338  N N   . THR A 1 39  ? 2.90719   -3.30349  10.19381  1.000 12.09000 ? 39  THR A N   1 
ATOM   339  C CA  . THR A 1 39  ? 4.23818   -3.81905  9.89687   1.000 13.03000 ? 39  THR A CA  1 
ATOM   340  C C   . THR A 1 39  ? 4.20765   -4.34626  8.47930   1.000 14.77000 ? 39  THR A C   1 
ATOM   341  O O   . THR A 1 39  ? 3.21372   -4.95372  8.07045   1.000 14.49000 ? 39  THR A O   1 
ATOM   342  C CB  . THR A 1 39  ? 4.60268   -4.94400  10.86458  1.000 16.19000 ? 39  THR A CB  1 
ATOM   343  O OG1 . THR A 1 39  ? 4.57050   -4.44333  12.20619  1.000 19.55000 ? 39  THR A OG1 1 
ATOM   344  C CG2 . THR A 1 39  ? 5.99446   -5.51952  10.55238  1.000 20.74000 ? 39  THR A CG2 1 
ATOM   345  N N   . LEU A 1 40  ? 5.26561   -4.08809  7.71591   1.000 12.10000 ? 40  LEU A N   1 
ATOM   346  C CA  . LEU A 1 40  ? 5.41049   -4.63575  6.37633   1.000 13.44000 ? 40  LEU A CA  1 
ATOM   347  C C   . LEU A 1 40  ? 6.55385   -5.62602  6.33688   1.000 13.31000 ? 40  LEU A C   1 
ATOM   348  O O   . LEU A 1 40  ? 7.62319   -5.37722  6.90449   1.000 15.10000 ? 40  LEU A O   1 
ATOM   349  C CB  . LEU A 1 40  ? 5.72556   -3.55333  5.34269   1.000 16.67000 ? 40  LEU A CB  1 
ATOM   350  C CG  . LEU A 1 40  ? 4.92565   -2.26741  5.33094   1.000 14.58000 ? 40  LEU A CG  1 
ATOM   351  C CD1 . LEU A 1 40  ? 5.41583   -1.39907  4.17275   1.000 14.58000 ? 40  LEU A CD1 1 
ATOM   352  C CD2 . LEU A 1 40  ? 3.44554   -2.58396  5.19749   1.000 16.30000 ? 40  LEU A CD2 1 
ATOM   353  N N   . VAL A 1 41  ? 6.34572   -6.73549  5.64145   1.000 12.59000 ? 41  VAL A N   1 
ATOM   354  C CA  . VAL A 1 41  ? 7.41687   -7.66210  5.29988   1.000 11.84000 ? 41  VAL A CA  1 
ATOM   355  C C   . VAL A 1 41  ? 7.43337   -7.73609  3.78834   1.000 12.31000 ? 41  VAL A C   1 
ATOM   356  O O   . VAL A 1 41  ? 6.43879   -8.13709  3.17097   1.000 13.70000 ? 41  VAL A O   1 
ATOM   357  C CB  . VAL A 1 41  ? 7.20459   -9.05003  5.91866   1.000 13.74000 ? 41  VAL A CB  1 
ATOM   358  C CG1 . VAL A 1 41  ? 8.31508   -9.98677  5.47618   1.000 16.53000 ? 41  VAL A CG1 1 
ATOM   359  C CG2 . VAL A 1 41  ? 7.19046   -8.94565  7.43621   1.000 16.09000 ? 41  VAL A CG2 1 
ATOM   360  N N   . ILE A 1 42  ? 8.55100   -7.34462  3.19090   1.000 12.41000 ? 42  ILE A N   1 
ATOM   361  C CA  . ILE A 1 42  ? 8.68311   -7.25125  1.74549   1.000 12.99000 ? 42  ILE A CA  1 
ATOM   362  C C   . ILE A 1 42  ? 9.78561   -8.18945  1.29653   1.000 12.28000 ? 42  ILE A C   1 
ATOM   363  O O   . ILE A 1 42  ? 10.89980  -8.14171  1.82610   1.000 13.66000 ? 42  ILE A O   1 
ATOM   364  C CB  . ILE A 1 42  ? 8.98079   -5.80236  1.30587   1.000 11.44000 ? 42  ILE A CB  1 
ATOM   365  C CG1 . ILE A 1 42  ? 7.86477   -4.85954  1.78252   1.000 13.22000 ? 42  ILE A CG1 1 
ATOM   366  C CG2 . ILE A 1 42  ? 9.20066   -5.73368  -0.20434  1.000 14.22000 ? 42  ILE A CG2 1 
ATOM   367  C CD1 . ILE A 1 42  ? 8.14326   -3.39068  1.58067   1.000 13.27000 ? 42  ILE A CD1 1 
ATOM   368  N N   . ASP A 1 43  ? 9.46698   -9.04663  0.33724   1.000 13.59000 ? 43  ASP A N   1 
ATOM   369  C CA  . ASP A 1 43  ? 10.41906  -9.95015  -0.29415  1.000 15.76000 ? 43  ASP A CA  1 
ATOM   370  C C   . ASP A 1 43  ? 10.58063  -9.46413  -1.72604  1.000 13.79000 ? 43  ASP A C   1 
ATOM   371  O O   . ASP A 1 43  ? 9.64699   -9.56845  -2.52963  1.000 16.55000 ? 43  ASP A O   1 
ATOM   372  C CB  . ASP A 1 43  ? 9.86013   -11.37497 -0.25252  1.000 19.92000 ? 43  ASP A CB  1 
ATOM   373  C CG  . ASP A 1 43  ? 10.81319  -12.41613 -0.82182  1.000 29.73000 ? 43  ASP A CG  1 
ATOM   374  O OD1 . ASP A 1 43  ? 11.70957  -12.06748 -1.61636  1.000 32.27000 ? 43  ASP A OD1 1 
ATOM   375  O OD2 . ASP A 1 43  ? 10.64611  -13.60523 -0.47385  1.000 38.86000 ? 43  ASP A OD2 1 
ATOM   376  N N   . GLN A 1 44  ? 11.74964  -8.90315  -2.03869  1.000 13.26000 ? 44  GLN A N   1 
ATOM   377  C CA  . GLN A 1 44  ? 12.04196  -8.32785  -3.34262  1.000 12.76000 ? 44  GLN A CA  1 
ATOM   378  C C   . GLN A 1 44  ? 13.20110  -9.08690  -3.97670  1.000 17.26000 ? 44  GLN A C   1 
ATOM   379  O O   . GLN A 1 44  ? 14.30058  -9.12924  -3.41525  1.000 18.30000 ? 44  GLN A O   1 
ATOM   380  C CB  . GLN A 1 44  ? 12.37810  -6.83970  -3.23189  1.000 14.52000 ? 44  GLN A CB  1 
ATOM   381  C CG  . GLN A 1 44  ? 12.84557  -6.18922  -4.53822  1.000 15.25000 ? 44  GLN A CG  1 
ATOM   382  C CD  . GLN A 1 44  ? 13.17624  -4.72021  -4.35530  1.000 14.88000 ? 44  GLN A CD  1 
ATOM   383  O OE1 . GLN A 1 44  ? 12.89773  -4.14838  -3.30174  1.000 16.14000 ? 44  GLN A OE1 1 
ATOM   384  N NE2 . GLN A 1 44  ? 13.77167  -4.09921  -5.37024  1.000 18.33000 ? 44  GLN A NE2 1 
ATOM   385  N N   . ASP A 1 45  ? 12.95749  -9.64938  -5.16138  1.000 14.89000 ? 45  ASP A N   1 
ATOM   386  C CA  . ASP A 1 45  ? 13.92773  -10.49044 -5.86809  1.000 17.91000 ? 45  ASP A CA  1 
ATOM   387  C C   . ASP A 1 45  ? 13.81265  -10.11654 -7.34462  1.000 16.17000 ? 45  ASP A C   1 
ATOM   388  O O   . ASP A 1 45  ? 12.89021  -10.55863 -8.01957  1.000 17.36000 ? 45  ASP A O   1 
ATOM   389  C CB  . ASP A 1 45  ? 13.58404  -11.96093 -5.63451  1.000 24.34000 ? 45  ASP A CB  1 
ATOM   390  C CG  . ASP A 1 45  ? 14.36355  -12.90167 -6.52896  1.000 35.35000 ? 45  ASP A CG  1 
ATOM   391  O OD1 . ASP A 1 45  ? 15.56175  -12.64972 -6.75923  1.000 29.74000 ? 45  ASP A OD1 1 
ATOM   392  O OD2 . ASP A 1 45  ? 13.77273  -13.90008 -6.99470  1.000 42.07000 ? 45  ASP A OD2 1 
ATOM   393  N N   . GLY A 1 46  ? 14.74032  -9.29656  -7.81859  1.000 19.20000 ? 46  GLY A N   1 
ATOM   394  C CA  . GLY A 1 46  ? 14.60942  -8.78131  -9.17858  1.000 18.00000 ? 46  GLY A CA  1 
ATOM   395  C C   . GLY A 1 46  ? 13.33349  -7.97262  -9.30987  1.000 17.81000 ? 46  GLY A C   1 
ATOM   396  O O   . GLY A 1 46  ? 13.06393  -7.06890  -8.51223  1.000 19.22000 ? 46  GLY A O   1 
ATOM   397  N N   . ASP A 1 47  ? 12.53119  -8.29990  -10.31907 1.000 17.61000 ? 47  ASP A N   1 
ATOM   398  C CA  . ASP A 1 47  ? 11.23447  -7.65984  -10.48784 1.000 17.80000 ? 47  ASP A CA  1 
ATOM   399  C C   . ASP A 1 47  ? 10.14753  -8.28658  -9.64211  1.000 14.90000 ? 47  ASP A C   1 
ATOM   400  O O   . ASP A 1 47  ? 9.00852   -7.81187  -9.70258  1.000 15.39000 ? 47  ASP A O   1 
ATOM   401  C CB  . ASP A 1 47  ? 10.74056  -7.76994  -11.92264 1.000 21.77000 ? 47  ASP A CB  1 
ATOM   402  C CG  . ASP A 1 47  ? 11.64855  -7.11352  -12.88948 1.000 25.32000 ? 47  ASP A CG  1 
ATOM   403  O OD1 . ASP A 1 47  ? 11.92875  -7.77699  -13.89957 1.000 39.85000 ? 47  ASP A OD1 1 
ATOM   404  O OD2 . ASP A 1 47  ? 12.06606  -5.95960  -12.65134 1.000 24.65000 ? 47  ASP A OD2 1 
ATOM   405  N N   . ASN A 1 48  ? 10.42224  -9.34949  -8.90167  1.000 13.57000 ? 48  ASN A N   1 
ATOM   406  C CA  . ASN A 1 48  ? 9.38379   -10.10323 -8.22064  1.000 13.60000 ? 48  ASN A CA  1 
ATOM   407  C C   . ASN A 1 48  ? 9.25018   -9.61046  -6.78635  1.000 12.70000 ? 48  ASN A C   1 
ATOM   408  O O   . ASN A 1 48  ? 10.22767  -9.63628  -6.02988  1.000 14.53000 ? 48  ASN A O   1 
ATOM   409  C CB  . ASN A 1 48  ? 9.71586   -11.58837 -8.24257  1.000 15.96000 ? 48  ASN A CB  1 
ATOM   410  C CG  . ASN A 1 48  ? 9.78618   -12.14723 -9.64599  1.000 25.26000 ? 48  ASN A CG  1 
ATOM   411  O OD1 . ASN A 1 48  ? 9.06798   -11.69538 -10.53925 1.000 23.37000 ? 48  ASN A OD1 1 
ATOM   412  N ND2 . ASN A 1 48  ? 10.65427  -13.12921 -9.85234  1.000 34.45000 ? 48  ASN A ND2 1 
ATOM   413  N N   . PHE A 1 49  ? 8.04407   -9.16860  -6.41582  1.000 11.84000 ? 49  PHE A N   1 
ATOM   414  C CA  . PHE A 1 49  ? 7.73166   -8.68731  -5.08059  1.000 10.96000 ? 49  PHE A CA  1 
ATOM   415  C C   . PHE A 1 49  ? 6.66985   -9.56791  -4.44415  1.000 11.71000 ? 49  PHE A C   1 
ATOM   416  O O   . PHE A 1 49  ? 5.68048   -9.94308  -5.08301  1.000 12.28000 ? 49  PHE A O   1 
ATOM   417  C CB  . PHE A 1 49  ? 7.18391   -7.26018  -5.10734  1.000 12.02000 ? 49  PHE A CB  1 
ATOM   418  C CG  . PHE A 1 49  ? 8.21301   -6.21335  -5.27857  1.000 10.50000 ? 49  PHE A CG  1 
ATOM   419  C CD1 . PHE A 1 49  ? 8.76794   -5.96812  -6.51485  1.000 11.66000 ? 49  PHE A CD1 1 
ATOM   420  C CD2 . PHE A 1 49  ? 8.61172   -5.44738  -4.20407  1.000 13.18000 ? 49  PHE A CD2 1 
ATOM   421  C CE1 . PHE A 1 49  ? 9.71935   -4.97817  -6.68392  1.000 13.34000 ? 49  PHE A CE1 1 
ATOM   422  C CE2 . PHE A 1 49  ? 9.57186   -4.44847  -4.36464  1.000 15.07000 ? 49  PHE A CE2 1 
ATOM   423  C CZ  . PHE A 1 49  ? 10.11921  -4.22346  -5.60370  1.000 15.43000 ? 49  PHE A CZ  1 
ATOM   424  N N   . LYS A 1 50  ? 6.85796   -9.84435  -3.16020  1.000 12.05000 ? 50  LYS A N   1 
ATOM   425  C CA  . LYS A 1 50  ? 5.80992   -10.41131 -2.32401  1.000 14.69000 ? 50  LYS A CA  1 
ATOM   426  C C   . LYS A 1 50  ? 5.71205   -9.51375  -1.10430  1.000 16.36000 ? 50  LYS A C   1 
ATOM   427  O O   . LYS A 1 50  ? 6.69691   -9.35454  -0.37345  1.000 16.06000 ? 50  LYS A O   1 
ATOM   428  C CB  . LYS A 1 50  ? 6.14477   -11.84659 -1.91323  1.000 18.63000 ? 50  LYS A CB  1 
ATOM   429  C CG  . LYS A 1 50  ? 6.28780   -12.78077 -3.10914  1.000 22.57000 ? 50  LYS A CG  1 
ATOM   430  C CD  . LYS A 1 50  ? 6.69294   -14.19523 -2.69900  1.000 30.14000 ? 50  LYS A CD  1 
ATOM   431  C CE  . LYS A 1 50  ? 7.24416   -14.96586 -3.89819  1.000 36.26000 ? 50  LYS A CE  1 
ATOM   432  N NZ  . LYS A 1 50  ? 7.09446   -16.44129 -3.76767  1.000 40.98000 ? 50  LYS A NZ  1 
ATOM   433  N N   . CYS A 1 51  ? 4.62295   -8.98008  -0.98398  1.000 15.20000 ? 51  CYS A N   1 
ATOM   434  C CA  . CYS A 1 51  ? 4.39009   -8.00394  0.07257   1.000 17.42000 ? 51  CYS A CA  1 
ATOM   435  C C   . CYS A 1 51  ? 3.36713   -8.54310  1.05865   1.000 15.57000 ? 51  CYS A C   1 
ATOM   436  O O   . CYS A 1 51  ? 2.33527   -9.09403  0.65614   1.000 15.24000 ? 51  CYS A O   1 
ATOM   437  C CB  . CYS A 1 51  ? 3.83595   -6.69303  -0.49628  1.000 16.59000 ? 51  CYS A CB  1 
ATOM   438  S SG  . CYS A 1 51  ? 5.02140   -5.74057  -1.42924  1.000 22.04000 ? 51  CYS A SG  1 
ATOM   439  N N   . LYS A 1 52  ? 3.56051   -8.27374  2.42480   1.000 14.11000 ? 52  LYS A N   1 
ATOM   440  C CA  . LYS A 1 52  ? 2.65597   -8.70201  3.48622   1.000 15.04000 ? 52  LYS A CA  1 
ATOM   441  C C   . LYS A 1 52  ? 2.59560   -7.58710  4.52105   1.000 15.38000 ? 52  LYS A C   1 
ATOM   442  O O   . LYS A 1 52  ? 3.58422   -7.31800  5.21335   1.000 15.87000 ? 52  LYS A O   1 
ATOM   443  C CB  . LYS A 1 52  ? 3.10959   -10.02475 4.10583   1.000 17.37000 ? 52  LYS A CB  1 
ATOM   444  C CG  . LYS A 1 52  ? 3.09195   -11.19222 3.12721   1.000 19.55000 ? 52  LYS A CG  1 
ATOM   445  C CD  . LYS A 1 52  ? 3.18059   -12.54950 3.82527   1.000 36.08000 ? 52  LYS A CD  1 
ATOM   446  C CE  . LYS A 1 52  ? 2.11873   -13.51979 3.29548   1.000 33.34000 ? 52  LYS A CE  1 
ATOM   447  N NZ  . LYS A 1 52  ? 0.89159   -13.59563 4.14987   1.000 31.10000 ? 52  LYS A NZ  1 
ATOM   448  N N   . ALA A 1 53  ? 1.44292   -6.93234  4.62042   1.000 13.89000 ? 53  ALA A N   1 
ATOM   449  C CA  . ALA A 1 53  ? 1.20121   -5.90431  5.62439   1.000 14.16000 ? 53  ALA A CA  1 
ATOM   450  C C   . ALA A 1 53  ? 0.32110   -6.50436  6.70995   1.000 12.77000 ? 53  ALA A C   1 
ATOM   451  O O   . ALA A 1 53  ? -0.65910  -7.20255  6.40917   1.000 14.33000 ? 53  ALA A O   1 
ATOM   452  C CB  . ALA A 1 53  ? 0.51927   -4.68490  5.00409   1.000 15.96000 ? 53  ALA A CB  1 
ATOM   453  N N   . THR A 1 54  ? 0.67585   -6.25568  7.96772   1.000 12.14000 ? 54  THR A N   1 
ATOM   454  C CA  . THR A 1 54  ? -0.04172  -6.86614  9.07823   1.000 13.84000 ? 54  THR A CA  1 
ATOM   455  C C   . THR A 1 54  ? -0.32019  -5.84190  10.17009  1.000 13.31000 ? 54  THR A C   1 
ATOM   456  O O   . THR A 1 54  ? 0.41482   -4.86692  10.35941  1.000 13.00000 ? 54  THR A O   1 
ATOM   457  C CB  . THR A 1 54  ? 0.70652   -8.05241  9.69078   1.000 15.40000 ? 54  THR A CB  1 
ATOM   458  O OG1 . THR A 1 54  ? 2.00644   -7.63358  10.10701  1.000 17.51000 ? 54  THR A OG1 1 
ATOM   459  C CG2 . THR A 1 54  ? 0.82518   -9.18317  8.68389   1.000 18.05000 ? 54  THR A CG2 1 
ATOM   460  N N   . SER A 1 55  ? -1.41811  -6.09454  10.87598  1.000 14.08000 ? 55  SER A N   1 
ATOM   461  C CA  . SER A 1 55  ? -1.85015  -5.33929  12.04082  1.000 14.24000 ? 55  SER A CA  1 
ATOM   462  C C   . SER A 1 55  ? -2.67133  -6.30496  12.87265  1.000 15.96000 ? 55  SER A C   1 
ATOM   463  O O   . SER A 1 55  ? -2.83958  -7.47707  12.50511  1.000 18.01000 ? 55  SER A O   1 
ATOM   464  C CB  . SER A 1 55  ? -2.67103  -4.11312  11.62473  1.000 16.27000 ? 55  SER A CB  1 
ATOM   465  O OG  . SER A 1 55  ? -3.89211  -4.49405  11.03695  1.000 15.90000 ? 55  SER A OG  1 
ATOM   466  N N   . THR A 1 56  ? -3.20749  -5.82564  13.99266  1.000 16.94000 ? 56  THR A N   1 
ATOM   467  C CA  . THR A 1 56  ? -4.05594  -6.67566  14.81923  1.000 19.74000 ? 56  THR A CA  1 
ATOM   468  C C   . THR A 1 56  ? -5.44049  -6.88024  14.22042  1.000 20.67000 ? 56  THR A C   1 
ATOM   469  O O   . THR A 1 56  ? -6.17704  -7.75329  14.69920  1.000 25.40000 ? 56  THR A O   1 
ATOM   470  C CB  . THR A 1 56  ? -4.18464  -6.07612  16.22258  1.000 22.26000 ? 56  THR A CB  1 
ATOM   471  O OG1 . THR A 1 56  ? -4.61703  -4.72016  16.11946  1.000 26.28000 ? 56  THR A OG1 1 
ATOM   472  C CG2 . THR A 1 56  ? -2.84889  -6.11037  16.94263  1.000 25.58000 ? 56  THR A CG2 1 
ATOM   473  N N   . PHE A 1 57  ? -5.80947  -6.12180  13.18674  1.000 18.63000 ? 57  PHE A N   1 
ATOM   474  C CA  . PHE A 1 57  ? -7.16853  -6.13787  12.66144  1.000 22.16000 ? 57  PHE A CA  1 
ATOM   475  C C   . PHE A 1 57  ? -7.26738  -6.24235  11.13329  1.000 23.68000 ? 57  PHE A C   1 
ATOM   476  O O   . PHE A 1 57  ? -8.22283  -6.79795  10.62179  1.000 26.97000 ? 57  PHE A O   1 
ATOM   477  C CB  . PHE A 1 57  ? -7.92784  -4.90199  13.13688  1.000 22.93000 ? 57  PHE A CB  1 
ATOM   478  C CG  . PHE A 1 57  ? -9.33195  -4.79042  12.59314  1.000 27.65000 ? 57  PHE A CG  1 
ATOM   479  C CD1 . PHE A 1 57  ? -10.32968 -5.64078  13.03165  1.000 33.04000 ? 57  PHE A CD1 1 
ATOM   480  C CD2 . PHE A 1 57  ? -9.65801  -3.81339  11.66954  1.000 25.99000 ? 57  PHE A CD2 1 
ATOM   481  C CE1 . PHE A 1 57  ? -11.61891 -5.53112  12.54755  1.000 33.77000 ? 57  PHE A CE1 1 
ATOM   482  C CE2 . PHE A 1 57  ? -10.94314 -3.69826  11.18193  1.000 24.16000 ? 57  PHE A CE2 1 
ATOM   483  C CZ  . PHE A 1 57  ? -11.92742 -4.55901  11.62192  1.000 24.60000 ? 57  PHE A CZ  1 
ATOM   484  N N   . LEU A 1 58  ? -6.28398  -5.68317  10.41382  1.000 17.90000 ? 58  LEU A N   1 
ATOM   485  C CA  . LEU A 1 58  ? -6.34282  -5.60585  8.95111   1.000 17.69000 ? 58  LEU A CA  1 
ATOM   486  C C   . LEU A 1 58  ? -5.02164  -6.11843  8.39980   1.000 15.44000 ? 58  LEU A C   1 
ATOM   487  O O   . LEU A 1 58  ? -3.96011  -5.56659  8.71733   1.000 16.49000 ? 58  LEU A O   1 
ATOM   488  C CB  . LEU A 1 58  ? -6.57855  -4.15861  8.51071   1.000 19.03000 ? 58  LEU A CB  1 
ATOM   489  C CG  . LEU A 1 58  ? -6.45126  -3.84160  7.02013   1.000 20.18000 ? 58  LEU A CG  1 
ATOM   490  C CD1 . LEU A 1 58  ? -7.33444  -4.75899  6.17739   1.000 25.98000 ? 58  LEU A CD1 1 
ATOM   491  C CD2 . LEU A 1 58  ? -6.79715  -2.38378  6.76331   1.000 27.83000 ? 58  LEU A CD2 1 
ATOM   492  N N   . ASN A 1 59  ? -5.07621  -7.17219  7.59776   1.000 15.21000 ? 59  ASN A N   1 
ATOM   493  C CA  . ASN A 1 59  ? -3.89487  -7.73818  6.95223   1.000 14.70000 ? 59  ASN A CA  1 
ATOM   494  C C   . ASN A 1 59  ? -4.07930  -7.66177  5.44466   1.000 15.83000 ? 59  ASN A C   1 
ATOM   495  O O   . ASN A 1 59  ? -5.17964  -7.90581  4.93277   1.000 18.38000 ? 59  ASN A O   1 
ATOM   496  C CB  . ASN A 1 59  ? -3.70169  -9.19532  7.34826   1.000 16.84000 ? 59  ASN A CB  1 
ATOM   497  C CG  . ASN A 1 59  ? -3.45201  -9.37005  8.82608   1.000 18.02000 ? 59  ASN A CG  1 
ATOM   498  O OD1 . ASN A 1 59  ? -2.60898  -8.68830  9.41653   1.000 16.89000 ? 59  ASN A OD1 1 
ATOM   499  N ND2 . ASN A 1 59  ? -4.17793  -10.28885 9.44279   1.000 23.78000 ? 59  ASN A ND2 1 
ATOM   500  N N   . TYR A 1 60  ? -3.00949  -7.34961  4.72214   1.000 13.49000 ? 60  TYR A N   1 
ATOM   501  C CA  . TYR A 1 60  ? -3.08451  -7.12269  3.28565   1.000 13.12000 ? 60  TYR A CA  1 
ATOM   502  C C   . TYR A 1 60  ? -1.87902  -7.75444  2.61582   1.000 15.03000 ? 60  TYR A C   1 
ATOM   503  O O   . TYR A 1 60  ? -0.74031  -7.48472  3.01254   1.000 15.66000 ? 60  TYR A O   1 
ATOM   504  C CB  . TYR A 1 60  ? -3.13182  -5.62234  2.98979   1.000 14.94000 ? 60  TYR A CB  1 
ATOM   505  C CG  . TYR A 1 60  ? -2.98502  -5.27514  1.52579   1.000 18.04000 ? 60  TYR A CG  1 
ATOM   506  C CD1 . TYR A 1 60  ? -1.76992  -4.84883  1.00679   1.000 20.22000 ? 60  TYR A CD1 1 
ATOM   507  C CD2 . TYR A 1 60  ? -4.05916  -5.38084  0.65601   1.000 19.91000 ? 60  TYR A CD2 1 
ATOM   508  C CE1 . TYR A 1 60  ? -1.62617  -4.52991  -0.33596  1.000 19.73000 ? 60  TYR A CE1 1 
ATOM   509  C CE2 . TYR A 1 60  ? -3.91990  -5.06694  -0.69954  1.000 19.87000 ? 60  TYR A CE2 1 
ATOM   510  C CZ  . TYR A 1 60  ? -2.69958  -4.64091  -1.17860  1.000 18.49000 ? 60  TYR A CZ  1 
ATOM   511  O OH  . TYR A 1 60  ? -2.54234  -4.32111  -2.51134  1.000 24.95000 ? 60  TYR A OH  1 
ATOM   512  N N   . ASP A 1 61  ? -2.12519  -8.59435  1.61603   1.000 13.61000 ? 61  ASP A N   1 
ATOM   513  C CA  . ASP A 1 61  ? -1.06776  -9.26401  0.87347   1.000 13.87000 ? 61  ASP A CA  1 
ATOM   514  C C   . ASP A 1 61  ? -1.19061  -8.91367  -0.59930  1.000 14.59000 ? 61  ASP A C   1 
ATOM   515  O O   . ASP A 1 61  ? -2.30274  -8.83578  -1.13738  1.000 15.14000 ? 61  ASP A O   1 
ATOM   516  C CB  . ASP A 1 61  ? -1.17280  -10.78899 0.97388   1.000 16.19000 ? 61  ASP A CB  1 
ATOM   517  C CG  . ASP A 1 61  ? -0.97295  -11.30312 2.37540   1.000 19.60000 ? 61  ASP A CG  1 
ATOM   518  O OD1 . ASP A 1 61  ? -0.33830  -10.60098 3.19528   1.000 20.76000 ? 61  ASP A OD1 1 
ATOM   519  O OD2 . ASP A 1 61  ? -1.43578  -12.43232 2.64888   1.000 22.10000 ? 61  ASP A OD2 1 
ATOM   520  N N   . VAL A 1 62  ? -0.05791  -8.73288  -1.26808  1.000 13.59000 ? 62  VAL A N   1 
ATOM   521  C CA  . VAL A 1 62  ? -0.05088  -8.58586  -2.71843  1.000 14.55000 ? 62  VAL A CA  1 
ATOM   522  C C   . VAL A 1 62  ? 1.26863   -9.11529  -3.24723  1.000 14.48000 ? 62  VAL A C   1 
ATOM   523  O O   . VAL A 1 62  ? 2.32827   -8.89584  -2.65089  1.000 15.63000 ? 62  VAL A O   1 
ATOM   524  C CB  . VAL A 1 62  ? -0.33899  -7.14335  -3.17834  1.000 14.87000 ? 62  VAL A CB  1 
ATOM   525  C CG1 . VAL A 1 62  ? 0.81006   -6.21969  -2.79941  1.000 17.83000 ? 62  VAL A CG1 1 
ATOM   526  C CG2 . VAL A 1 62  ? -0.61119  -7.10292  -4.68344  1.000 19.19000 ? 62  VAL A CG2 1 
ATOM   527  N N   . ASP A 1 63  ? 1.19323   -9.83450  -4.35240  1.000 13.97000 ? 63  ASP A N   1 
ATOM   528  C CA  . ASP A 1 63  ? 2.36135   -10.33634 -5.06270  1.000 14.38000 ? 63  ASP A CA  1 
ATOM   529  C C   . ASP A 1 63  ? 2.28451   -9.83408  -6.49574  1.000 14.50000 ? 63  ASP A C   1 
ATOM   530  O O   . ASP A 1 63  ? 1.20196   -9.80418  -7.09567  1.000 15.99000 ? 63  ASP A O   1 
ATOM   531  C CB  . ASP A 1 63  ? 2.36546   -11.86481 -5.11657  1.000 17.40000 ? 63  ASP A CB  1 
ATOM   532  C CG  . ASP A 1 63  ? 2.53131   -12.50824 -3.75707  1.000 24.06000 ? 63  ASP A CG  1 
ATOM   533  O OD1 . ASP A 1 63  ? 2.81852   -11.79769 -2.77334  1.000 26.95000 ? 63  ASP A OD1 1 
ATOM   534  O OD2 . ASP A 1 63  ? 2.37396   -13.74342 -3.67935  1.000 37.80000 ? 63  ASP A OD2 1 
ATOM   535  N N   . PHE A 1 64  ? 3.42787   -9.45526  -7.04892  1.000 11.67000 ? 64  PHE A N   1 
ATOM   536  C CA  . PHE A 1 64  ? 3.42872   -8.93376  -8.39877  1.000 12.26000 ? 64  PHE A CA  1 
ATOM   537  C C   . PHE A 1 64  ? 4.83941   -8.98208  -8.96743  1.000 11.66000 ? 64  PHE A C   1 
ATOM   538  O O   . PHE A 1 64  ? 5.83200   -9.09510  -8.23597  1.000 11.61000 ? 64  PHE A O   1 
ATOM   539  C CB  . PHE A 1 64  ? 2.88289   -7.49959  -8.45169  1.000 12.65000 ? 64  PHE A CB  1 
ATOM   540  C CG  . PHE A 1 64  ? 3.66701   -6.50802  -7.62191  1.000 11.67000 ? 64  PHE A CG  1 
ATOM   541  C CD1 . PHE A 1 64  ? 4.79417   -5.87251  -8.12654  1.000 12.28000 ? 64  PHE A CD1 1 
ATOM   542  C CD2 . PHE A 1 64  ? 3.26331   -6.20835  -6.32868  1.000 12.66000 ? 64  PHE A CD2 1 
ATOM   543  C CE1 . PHE A 1 64  ? 5.51014   -4.96912  -7.35124  1.000 12.17000 ? 64  PHE A CE1 1 
ATOM   544  C CE2 . PHE A 1 64  ? 3.97195   -5.30566  -5.55991  1.000 13.25000 ? 64  PHE A CE2 1 
ATOM   545  C CZ  . PHE A 1 64  ? 5.10084   -4.68817  -6.07098  1.000 11.75000 ? 64  PHE A CZ  1 
ATOM   546  N N   . THR A 1 65  ? 4.90535   -8.87690  -10.28383 1.000 11.73000 ? 65  THR A N   1 
ATOM   547  C CA  . THR A 1 65  ? 6.14431   -8.64489  -11.01559 1.000 11.81000 ? 65  THR A CA  1 
ATOM   548  C C   . THR A 1 65  ? 6.08642   -7.23556  -11.60120 1.000 10.20000 ? 65  THR A C   1 
ATOM   549  O O   . THR A 1 65  ? 5.08884   -6.85062  -12.23377 1.000 10.59000 ? 65  THR A O   1 
ATOM   550  C CB  . THR A 1 65  ? 6.30632   -9.69214  -12.12621 1.000 13.73000 ? 65  THR A CB  1 
ATOM   551  O OG1 . THR A 1 65  ? 6.35291   -11.00159 -11.53331 1.000 18.64000 ? 65  THR A OG1 1 
ATOM   552  C CG2 . THR A 1 65  ? 7.58224   -9.46854  -12.94614 1.000 15.10000 ? 65  THR A CG2 1 
ATOM   553  N N   . VAL A 1 66  ? 7.14713   -6.46259  -11.38692 1.000 10.72000 ? 66  VAL A N   1 
ATOM   554  C CA  . VAL A 1 66  ? 7.21145   -5.12379  -11.95935 1.000 10.82000 ? 66  VAL A CA  1 
ATOM   555  C C   . VAL A 1 66  ? 7.00393   -5.19788  -13.46763 1.000 11.41000 ? 66  VAL A C   1 
ATOM   556  O O   . VAL A 1 66  ? 7.60172   -6.03452  -14.14451 1.000 12.69000 ? 66  VAL A O   1 
ATOM   557  C CB  . VAL A 1 66  ? 8.54792   -4.45048  -11.58141 1.000 13.06000 ? 66  VAL A CB  1 
ATOM   558  C CG1 . VAL A 1 66  ? 8.71208   -3.11863  -12.30326 1.000 15.85000 ? 66  VAL A CG1 1 
ATOM   559  C CG2 . VAL A 1 66  ? 8.61977   -4.25849  -10.07478 1.000 15.11000 ? 66  VAL A CG2 1 
ATOM   560  N N   . GLY A 1 67  ? 6.14823   -4.33006  -13.98354 1.000 9.95000  ? 67  GLY A N   1 
ATOM   561  C CA  . GLY A 1 67  ? 5.89686   -4.25671  -15.40967 1.000 11.60000 ? 67  GLY A CA  1 
ATOM   562  C C   . GLY A 1 67  ? 4.92219   -5.27328  -15.96072 1.000 12.11000 ? 67  GLY A C   1 
ATOM   563  O O   . GLY A 1 67  ? 4.75709   -5.31808  -17.18432 1.000 12.80000 ? 67  GLY A O   1 
ATOM   564  N N   . VAL A 1 68  ? 4.27951   -6.09133  -15.12204 1.000 9.88000  ? 68  VAL A N   1 
ATOM   565  C CA  . VAL A 1 68  ? 3.32704   -7.11324  -15.57241 1.000 11.63000 ? 68  VAL A CA  1 
ATOM   566  C C   . VAL A 1 68  ? 1.96812   -6.77379  -14.97922 1.000 10.09000 ? 68  VAL A C   1 
ATOM   567  O O   . VAL A 1 68  ? 1.79019   -6.84251  -13.76156 1.000 10.20000 ? 68  VAL A O   1 
ATOM   568  C CB  . VAL A 1 68  ? 3.77051   -8.52110  -15.15827 1.000 11.20000 ? 68  VAL A CB  1 
ATOM   569  C CG1 . VAL A 1 68  ? 2.74273   -9.57792  -15.56992 1.000 12.99000 ? 68  VAL A CG1 1 
ATOM   570  C CG2 . VAL A 1 68  ? 5.13056   -8.83456  -15.76518 1.000 12.12000 ? 68  VAL A CG2 1 
ATOM   571  N N   . GLU A 1 69  ? 1.01872   -6.38611  -15.82931 1.000 10.66000 ? 69  GLU A N   1 
ATOM   572  C CA  . GLU A 1 69  ? -0.31040  -6.06597  -15.32227 1.000 11.19000 ? 69  GLU A CA  1 
ATOM   573  C C   . GLU A 1 69  ? -0.95400  -7.30335  -14.69678 1.000 10.72000 ? 69  GLU A C   1 
ATOM   574  O O   . GLU A 1 69  ? -0.75534  -8.42700  -15.16586 1.000 12.46000 ? 69  GLU A O   1 
ATOM   575  C CB  . GLU A 1 69  ? -1.19135  -5.52110  -16.45881 1.000 12.65000 ? 69  GLU A CB  1 
ATOM   576  C CG  . GLU A 1 69  ? -2.53746  -4.98974  -16.00320 1.000 16.75000 ? 69  GLU A CG  1 
ATOM   577  C CD  . GLU A 1 69  ? -3.32000  -4.34012  -17.13189 1.000 22.43000 ? 69  GLU A CD  1 
ATOM   578  O OE1 . GLU A 1 69  ? -3.51543  -3.10412  -17.08561 1.000 26.72000 ? 69  GLU A OE1 1 
ATOM   579  O OE2 . GLU A 1 69  ? -3.72587  -5.05721  -18.06496 1.000 25.69000 ? 69  GLU A OE2 1 
ATOM   580  N N   . PHE A 1 70  ? -1.69384  -7.11459  -13.61494 1.000 11.32000 ? 70  PHE A N   1 
ATOM   581  C CA  . PHE A 1 70  ? -2.30360  -8.23392  -12.92154 1.000 11.35000 ? 70  PHE A CA  1 
ATOM   582  C C   . PHE A 1 70  ? -3.65523  -7.83230  -12.35685 1.000 12.11000 ? 70  PHE A C   1 
ATOM   583  O O   . PHE A 1 70  ? -3.92077  -6.66048  -12.10222 1.000 12.39000 ? 70  PHE A O   1 
ATOM   584  C CB  . PHE A 1 70  ? -1.38573  -8.80953  -11.81533 1.000 12.29000 ? 70  PHE A CB  1 
ATOM   585  C CG  . PHE A 1 70  ? -1.11073  -7.86517  -10.66709 1.000 12.30000 ? 70  PHE A CG  1 
ATOM   586  C CD1 . PHE A 1 70  ? -0.20253  -6.82984  -10.79118 1.000 13.58000 ? 70  PHE A CD1 1 
ATOM   587  C CD2 . PHE A 1 70  ? -1.72833  -8.04869  -9.43215  1.000 13.86000 ? 70  PHE A CD2 1 
ATOM   588  C CE1 . PHE A 1 70  ? 0.06719   -5.98375  -9.73478  1.000 14.53000 ? 70  PHE A CE1 1 
ATOM   589  C CE2 . PHE A 1 70  ? -1.45520  -7.20351  -8.38347  1.000 14.99000 ? 70  PHE A CE2 1 
ATOM   590  C CZ  . PHE A 1 70  ? -0.56815  -6.17434  -8.53563  1.000 14.61000 ? 70  PHE A CZ  1 
ATOM   591  N N   . ASP A 1 71  ? -4.53075  -8.81970  -12.18844 1.000 13.49000 ? 71  ASP A N   1 
ATOM   592  C CA  . ASP A 1 71  ? -5.81354  -8.59350  -11.53597 1.000 13.95000 ? 71  ASP A CA  1 
ATOM   593  C C   . ASP A 1 71  ? -5.63089  -8.61878  -10.02565 1.000 16.17000 ? 71  ASP A C   1 
ATOM   594  O O   . ASP A 1 71  ? -5.00147  -9.53177  -9.47597  1.000 17.54000 ? 71  ASP A O   1 
ATOM   595  C CB  . ASP A 1 71  ? -6.80973  -9.66748  -11.96609 1.000 17.50000 ? 71  ASP A CB  1 
ATOM   596  C CG  . ASP A 1 71  ? -7.18115  -9.54809  -13.42203 1.000 17.31000 ? 71  ASP A CG  1 
ATOM   597  O OD1 . ASP A 1 71  ? -6.71723  -10.38639 -14.23341 1.000 31.69000 ? 71  ASP A OD1 1 
ATOM   598  O OD2 . ASP A 1 71  ? -7.90568  -8.60262  -13.78197 1.000 21.88000 ? 71  ASP A OD2 1 
ATOM   599  N N   . GLU A 1 72  ? -6.12773  -7.59009  -9.35713  1.000 13.11000 ? 72  GLU A N   1 
ATOM   600  C CA  . GLU A 1 72  ? -6.09472  -7.52558  -7.90734  1.000 14.37000 ? 72  GLU A CA  1 
ATOM   601  C C   . GLU A 1 72  ? -7.52749  -7.48097  -7.39856  1.000 14.69000 ? 72  GLU A C   1 
ATOM   602  O O   . GLU A 1 72  ? -8.34276  -6.68786  -7.88462  1.000 14.59000 ? 72  GLU A O   1 
ATOM   603  C CB  . GLU A 1 72  ? -5.30558  -6.31419  -7.39793  1.000 13.30000 ? 72  GLU A CB  1 
ATOM   604  C CG  . GLU A 1 72  ? -5.15328  -6.33571  -5.87322  1.000 15.55000 ? 72  GLU A CG  1 
ATOM   605  C CD  . GLU A 1 72  ? -4.35729  -5.18260  -5.29530  1.000 15.69000 ? 72  GLU A CD  1 
ATOM   606  O OE1 . GLU A 1 72  ? -3.93916  -4.28544  -6.05892  1.000 18.33000 ? 72  GLU A OE1 1 
ATOM   607  O OE2 . GLU A 1 72  ? -4.16187  -5.17304  -4.06138  1.000 20.40000 ? 72  GLU A OE2 1 
ATOM   608  N N   . TYR A 1 73  ? -7.83813  -8.33764  -6.43400  1.000 14.62000 ? 73  TYR A N   1 
ATOM   609  C CA  . TYR A 1 73  ? -9.13396  -8.35380  -5.76849  1.000 13.83000 ? 73  TYR A CA  1 
ATOM   610  C C   . TYR A 1 73  ? -8.88329  -7.88292  -4.35154  1.000 13.33000 ? 73  TYR A C   1 
ATOM   611  O O   . TYR A 1 73  ? -8.19224  -8.55153  -3.57248  1.000 15.97000 ? 73  TYR A O   1 
ATOM   612  C CB  . TYR A 1 73  ? -9.74904  -9.75326  -5.85219  1.000 15.73000 ? 73  TYR A CB  1 
ATOM   613  C CG  . TYR A 1 73  ? -9.87355  -10.18069 -7.29101  1.000 17.83000 ? 73  TYR A CG  1 
ATOM   614  C CD1 . TYR A 1 73  ? -8.84499  -10.87047 -7.92860  1.000 19.74000 ? 73  TYR A CD1 1 
ATOM   615  C CD2 . TYR A 1 73  ? -10.99122 -9.83871  -8.03803  1.000 20.63000 ? 73  TYR A CD2 1 
ATOM   616  C CE1 . TYR A 1 73  ? -8.94978  -11.23354 -9.27376  1.000 21.67000 ? 73  TYR A CE1 1 
ATOM   617  C CE2 . TYR A 1 73  ? -11.10572 -10.19513 -9.37271  1.000 21.94000 ? 73  TYR A CE2 1 
ATOM   618  C CZ  . TYR A 1 73  ? -10.08211 -10.89174 -9.98136  1.000 19.77000 ? 73  TYR A CZ  1 
ATOM   619  O OH  . TYR A 1 73  ? -10.20570 -11.23574 -11.31038 1.000 27.92000 ? 73  TYR A OH  1 
ATOM   620  N N   . THR A 1 74  ? -9.39055  -6.70915  -4.04263  1.000 13.11000 ? 74  THR A N   1 
ATOM   621  C CA  . THR A 1 74  ? -9.03211  -6.01929  -2.80040  1.000 16.73000 ? 74  THR A CA  1 
ATOM   622  C C   . THR A 1 74  ? -9.95150  -6.47053  -1.64976  1.000 14.66000 ? 74  THR A C   1 
ATOM   623  O O   . THR A 1 74  ? -10.56299 -5.69079  -0.94967  1.000 14.92000 ? 74  THR A O   1 
ATOM   624  C CB  . THR A 1 74  ? -9.10333  -4.51770  -3.00406  1.000 13.97000 ? 74  THR A CB  1 
ATOM   625  O OG1 . THR A 1 74  ? -10.43751 -4.15669  -3.38535  1.000 14.56000 ? 74  THR A OG1 1 
ATOM   626  C CG2 . THR A 1 74  ? -8.13941  -4.09870  -4.11537  1.000 18.45000 ? 74  THR A CG2 1 
ATOM   627  N N   . LYS A 1 75  ? -9.96553  -7.80395  -1.44902  1.000 16.86000 ? 75  LYS A N   1 
ATOM   628  C CA  . LYS A 1 75  ? -10.96894 -8.40580  -0.57210  1.000 16.60000 ? 75  LYS A CA  1 
ATOM   629  C C   . LYS A 1 75  ? -10.72413 -8.12967  0.90132   1.000 17.02000 ? 75  LYS A C   1 
ATOM   630  O O   . LYS A 1 75  ? -11.65021 -8.29035  1.70145   1.000 24.62000 ? 75  LYS A O   1 
ATOM   631  C CB  . LYS A 1 75  ? -11.09667 -9.90155  -0.88368  1.000 21.86000 ? 75  LYS A CB  1 
ATOM   632  C CG  . LYS A 1 75  ? -11.55675 -10.16168 -2.32102  1.000 19.43000 ? 75  LYS A CG  1 
ATOM   633  C CD  . LYS A 1 75  ? -12.07869 -11.57808 -2.51679  1.000 24.01000 ? 75  LYS A CD  1 
ATOM   634  C CE  . LYS A 1 75  ? -13.58577 -11.66541 -2.30998  1.000 26.29000 ? 75  LYS A CE  1 
ATOM   635  N NZ  . LYS A 1 75  ? -14.34860 -10.81301 -3.26026  1.000 32.11000 ? 75  LYS A NZ  1 
ATOM   636  N N   . SER A 1 76  ? -9.51748  -7.71791  1.28514   1.000 16.49000 ? 76  SER A N   1 
ATOM   637  C CA  . SER A 1 76  ? -9.27746  -7.30990  2.66358   1.000 16.64000 ? 76  SER A CA  1 
ATOM   638  C C   . SER A 1 76  ? -9.68350  -5.86450  2.92555   1.000 16.77000 ? 76  SER A C   1 
ATOM   639  O O   . SER A 1 76  ? -9.74886  -5.44937  4.08837   1.000 20.95000 ? 76  SER A O   1 
ATOM   640  C CB  . SER A 1 76  ? -7.80966  -7.53500  3.04490   1.000 20.09000 ? 76  SER A CB  1 
ATOM   641  O OG  . SER A 1 76  ? -6.93714  -6.93903  2.10114   1.000 27.76000 ? 76  SER A OG  1 
ATOM   642  N N   . LEU A 1 77  ? -9.97667  -5.09672  1.87402   1.000 17.01000 ? 77  LEU A N   1 
ATOM   643  C CA  . LEU A 1 77  ? -10.32629 -3.69585  2.00782   1.000 17.23000 ? 77  LEU A CA  1 
ATOM   644  C C   . LEU A 1 77  ? -11.72616 -3.52355  1.50544   1.000 17.21000 ? 77  LEU A C   1 
ATOM   645  O O   . LEU A 1 77  ? -12.70712 -3.87277  2.17108   1.000 19.87000 ? 77  LEU A O   1 
ATOM   646  C CB  . LEU A 1 77  ? -9.30669  -2.80928  1.29340   1.000 20.56000 ? 77  LEU A CB  1 
ATOM   647  C CG  . LEU A 1 77  ? -7.90298  -2.74799  1.87849   1.000 20.68000 ? 77  LEU A CG  1 
ATOM   648  C CD1 . LEU A 1 77  ? -6.98195  -2.00183  0.92730   1.000 30.59000 ? 77  LEU A CD1 1 
ATOM   649  C CD2 . LEU A 1 77  ? -7.91620  -2.09753  3.25202   1.000 29.41000 ? 77  LEU A CD2 1 
ATOM   650  N N   . ASP A 1 78  ? -11.90058 -2.98495  0.28469   1.000 16.68000 ? 78  ASP A N   1 
ATOM   651  C CA  . ASP A 1 78  ? -13.18975 -2.56870  -0.23772  1.000 18.27000 ? 78  ASP A CA  1 
ATOM   652  C C   . ASP A 1 78  ? -13.84379 -3.61388  -1.12803  1.000 16.31000 ? 78  ASP A C   1 
ATOM   653  O O   . ASP A 1 78  ? -14.96091 -3.39184  -1.59876  1.000 18.25000 ? 78  ASP A O   1 
ATOM   654  C CB  . ASP A 1 78  ? -13.04953 -1.24648  -0.99548  1.000 16.65000 ? 78  ASP A CB  1 
ATOM   655  C CG  . ASP A 1 78  ? -12.03875 -1.32763  -2.12464  1.000 13.39000 ? 78  ASP A CG  1 
ATOM   656  O OD1 . ASP A 1 78  ? -10.96424 -1.94897  -1.94703  1.000 15.36000 ? 78  ASP A OD1 1 
ATOM   657  O OD2 . ASP A 1 78  ? -12.31591 -0.74391  -3.18335  1.000 14.64000 ? 78  ASP A OD2 1 
ATOM   658  N N   A ASN A 1 79  ? -13.19061 -4.75046  -1.36327  0.320 15.92000 ? 79  ASN A N   1 
ATOM   659  N N   B ASN A 1 79  ? -13.15666 -4.72319  -1.40203  0.680 15.82000 ? 79  ASN A N   1 
ATOM   660  C CA  A ASN A 1 79  ? -13.79666 -5.84877  -2.11379  0.320 17.33000 ? 79  ASN A CA  1 
ATOM   661  C CA  B ASN A 1 79  ? -13.75576 -5.86074  -2.09583  0.680 17.27000 ? 79  ASN A CA  1 
ATOM   662  C C   A ASN A 1 79  ? -14.15147 -5.41324  -3.53521  0.320 18.07000 ? 79  ASN A C   1 
ATOM   663  C C   B ASN A 1 79  ? -14.10143 -5.52478  -3.54601  0.680 18.12000 ? 79  ASN A C   1 
ATOM   664  O O   A ASN A 1 79  ? -15.29950 -5.50471  -3.97710  0.320 19.30000 ? 79  ASN A O   1 
ATOM   665  O O   B ASN A 1 79  ? -15.19990 -5.81221  -4.02732  0.680 19.16000 ? 79  ASN A O   1 
ATOM   666  C CB  A ASN A 1 79  ? -15.03168 -6.39854  -1.39248  0.320 19.40000 ? 79  ASN A CB  1 
ATOM   667  C CB  B ASN A 1 79  ? -14.97312 -6.39514  -1.33585  0.680 19.38000 ? 79  ASN A CB  1 
ATOM   668  C CG  A ASN A 1 79  ? -14.71049 -7.56233  -0.49043  0.320 22.30000 ? 79  ASN A CG  1 
ATOM   669  C CG  B ASN A 1 79  ? -15.18837 -7.86563  -1.55435  0.680 19.76000 ? 79  ASN A CG  1 
ATOM   670  O OD1 A ASN A 1 79  ? -14.11698 -8.55533  -0.91762  0.320 23.79000 ? 79  ASN A OD1 1 
ATOM   671  O OD1 B ASN A 1 79  ? -14.42531 -8.51144  -2.26593  0.680 22.96000 ? 79  ASN A OD1 1 
ATOM   672  N ND2 A ASN A 1 79  ? -15.10946 -7.45342  0.76938   0.320 26.95000 ? 79  ASN A ND2 1 
ATOM   673  N ND2 B ASN A 1 79  ? -16.23054 -8.41035  -0.94065  0.680 24.38000 ? 79  ASN A ND2 1 
ATOM   674  N N   . ARG A 1 80  ? -13.14416 -4.92404  -4.24904  1.000 13.84000 ? 80  ARG A N   1 
ATOM   675  C CA  . ARG A 1 80  ? -13.30604 -4.54244  -5.63804  1.000 12.49000 ? 80  ARG A CA  1 
ATOM   676  C C   . ARG A 1 80  ? -12.26254 -5.23419  -6.50109  1.000 12.95000 ? 80  ARG A C   1 
ATOM   677  O O   . ARG A 1 80  ? -11.22626 -5.69294  -6.00807  1.000 15.56000 ? 80  ARG A O   1 
ATOM   678  C CB  . ARG A 1 80  ? -13.19015 -3.01667  -5.79648  1.000 12.97000 ? 80  ARG A CB  1 
ATOM   679  C CG  . ARG A 1 80  ? -14.42015 -2.23753  -5.31748  1.000 14.64000 ? 80  ARG A CG  1 
ATOM   680  C CD  . ARG A 1 80  ? -14.32439 -0.77962  -5.71092  1.000 17.09000 ? 80  ARG A CD  1 
ATOM   681  N NE  . ARG A 1 80  ? -15.51787 -0.03251  -5.31982  1.000 18.53000 ? 80  ARG A NE  1 
ATOM   682  C CZ  . ARG A 1 80  ? -15.62903 0.67168   -4.20239  1.000 20.37000 ? 80  ARG A CZ  1 
ATOM   683  N NH1 . ARG A 1 80  ? -14.62051 0.74224   -3.34376  1.000 18.68000 ? 80  ARG A NH1 1 
ATOM   684  N NH2 . ARG A 1 80  ? -16.75873 1.32041   -3.94850  1.000 22.67000 ? 80  ARG A NH2 1 
ATOM   685  N N   . HIS A 1 81  ? -12.53429 -5.30739  -7.78954  1.000 12.91000 ? 81  HIS A N   1 
ATOM   686  C CA  . HIS A 1 81  ? -11.56518 -5.76783  -8.77198  1.000 13.14000 ? 81  HIS A CA  1 
ATOM   687  C C   . HIS A 1 81  ? -10.89559 -4.56559  -9.41889  1.000 13.30000 ? 81  HIS A C   1 
ATOM   688  O O   . HIS A 1 81  ? -11.58249 -3.65248  -9.89394  1.000 14.60000 ? 81  HIS A O   1 
ATOM   689  C CB  . HIS A 1 81  ? -12.23625 -6.60600  -9.85998  1.000 15.19000 ? 81  HIS A CB  1 
ATOM   690  C CG  . HIS A 1 81  ? -11.33780 -6.92075  -11.01020 1.000 18.85000 ? 81  HIS A CG  1 
ATOM   691  N ND1 . HIS A 1 81  ? -11.70446 -6.72157  -12.32413 1.000 31.11000 ? 81  HIS A ND1 1 
ATOM   692  C CD2 . HIS A 1 81  ? -10.07571 -7.41759  -11.04662 1.000 19.40000 ? 81  HIS A CD2 1 
ATOM   693  C CE1 . HIS A 1 81  ? -10.71025 -7.08073  -13.11947 1.000 32.76000 ? 81  HIS A CE1 1 
ATOM   694  N NE2 . HIS A 1 81  ? -9.70860  -7.50173  -12.36805 1.000 22.22000 ? 81  HIS A NE2 1 
ATOM   695  N N   . VAL A 1 82  ? -9.56359  -4.57959  -9.45451  1.000 12.29000 ? 82  VAL A N   1 
ATOM   696  C CA  . VAL A 1 82  ? -8.78397  -3.56663  -10.16047 1.000 13.04000 ? 82  VAL A CA  1 
ATOM   697  C C   . VAL A 1 82  ? -7.74926  -4.23985  -11.03997 1.000 11.14000 ? 82  VAL A C   1 
ATOM   698  O O   . VAL A 1 82  ? -7.31426  -5.37467  -10.76739 1.000 13.24000 ? 82  VAL A O   1 
ATOM   699  C CB  . VAL A 1 82  ? -8.12582  -2.52163  -9.22425  1.000 13.03000 ? 82  VAL A CB  1 
ATOM   700  C CG1 . VAL A 1 82  ? -9.19107  -1.72455  -8.49321  1.000 13.61000 ? 82  VAL A CG1 1 
ATOM   701  C CG2 . VAL A 1 82  ? -7.17141  -3.19835  -8.23768  1.000 15.10000 ? 82  VAL A CG2 1 
ATOM   702  N N   . LYS A 1 83  ? -7.37148  -3.56988  -12.10570 1.000 11.26000 ? 83  LYS A N   1 
ATOM   703  C CA  . LYS A 1 83  ? -6.26460  -3.98830  -12.93880 1.000 12.59000 ? 83  LYS A CA  1 
ATOM   704  C C   . LYS A 1 83  ? -5.06556  -3.18812  -12.48087 1.000 11.35000 ? 83  LYS A C   1 
ATOM   705  O O   . LYS A 1 83  ? -5.00486  -1.95945  -12.65920 1.000 12.52000 ? 83  LYS A O   1 
ATOM   706  C CB  . LYS A 1 83  ? -6.54760  -3.75869  -14.41374 1.000 15.79000 ? 83  LYS A CB  1 
ATOM   707  C CG  . LYS A 1 83  ? -7.82262  -4.45007  -14.86346 1.000 24.31000 ? 83  LYS A CG  1 
ATOM   708  C CD  . LYS A 1 83  ? -8.58731  -3.60833  -15.87112 1.000 33.81000 ? 83  LYS A CD  1 
ATOM   709  C CE  . LYS A 1 83  ? -9.16845  -2.34543  -15.23910 1.000 33.83000 ? 83  LYS A CE  1 
ATOM   710  N NZ  . LYS A 1 83  ? -10.39814 -2.58917  -14.43003 1.000 31.94000 ? 83  LYS A NZ  1 
ATOM   711  N N   . ALA A 1 84  ? -4.11810  -3.85586  -11.83134 1.000 11.18000 ? 84  ALA A N   1 
ATOM   712  C CA  . ALA A 1 84  ? -2.99707  -3.22452  -11.17720 1.000 10.78000 ? 84  ALA A CA  1 
ATOM   713  C C   . ALA A 1 84  ? -1.74439  -3.37184  -12.02137 1.000 10.94000 ? 84  ALA A C   1 
ATOM   714  O O   . ALA A 1 84  ? -1.54244  -4.37205  -12.71023 1.000 11.17000 ? 84  ALA A O   1 
ATOM   715  C CB  . ALA A 1 84  ? -2.78820  -3.83971  -9.79007  1.000 11.65000 ? 84  ALA A CB  1 
ATOM   716  N N   . LEU A 1 85  ? -0.88759  -2.36043  -11.96367 1.000 11.27000 ? 85  LEU A N   1 
ATOM   717  C CA  . LEU A 1 85  ? 0.36250   -2.37172  -12.71385 1.000 9.82000  ? 85  LEU A CA  1 
ATOM   718  C C   . LEU A 1 85  ? 1.37057   -1.57251  -11.91074 1.000 10.78000 ? 85  LEU A C   1 
ATOM   719  O O   . LEU A 1 85  ? 1.09387   -0.41911  -11.55206 1.000 11.14000 ? 85  LEU A O   1 
ATOM   720  C CB  . LEU A 1 85  ? 0.15257   -1.74642  -14.08528 1.000 11.35000 ? 85  LEU A CB  1 
ATOM   721  C CG  . LEU A 1 85  ? 1.39126   -1.58304  -14.95319 1.000 10.97000 ? 85  LEU A CG  1 
ATOM   722  C CD1 . LEU A 1 85  ? 2.09577   -2.89471  -15.26712 1.000 13.00000 ? 85  LEU A CD1 1 
ATOM   723  C CD2 . LEU A 1 85  ? 0.99844   -0.85576  -16.23849 1.000 16.12000 ? 85  LEU A CD2 1 
ATOM   724  N N   . VAL A 1 86  ? 2.50303   -2.19022  -11.59151 1.000 9.00000  ? 86  VAL A N   1 
ATOM   725  C CA  . VAL A 1 86  ? 3.55566   -1.58162  -10.77932 1.000 8.81000  ? 86  VAL A CA  1 
ATOM   726  C C   . VAL A 1 86  ? 4.77559   -1.36719  -11.66702 1.000 9.59000  ? 86  VAL A C   1 
ATOM   727  O O   . VAL A 1 86  ? 5.24635   -2.30140  -12.32455 1.000 11.15000 ? 86  VAL A O   1 
ATOM   728  C CB  . VAL A 1 86  ? 3.91916   -2.45528  -9.56669  1.000 9.70000  ? 86  VAL A CB  1 
ATOM   729  C CG1 . VAL A 1 86  ? 4.88524   -1.69007  -8.65967  1.000 12.47000 ? 86  VAL A CG1 1 
ATOM   730  C CG2 . VAL A 1 86  ? 2.67461   -2.87957  -8.79600  1.000 12.24000 ? 86  VAL A CG2 1 
ATOM   731  N N   . THR A 1 87  ? 5.29206   -0.14616  -11.66888 1.000 9.90000  ? 87  THR A N   1 
ATOM   732  C CA  . THR A 1 87  ? 6.42580   0.23749   -12.50301 1.000 10.98000 ? 87  THR A CA  1 
ATOM   733  C C   . THR A 1 87  ? 7.29368   1.21256   -11.72934 1.000 9.73000  ? 87  THR A C   1 
ATOM   734  O O   . THR A 1 87  ? 6.93801   1.66144   -10.64095 1.000 11.78000 ? 87  THR A O   1 
ATOM   735  C CB  . THR A 1 87  ? 5.93971   0.88422   -13.80425 1.000 12.27000 ? 87  THR A CB  1 
ATOM   736  O OG1 . THR A 1 87  ? 5.13848   2.02045   -13.47791 1.000 14.41000 ? 87  THR A OG1 1 
ATOM   737  C CG2 . THR A 1 87  ? 5.10130   -0.10408  -14.62241 1.000 14.55000 ? 87  THR A CG2 1 
ATOM   738  N N   . TRP A 1 88  ? 8.44015   1.53284   -12.29730 1.000 10.19000 ? 88  TRP A N   1 
ATOM   739  C CA  . TRP A 1 88  ? 9.40103   2.44310   -11.68870 1.000 11.02000 ? 88  TRP A CA  1 
ATOM   740  C C   . TRP A 1 88  ? 9.31670   3.81608   -12.34004 1.000 12.18000 ? 88  TRP A C   1 
ATOM   741  O O   . TRP A 1 88  ? 9.34293   3.93185   -13.57183 1.000 12.19000 ? 88  TRP A O   1 
ATOM   742  C CB  . TRP A 1 88  ? 10.83377  1.92415   -11.83261 1.000 12.19000 ? 88  TRP A CB  1 
ATOM   743  C CG  . TRP A 1 88  ? 11.15747  0.67227   -11.09818 1.000 12.42000 ? 88  TRP A CG  1 
ATOM   744  C CD1 . TRP A 1 88  ? 11.27072  -0.57833  -11.62973 1.000 12.95000 ? 88  TRP A CD1 1 
ATOM   745  C CD2 . TRP A 1 88  ? 11.46774  0.54071   -9.70391  1.000 12.01000 ? 88  TRP A CD2 1 
ATOM   746  N NE1 . TRP A 1 88  ? 11.60748  -1.48247  -10.65789 1.000 14.55000 ? 88  TRP A NE1 1 
ATOM   747  C CE2 . TRP A 1 88  ? 11.73452  -0.82072  -9.46370  1.000 13.68000 ? 88  TRP A CE2 1 
ATOM   748  C CE3 . TRP A 1 88  ? 11.53132  1.43816   -8.63802  1.000 12.56000 ? 88  TRP A CE3 1 
ATOM   749  C CZ2 . TRP A 1 88  ? 12.06240  -1.30652  -8.19319  1.000 14.67000 ? 88  TRP A CZ2 1 
ATOM   750  C CZ3 . TRP A 1 88  ? 11.86302  0.95512   -7.37470  1.000 15.24000 ? 88  TRP A CZ3 1 
ATOM   751  C CH2 . TRP A 1 88  ? 12.11542  -0.40162  -7.16967  1.000 15.41000 ? 88  TRP A CH2 1 
ATOM   752  N N   . GLU A 1 89  ? 9.25644   4.85028   -11.50952 1.000 11.20000 ? 89  GLU A N   1 
ATOM   753  C CA  . GLU A 1 89  ? 9.45931   6.23483   -11.92698 1.000 13.19000 ? 89  GLU A CA  1 
ATOM   754  C C   . GLU A 1 89  ? 10.70171  6.67276   -11.16435 1.000 15.94000 ? 89  GLU A C   1 
ATOM   755  O O   . GLU A 1 89  ? 10.61940  7.02021   -9.98210  1.000 13.95000 ? 89  GLU A O   1 
ATOM   756  C CB  . GLU A 1 89  ? 8.25973   7.11280   -11.58828 1.000 17.40000 ? 89  GLU A CB  1 
ATOM   757  C CG  . GLU A 1 89  ? 7.02205   6.76375   -12.39149 1.000 17.67000 ? 89  GLU A CG  1 
ATOM   758  C CD  . GLU A 1 89  ? 5.84545   7.69521   -12.13761 1.000 20.60000 ? 89  GLU A CD  1 
ATOM   759  O OE1 . GLU A 1 89  ? 4.86580   7.63331   -12.91525 1.000 29.41000 ? 89  GLU A OE1 1 
ATOM   760  O OE2 . GLU A 1 89  ? 5.88747   8.48340   -11.16323 1.000 22.39000 ? 89  GLU A OE2 1 
ATOM   761  N N   . GLY A 1 90  ? 11.85466  6.59631   -11.82356 1.000 16.72000 ? 90  GLY A N   1 
ATOM   762  C CA  . GLY A 1 90  ? 13.10195  6.76947   -11.10109 1.000 17.40000 ? 90  GLY A CA  1 
ATOM   763  C C   . GLY A 1 90  ? 13.24925  5.66904   -10.07738 1.000 16.67000 ? 90  GLY A C   1 
ATOM   764  O O   . GLY A 1 90  ? 13.13943  4.47690   -10.38195 1.000 18.40000 ? 90  GLY A O   1 
ATOM   765  N N   . ASP A 1 91  ? 13.51011  6.06050   -8.83580  1.000 16.95000 ? 91  ASP A N   1 
ATOM   766  C CA  . ASP A 1 91  ? 13.61800  5.09336   -7.76002  1.000 14.91000 ? 91  ASP A CA  1 
ATOM   767  C C   . ASP A 1 91  ? 12.32284  4.95276   -6.96645  1.000 13.90000 ? 91  ASP A C   1 
ATOM   768  O O   . ASP A 1 91  ? 12.32248  4.32391   -5.90522  1.000 16.03000 ? 91  ASP A O   1 
ATOM   769  C CB  . ASP A 1 91  ? 14.80933  5.42142   -6.85507  1.000 21.12000 ? 91  ASP A CB  1 
ATOM   770  C CG  . ASP A 1 91  ? 16.12022  5.47369   -7.62785  1.000 31.03000 ? 91  ASP A CG  1 
ATOM   771  O OD1 . ASP A 1 91  ? 17.12719  5.95154   -7.06801  1.000 42.28000 ? 91  ASP A OD1 1 
ATOM   772  O OD2 . ASP A 1 91  ? 16.13873  5.03644   -8.79920  1.000 32.83000 ? 91  ASP A OD2 1 
ATOM   773  N N   . VAL A 1 92  ? 11.23486  5.53203   -7.45513  1.000 11.79000 ? 92  VAL A N   1 
ATOM   774  C CA  . VAL A 1 92  ? 9.91666   5.41114   -6.83018  1.000 11.12000 ? 92  VAL A CA  1 
ATOM   775  C C   . VAL A 1 92  ? 9.18456   4.25366   -7.49986  1.000 9.97000  ? 92  VAL A C   1 
ATOM   776  O O   . VAL A 1 92  ? 9.05812   4.20348   -8.73293  1.000 11.19000 ? 92  VAL A O   1 
ATOM   777  C CB  . VAL A 1 92  ? 9.10767   6.70764   -6.98590  1.000 11.17000 ? 92  VAL A CB  1 
ATOM   778  C CG1 . VAL A 1 92  ? 7.75411   6.57541   -6.28608  1.000 13.94000 ? 92  VAL A CG1 1 
ATOM   779  C CG2 . VAL A 1 92  ? 9.89156   7.91077   -6.45243  1.000 12.60000 ? 92  VAL A CG2 1 
ATOM   780  N N   . LEU A 1 93  ? 8.66788   3.34003   -6.68873  1.000 9.68000  ? 93  LEU A N   1 
ATOM   781  C CA  . LEU A 1 93  ? 7.83392   2.25121   -7.19254  1.000 10.02000 ? 93  LEU A CA  1 
ATOM   782  C C   . LEU A 1 93  ? 6.38459   2.71600   -7.20125  1.000 8.86000  ? 93  LEU A C   1 
ATOM   783  O O   . LEU A 1 93  ? 5.87805   3.17806   -6.17783  1.000 10.40000 ? 93  LEU A O   1 
ATOM   784  C CB  . LEU A 1 93  ? 8.02652   1.06576   -6.25567  1.000 11.42000 ? 93  LEU A CB  1 
ATOM   785  C CG  . LEU A 1 93  ? 7.53353   -0.27705  -6.76855  1.000 11.05000 ? 93  LEU A CG  1 
ATOM   786  C CD1 . LEU A 1 93  ? 8.32496   -0.71518  -7.99148  1.000 11.84000 ? 93  LEU A CD1 1 
ATOM   787  C CD2 . LEU A 1 93  ? 7.62670   -1.29727  -5.64789  1.000 14.41000 ? 93  LEU A CD2 1 
ATOM   788  N N   . VAL A 1 94  ? 5.73464   2.64266   -8.35635  1.000 9.54000  ? 94  VAL A N   1 
ATOM   789  C CA  . VAL A 1 94  ? 4.42112   3.25642   -8.57534  1.000 10.17000 ? 94  VAL A CA  1 
ATOM   790  C C   . VAL A 1 94  ? 3.41933   2.18640   -9.00037  1.000 9.81000  ? 94  VAL A C   1 
ATOM   791  O O   . VAL A 1 94  ? 3.61771   1.51364   -10.00928 1.000 10.67000 ? 94  VAL A O   1 
ATOM   792  C CB  . VAL A 1 94  ? 4.49454   4.35710   -9.63903  1.000 11.26000 ? 94  VAL A CB  1 
ATOM   793  C CG1 . VAL A 1 94  ? 3.10225   4.95169   -9.88155  1.000 14.19000 ? 94  VAL A CG1 1 
ATOM   794  C CG2 . VAL A 1 94  ? 5.50965   5.42704   -9.25450  1.000 13.40000 ? 94  VAL A CG2 1 
ATOM   795  N N   . CYS A 1 95  ? 2.33986   2.07737   -8.22629  1.000 9.86000  ? 95  CYS A N   1 
ATOM   796  C CA  . CYS A 1 95  ? 1.23177   1.18649   -8.59459  1.000 9.81000  ? 95  CYS A CA  1 
ATOM   797  C C   . CYS A 1 95  ? 0.03279   2.04264   -9.04174  1.000 10.08000 ? 95  CYS A C   1 
ATOM   798  O O   . CYS A 1 95  ? -0.35692  2.95507   -8.32839  1.000 10.65000 ? 95  CYS A O   1 
ATOM   799  C CB  . CYS A 1 95  ? 0.79576   0.36866   -7.35436  1.000 11.11000 ? 95  CYS A CB  1 
ATOM   800  S SG  . CYS A 1 95  ? -0.51524  -0.84685  -7.94029  1.000 12.41000 ? 95  CYS A SG  1 
ATOM   801  N N   . VAL A 1 96  ? -0.51657  1.67701   -10.19241 1.000 10.85000 ? 96  VAL A N   1 
ATOM   802  C CA  A VAL A 1 96  ? -1.81057  2.22584   -10.60431 0.090 11.90000 ? 96  VAL A CA  1 
ATOM   803  C CA  B VAL A 1 96  ? -1.81170  2.22719   -10.59952 0.910 11.86000 ? 96  VAL A CA  1 
ATOM   804  C C   . VAL A 1 96  ? -2.82036  1.08049   -10.54225 1.000 10.59000 ? 96  VAL A C   1 
ATOM   805  O O   . VAL A 1 96  ? -2.57068  0.01555   -11.10692 1.000 12.19000 ? 96  VAL A O   1 
ATOM   806  C CB  A VAL A 1 96  ? -1.75005  2.83858   -12.01216 0.090 13.40000 ? 96  VAL A CB  1 
ATOM   807  C CB  B VAL A 1 96  ? -1.75620  2.84604   -12.00254 0.910 13.37000 ? 96  VAL A CB  1 
ATOM   808  C CG1 A VAL A 1 96  ? -0.92879  4.12224   -11.99669 0.090 14.94000 ? 96  VAL A CG1 1 
ATOM   809  C CG1 B VAL A 1 96  ? -3.12296  3.36336   -12.40741 0.910 15.79000 ? 96  VAL A CG1 1 
ATOM   810  C CG2 A VAL A 1 96  ? -1.16861  1.84118   -12.99771 0.090 14.88000 ? 96  VAL A CG2 1 
ATOM   811  C CG2 B VAL A 1 96  ? -0.72076  3.98476   -12.04753 0.910 14.83000 ? 96  VAL A CG2 1 
ATOM   812  N N   . GLN A 1 97  ? -3.92246  1.31244   -9.84548  1.000 10.79000 ? 97  GLN A N   1 
ATOM   813  C CA  . GLN A 1 97  ? -5.01207  0.33808   -9.72050  1.000 11.34000 ? 97  GLN A CA  1 
ATOM   814  C C   . GLN A 1 97  ? -6.20221  0.87210   -10.51842 1.000 12.32000 ? 97  GLN A C   1 
ATOM   815  O O   . GLN A 1 97  ? -6.97494  1.69916   -10.01249 1.000 13.01000 ? 97  GLN A O   1 
ATOM   816  C CB  . GLN A 1 97  ? -5.37963  0.15191   -8.25451  1.000 12.01000 ? 97  GLN A CB  1 
ATOM   817  C CG  . GLN A 1 97  ? -4.31417  -0.55600  -7.43133  1.000 12.19000 ? 97  GLN A CG  1 
ATOM   818  C CD  . GLN A 1 97  ? -4.56320  -0.41185  -5.95142  1.000 13.43000 ? 97  GLN A CD  1 
ATOM   819  O OE1 . GLN A 1 97  ? -4.88517  0.66604   -5.45788  1.000 14.45000 ? 97  GLN A OE1 1 
ATOM   820  N NE2 . GLN A 1 97  ? -4.42087  -1.51236  -5.21978  1.000 17.62000 ? 97  GLN A NE2 1 
ATOM   821  N N   . LYS A 1 98  ? -6.33064  0.41064   -11.76232 1.000 12.92000 ? 98  LYS A N   1 
ATOM   822  C CA  . LYS A 1 98  ? -7.37143  0.89647   -12.66059 1.000 15.10000 ? 98  LYS A CA  1 
ATOM   823  C C   . LYS A 1 98  ? -8.70025  0.20969   -12.36050 1.000 13.31000 ? 98  LYS A C   1 
ATOM   824  O O   . LYS A 1 98  ? -8.77108  -1.01973  -12.27601 1.000 13.61000 ? 98  LYS A O   1 
ATOM   825  C CB  . LYS A 1 98  ? -6.96585  0.60802   -14.10313 1.000 16.14000 ? 98  LYS A CB  1 
ATOM   826  C CG  . LYS A 1 98  ? -5.91372  1.54263   -14.63045 1.000 23.13000 ? 98  LYS A CG  1 
ATOM   827  C CD  . LYS A 1 98  ? -6.37991  2.98974   -14.53635 1.000 31.62000 ? 98  LYS A CD  1 
ATOM   828  C CE  . LYS A 1 98  ? -5.24928  3.95055   -14.85988 1.000 37.52000 ? 98  LYS A CE  1 
ATOM   829  N NZ  . LYS A 1 98  ? -5.74619  5.24118   -15.40126 1.000 36.13000 ? 98  LYS A NZ  1 
ATOM   830  N N   . GLY A 1 99  ? -9.74603  1.01418   -12.19418 1.000 15.14000 ? 99  GLY A N   1 
ATOM   831  C CA  . GLY A 1 99  ? -11.06521 0.44415   -11.87848 1.000 14.60000 ? 99  GLY A CA  1 
ATOM   832  C C   . GLY A 1 99  ? -12.07702 1.54771   -11.57668 1.000 13.94000 ? 99  GLY A C   1 
ATOM   833  O O   . GLY A 1 99  ? -12.02331 2.63252   -12.13828 1.000 18.47000 ? 99  GLY A O   1 
ATOM   834  N N   . GLU A 1 100 ? -12.98372 1.20693   -10.65541 1.000 15.12000 ? 100 GLU A N   1 
ATOM   835  C CA  . GLU A 1 100 ? -14.09342 2.11697   -10.34683 1.000 16.66000 ? 100 GLU A CA  1 
ATOM   836  C C   . GLU A 1 100 ? -13.59232 3.45143   -9.79670  1.000 18.12000 ? 100 GLU A C   1 
ATOM   837  O O   . GLU A 1 100 ? -14.03047 4.52345   -10.23281 1.000 20.10000 ? 100 GLU A O   1 
ATOM   838  C CB  . GLU A 1 100 ? -15.03951 1.44714   -9.34757  1.000 19.87000 ? 100 GLU A CB  1 
ATOM   839  C CG  . GLU A 1 100 ? -16.21531 2.31932   -8.87762  1.000 23.67000 ? 100 GLU A CG  1 
ATOM   840  C CD  . GLU A 1 100 ? -17.22778 2.58904   -9.97813  1.000 25.15000 ? 100 GLU A CD  1 
ATOM   841  O OE1 . GLU A 1 100 ? -17.72297 3.73425   -10.07039 1.000 27.95000 ? 100 GLU A OE1 1 
ATOM   842  O OE2 . GLU A 1 100 ? -17.52749 1.65327   -10.74864 1.000 26.81000 ? 100 GLU A OE2 1 
ATOM   843  N N   . LYS A 1 101 ? -12.68899 3.40472   -8.81807  1.000 14.86000 ? 101 LYS A N   1 
ATOM   844  C CA  . LYS A 1 101 ? -12.20942 4.61667   -8.16109  1.000 17.41000 ? 101 LYS A CA  1 
ATOM   845  C C   . LYS A 1 101 ? -11.20137 5.35368   -9.03146  1.000 16.00000 ? 101 LYS A C   1 
ATOM   846  O O   . LYS A 1 101 ? -10.33613 4.74655   -9.66478  1.000 17.87000 ? 101 LYS A O   1 
ATOM   847  C CB  . LYS A 1 101 ? -11.56674 4.26202   -6.82040  1.000 15.04000 ? 101 LYS A CB  1 
ATOM   848  C CG  . LYS A 1 101 ? -12.52395 3.61278   -5.83705  1.000 17.86000 ? 101 LYS A CG  1 
ATOM   849  C CD  . LYS A 1 101 ? -13.61751 4.57557   -5.40001  1.000 18.93000 ? 101 LYS A CD  1 
ATOM   850  C CE  . LYS A 1 101 ? -14.51493 3.97927   -4.32542  1.000 18.02000 ? 101 LYS A CE  1 
ATOM   851  N NZ  . LYS A 1 101 ? -15.42848 5.01324   -3.74399  1.000 24.33000 ? 101 LYS A NZ  1 
ATOM   852  N N   . GLU A 1 102 ? -11.31389 6.67678   -9.05703  1.000 20.75000 ? 102 GLU A N   1 
ATOM   853  C CA  . GLU A 1 102 ? -10.32398 7.50328   -9.72875  1.000 22.66000 ? 102 GLU A CA  1 
ATOM   854  C C   . GLU A 1 102 ? -9.07355  7.65221   -8.86487  1.000 19.11000 ? 102 GLU A C   1 
ATOM   855  O O   . GLU A 1 102 ? -9.13867  7.59329   -7.63395  1.000 17.60000 ? 102 GLU A O   1 
ATOM   856  C CB  . GLU A 1 102 ? -10.90561 8.89519   -10.00123 1.000 27.05000 ? 102 GLU A CB  1 
ATOM   857  C CG  . GLU A 1 102 ? -12.38476 8.89577   -10.36077 1.000 35.03000 ? 102 GLU A CG  1 
ATOM   858  C CD  . GLU A 1 102 ? -12.77767 10.08728  -11.21851 1.000 44.11000 ? 102 GLU A CD  1 
ATOM   859  O OE1 . GLU A 1 102 ? -11.87255 10.83125  -11.65407 1.000 42.71000 ? 102 GLU A OE1 1 
ATOM   860  O OE2 . GLU A 1 102 ? -13.98969 10.28080  -11.45643 1.000 44.68000 ? 102 GLU A OE2 1 
ATOM   861  N N   . ASN A 1 103 ? -7.92624  7.84759   -9.52346  1.000 17.73000 ? 103 ASN A N   1 
ATOM   862  C CA  . ASN A 1 103 ? -6.67262  8.21164   -8.84979  1.000 18.07000 ? 103 ASN A CA  1 
ATOM   863  C C   . ASN A 1 103 ? -6.25510  7.18470   -7.80280  1.000 18.16000 ? 103 ASN A C   1 
ATOM   864  O O   . ASN A 1 103 ? -5.65969  7.53414   -6.77294  1.000 18.32000 ? 103 ASN A O   1 
ATOM   865  C CB  . ASN A 1 103 ? -6.73072  9.61351   -8.23317  1.000 22.61000 ? 103 ASN A CB  1 
ATOM   866  C CG  . ASN A 1 103 ? -6.90819  10.69837  -9.26708  1.000 25.62000 ? 103 ASN A CG  1 
ATOM   867  O OD1 . ASN A 1 103 ? -6.28810  10.67496  -10.33178 1.000 27.08000 ? 103 ASN A OD1 1 
ATOM   868  N ND2 . ASN A 1 103 ? -7.75510  11.67370  -8.95386  1.000 31.80000 ? 103 ASN A ND2 1 
ATOM   869  N N   . ARG A 1 104 ? -6.52404  5.91137   -8.05023  1.000 14.51000 ? 104 ARG A N   1 
ATOM   870  C CA  . ARG A 1 104 ? -6.29755  4.87293   -7.06777  1.000 12.30000 ? 104 ARG A CA  1 
ATOM   871  C C   . ARG A 1 104 ? -4.95837  4.19601   -7.32101  1.000 13.14000 ? 104 ARG A C   1 
ATOM   872  O O   . ARG A 1 104 ? -4.67216  3.73831   -8.43470  1.000 11.48000 ? 104 ARG A O   1 
ATOM   873  C CB  . ARG A 1 104 ? -7.41299  3.83367   -7.11585  1.000 12.74000 ? 104 ARG A CB  1 
ATOM   874  C CG  . ARG A 1 104 ? -7.27110  2.80324   -6.02245  1.000 11.77000 ? 104 ARG A CG  1 
ATOM   875  C CD  . ARG A 1 104 ? -8.24095  1.64856   -6.16874  1.000 13.38000 ? 104 ARG A CD  1 
ATOM   876  N NE  . ARG A 1 104 ? -8.07982  0.74817   -5.03657  1.000 14.27000 ? 104 ARG A NE  1 
ATOM   877  C CZ  . ARG A 1 104 ? -9.06091  0.05392   -4.47303  1.000 13.14000 ? 104 ARG A CZ  1 
ATOM   878  N NH1 . ARG A 1 104 ? -10.29490 0.13391   -4.95381  1.000 13.26000 ? 104 ARG A NH1 1 
ATOM   879  N NH2 . ARG A 1 104 ? -8.81247  -0.70191  -3.41343  1.000 13.74000 ? 104 ARG A NH2 1 
ATOM   880  N N   . GLY A 1 105 ? -4.14130  4.12705   -6.28096  1.000 12.00000 ? 105 GLY A N   1 
ATOM   881  C CA  . GLY A 1 105 ? -2.85785  3.46282   -6.41362  1.000 13.29000 ? 105 GLY A CA  1 
ATOM   882  C C   . GLY A 1 105 ? -2.00829  3.69546   -5.18589  1.000 9.78000  ? 105 GLY A C   1 
ATOM   883  O O   . GLY A 1 105 ? -2.51187  4.02137   -4.11057  1.000 10.75000 ? 105 GLY A O   1 
ATOM   884  N N   . TRP A 1 106 ? -0.71602  3.48947   -5.36650  1.000 10.83000 ? 106 TRP A N   1 
ATOM   885  C CA  . TRP A 1 106 ? 0.22780   3.72477   -4.27884  1.000 10.50000 ? 106 TRP A CA  1 
ATOM   886  C C   . TRP A 1 106 ? 1.60763   3.95531   -4.87107  1.000 9.83000  ? 106 TRP A C   1 
ATOM   887  O O   . TRP A 1 106 ? 1.86452   3.64490   -6.03720  1.000 10.43000 ? 106 TRP A O   1 
ATOM   888  C CB  . TRP A 1 106 ? 0.22699   2.60459   -3.22815  1.000 12.18000 ? 106 TRP A CB  1 
ATOM   889  C CG  . TRP A 1 106 ? 0.40881   1.18767   -3.73197  1.000 10.72000 ? 106 TRP A CG  1 
ATOM   890  C CD1 . TRP A 1 106 ? -0.57424  0.24534   -3.86980  1.000 12.21000 ? 106 TRP A CD1 1 
ATOM   891  C CD2 . TRP A 1 106 ? 1.64408   0.54503   -4.10733  1.000 12.33000 ? 106 TRP A CD2 1 
ATOM   892  N NE1 . TRP A 1 106 ? -0.03296  -0.92283  -4.34606  1.000 13.06000 ? 106 TRP A NE1 1 
ATOM   893  C CE2 . TRP A 1 106 ? 1.32656   -0.77563  -4.47127  1.000 12.08000 ? 106 TRP A CE2 1 
ATOM   894  C CE3 . TRP A 1 106 ? 2.98125   0.95588   -4.16316  1.000 13.09000 ? 106 TRP A CE3 1 
ATOM   895  C CZ2 . TRP A 1 106 ? 2.29688   -1.69165  -4.91213  1.000 13.45000 ? 106 TRP A CZ2 1 
ATOM   896  C CZ3 . TRP A 1 106 ? 3.94819   0.04440   -4.60087  1.000 13.86000 ? 106 TRP A CZ3 1 
ATOM   897  C CH2 . TRP A 1 106 ? 3.59387   -1.26547  -4.96812  1.000 12.98000 ? 106 TRP A CH2 1 
ATOM   898  N N   . LYS A 1 107 ? 2.46164   4.58848   -4.06934  1.000 10.77000 ? 107 LYS A N   1 
ATOM   899  C CA  . LYS A 1 107 ? 3.86175   4.79858   -4.42825  1.000 10.64000 ? 107 LYS A CA  1 
ATOM   900  C C   . LYS A 1 107 ? 4.71007   4.47258   -3.21070  1.000 10.42000 ? 107 LYS A C   1 
ATOM   901  O O   . LYS A 1 107 ? 4.28898   4.72451   -2.06498  1.000 11.59000 ? 107 LYS A O   1 
ATOM   902  C CB  . LYS A 1 107 ? 4.11407   6.24136   -4.84108  1.000 11.60000 ? 107 LYS A CB  1 
ATOM   903  C CG  . LYS A 1 107 ? 3.31664   6.63672   -6.06659  1.000 13.63000 ? 107 LYS A CG  1 
ATOM   904  C CD  . LYS A 1 107 ? 3.56845   8.07182   -6.46319  1.000 16.83000 ? 107 LYS A CD  1 
ATOM   905  C CE  . LYS A 1 107 ? 2.91299   8.35573   -7.81205  1.000 21.04000 ? 107 LYS A CE  1 
ATOM   906  N NZ  . LYS A 1 107 ? 3.34509   9.65515   -8.40161  1.000 29.47000 ? 107 LYS A NZ  1 
ATOM   907  N N   . LYS A 1 108 ? 5.94864   4.10934   -3.25364  1.000 10.59000 ? 108 LYS A N   1 
ATOM   908  C CA  . LYS A 1 108 ? 6.76624   3.67889   -2.24242  1.000 10.15000 ? 108 LYS A CA  1 
ATOM   909  C C   . LYS A 1 108 ? 8.18277   4.10397   -2.49477  1.000 10.03000 ? 108 LYS A C   1 
ATOM   910  O O   . LYS A 1 108 ? 8.52158   4.02621   -3.81419  1.000 10.08000 ? 108 LYS A O   1 
ATOM   911  C CB  . LYS A 1 108 ? 6.82686   2.15778   -1.99629  1.000 14.24000 ? 108 LYS A CB  1 
ATOM   912  C CG  . LYS A 1 108 ? 7.25507   1.70024   -0.68367  1.000 21.13000 ? 108 LYS A CG  1 
ATOM   913  C CD  . LYS A 1 108 ? 6.84683   0.24924   -0.59245  1.000 25.45000 ? 108 LYS A CD  1 
ATOM   914  C CE  . LYS A 1 108 ? 7.55164   -0.51441  -1.69285  1.000 26.80000 ? 108 LYS A CE  1 
ATOM   915  N NZ  . LYS A 1 108 ? 6.79623   -1.68897  -2.20490  1.000 36.90000 ? 108 LYS A NZ  1 
ATOM   916  N N   . TRP A 1 109 ? 8.93149   4.60405   -1.49990  1.000 10.16000 ? 109 TRP A N   1 
ATOM   917  C CA  . TRP A 1 109 ? 10.30329  4.94647   -1.97488  1.000 9.54000  ? 109 TRP A CA  1 
ATOM   918  C C   . TRP A 1 109 ? 11.05329  4.95078   -0.65455  1.000 10.34000 ? 109 TRP A C   1 
ATOM   919  O O   . TRP A 1 109 ? 10.45126  4.87488   0.41848   1.000 10.83000 ? 109 TRP A O   1 
ATOM   920  C CB  . TRP A 1 109 ? 10.33918  6.32807   -2.64869  1.000 11.17000 ? 109 TRP A CB  1 
ATOM   921  C CG  . TRP A 1 109 ? 9.86716   7.46348   -1.79488  1.000 10.99000 ? 109 TRP A CG  1 
ATOM   922  C CD1 . TRP A 1 109 ? 10.64691  8.31763   -1.07057  1.000 15.72000 ? 109 TRP A CD1 1 
ATOM   923  C CD2 . TRP A 1 109 ? 8.51625   7.87710   -1.57923  1.000 11.70000 ? 109 TRP A CD2 1 
ATOM   924  N NE1 . TRP A 1 109 ? 9.86419   9.22471   -0.41466  1.000 13.76000 ? 109 TRP A NE1 1 
ATOM   925  C CE2 . TRP A 1 109 ? 8.55234   8.98811   -0.71072  1.000 12.64000 ? 109 TRP A CE2 1 
ATOM   926  C CE3 . TRP A 1 109 ? 7.27786   7.42601   -2.04193  1.000 14.13000 ? 109 TRP A CE3 1 
ATOM   927  C CZ2 . TRP A 1 109 ? 7.39458   9.65052   -0.28265  1.000 13.01000 ? 109 TRP A CZ2 1 
ATOM   928  C CZ3 . TRP A 1 109 ? 6.12731   8.08615   -1.61298  1.000 18.11000 ? 109 TRP A CZ3 1 
ATOM   929  C CH2 . TRP A 1 109 ? 6.19926   9.17802   -0.73905  1.000 16.10000 ? 109 TRP A CH2 1 
ATOM   930  N N   . ILE A 1 110 ? 12.38193  4.96567   -0.73603  1.000 10.29000 ? 110 ILE A N   1 
ATOM   931  C CA  . ILE A 1 110 ? 13.27871  5.04708   0.41641   1.000 11.25000 ? 110 ILE A CA  1 
ATOM   932  C C   . ILE A 1 110 ? 13.88195  6.44308   0.45716   1.000 11.06000 ? 110 ILE A C   1 
ATOM   933  O O   . ILE A 1 110 ? 14.38818  6.93434   -0.55935  1.000 14.34000 ? 110 ILE A O   1 
ATOM   934  C CB  . ILE A 1 110 ? 14.40563  4.00710   0.30375   1.000 15.69000 ? 110 ILE A CB  1 
ATOM   935  C CG1 . ILE A 1 110 ? 13.84493  2.59973   0.14732   1.000 22.86000 ? 110 ILE A CG1 1 
ATOM   936  C CG2 . ILE A 1 110 ? 15.39392  4.13091   1.47639   1.000 17.32000 ? 110 ILE A CG2 1 
ATOM   937  C CD1 . ILE A 1 110 ? 12.98369  2.21105   1.28441   1.000 20.90000 ? 110 ILE A CD1 1 
ATOM   938  N N   . GLU A 1 111 ? 13.85927  7.07224   1.63042   1.000 12.29000 ? 111 GLU A N   1 
ATOM   939  C CA  . GLU A 1 111 ? 14.54196  8.35747   1.78504   1.000 16.15000 ? 111 GLU A CA  1 
ATOM   940  C C   . GLU A 1 111 ? 15.02190  8.46515   3.21912   1.000 14.73000 ? 111 GLU A C   1 
ATOM   941  O O   . GLU A 1 111 ? 14.27177  8.16766   4.15324   1.000 15.39000 ? 111 GLU A O   1 
ATOM   942  C CB  . GLU A 1 111 ? 13.62434  9.52856   1.42105   1.000 14.58000 ? 111 GLU A CB  1 
ATOM   943  C CG  . GLU A 1 111 ? 14.36024  10.83668  1.15110   1.000 16.00000 ? 111 GLU A CG  1 
ATOM   944  C CD  . GLU A 1 111 ? 13.62355  11.74117  0.18834   1.000 20.49000 ? 111 GLU A CD  1 
ATOM   945  O OE1 . GLU A 1 111 ? 14.24743  12.69119  -0.33723  1.000 18.90000 ? 111 GLU A OE1 1 
ATOM   946  O OE2 . GLU A 1 111 ? 12.41523  11.51014  -0.04595  1.000 25.52000 ? 111 GLU A OE2 1 
ATOM   947  N N   . GLY A 1 112 ? 16.27753  8.86657   3.39847   1.000 16.76000 ? 112 GLY A N   1 
ATOM   948  C CA  . GLY A 1 112 ? 16.81262  8.96857   4.74538   1.000 17.36000 ? 112 GLY A CA  1 
ATOM   949  C C   . GLY A 1 112 ? 16.71746  7.67871   5.53844   1.000 16.99000 ? 112 GLY A C   1 
ATOM   950  O O   . GLY A 1 112 ? 16.46754  7.71314   6.75326   1.000 18.43000 ? 112 GLY A O   1 
ATOM   951  N N   . ASP A 1 113 ? 16.89105  6.54545   4.87739   1.000 16.21000 ? 113 ASP A N   1 
ATOM   952  C CA  . ASP A 1 113 ? 16.86475  5.19186   5.44973   1.000 17.02000 ? 113 ASP A CA  1 
ATOM   953  C C   . ASP A 1 113 ? 15.45225  4.68912   5.78124   1.000 15.74000 ? 113 ASP A C   1 
ATOM   954  O O   . ASP A 1 113 ? 15.32277  3.53268   6.22366   1.000 18.48000 ? 113 ASP A O   1 
ATOM   955  C CB  . ASP A 1 113 ? 17.76624  5.02593   6.68614   1.000 23.35000 ? 113 ASP A CB  1 
ATOM   956  C CG  . ASP A 1 113 ? 19.18945  5.51654   6.44325   1.000 29.29000 ? 113 ASP A CG  1 
ATOM   957  O OD1 . ASP A 1 113 ? 19.78008  5.15401   5.40302   1.000 31.86000 ? 113 ASP A OD1 1 
ATOM   958  O OD2 . ASP A 1 113 ? 19.72093  6.25489   7.30082   1.000 36.99000 ? 113 ASP A OD2 1 
ATOM   959  N N   . LYS A 1 114 ? 14.41130  5.48663   5.58936   1.000 14.23000 ? 114 LYS A N   1 
ATOM   960  C CA  . LYS A 1 114 ? 13.04780  5.10778   5.92427   1.000 12.02000 ? 114 LYS A CA  1 
ATOM   961  C C   . LYS A 1 114 ? 12.27494  4.75040   4.66229   1.000 11.69000 ? 114 LYS A C   1 
ATOM   962  O O   . LYS A 1 114 ? 12.54877  5.27556   3.57673   1.000 13.53000 ? 114 LYS A O   1 
ATOM   963  C CB  . LYS A 1 114 ? 12.34088  6.25605   6.62980   1.000 13.50000 ? 114 LYS A CB  1 
ATOM   964  C CG  . LYS A 1 114 ? 12.93341  6.60143   8.00032   1.000 18.00000 ? 114 LYS A CG  1 
ATOM   965  C CD  . LYS A 1 114 ? 12.14368  7.71852   8.67054   1.000 21.42000 ? 114 LYS A CD  1 
ATOM   966  C CE  . LYS A 1 114 ? 12.85760  8.26581   9.90524   1.000 31.37000 ? 114 LYS A CE  1 
ATOM   967  N NZ  . LYS A 1 114 ? 13.34947  7.18672   10.80827  1.000 27.09000 ? 114 LYS A NZ  1 
ATOM   968  N N   . LEU A 1 115 ? 11.30497  3.83679   4.81308   1.000 10.82000 ? 115 LEU A N   1 
ATOM   969  C CA  . LEU A 1 115 ? 10.40494  3.48577   3.72790   1.000 10.19000 ? 115 LEU A CA  1 
ATOM   970  C C   . LEU A 1 115 ? 9.15017   4.33993   3.82979   1.000 9.14000  ? 115 LEU A C   1 
ATOM   971  O O   . LEU A 1 115 ? 8.54095   4.45414   4.89867   1.000 11.02000 ? 115 LEU A O   1 
ATOM   972  C CB  . LEU A 1 115 ? 10.05579  2.00385   3.79760   1.000 11.93000 ? 115 LEU A CB  1 
ATOM   973  C CG  . LEU A 1 115 ? 9.20459   1.46165   2.65708   1.000 11.54000 ? 115 LEU A CG  1 
ATOM   974  C CD1 . LEU A 1 115 ? 9.48909   -0.02021  2.45789   1.000 17.60000 ? 115 LEU A CD1 1 
ATOM   975  C CD2 . LEU A 1 115 ? 7.71584   1.66217   2.91470   1.000 16.13000 ? 115 LEU A CD2 1 
ATOM   976  N N   . TYR A 1 116 ? 8.78966   4.96746   2.71501   1.000 9.78000  ? 116 TYR A N   1 
ATOM   977  C CA  . TYR A 1 116 ? 7.59752   5.78844   2.59239   1.000 9.19000  ? 116 TYR A CA  1 
ATOM   978  C C   . TYR A 1 116 ? 6.61474   5.07664   1.68566   1.000 11.11000 ? 116 TYR A C   1 
ATOM   979  O O   . TYR A 1 116 ? 6.98548   4.59660   0.60788   1.000 10.48000 ? 116 TYR A O   1 
ATOM   980  C CB  . TYR A 1 116 ? 7.93907   7.15562   1.98637   1.000 10.95000 ? 116 TYR A CB  1 
ATOM   981  C CG  . TYR A 1 116 ? 8.72197   8.02652   2.93644   1.000 11.85000 ? 116 TYR A CG  1 
ATOM   982  C CD1 . TYR A 1 116 ? 10.07878  7.80173   3.15736   1.000 13.60000 ? 116 TYR A CD1 1 
ATOM   983  C CD2 . TYR A 1 116 ? 8.10572   9.04242   3.65238   1.000 14.40000 ? 116 TYR A CD2 1 
ATOM   984  C CE1 . TYR A 1 116 ? 10.80302  8.58386   4.04971   1.000 15.90000 ? 116 TYR A CE1 1 
ATOM   985  C CE2 . TYR A 1 116 ? 8.81338   9.82225   4.55088   1.000 16.48000 ? 116 TYR A CE2 1 
ATOM   986  C CZ  . TYR A 1 116 ? 10.15016  9.58255   4.74707   1.000 14.98000 ? 116 TYR A CZ  1 
ATOM   987  O OH  . TYR A 1 116 ? 10.83417  10.37764  5.64263   1.000 21.09000 ? 116 TYR A OH  1 
ATOM   988  N N   . LEU A 1 117 ? 5.35932   5.04680   2.10804   1.000 10.87000 ? 117 LEU A N   1 
ATOM   989  C CA  . LEU A 1 117 ? 4.27592   4.46223   1.32657   1.000 11.14000 ? 117 LEU A CA  1 
ATOM   990  C C   . LEU A 1 117 ? 3.17281   5.49663   1.23420   1.000 10.53000 ? 117 LEU A C   1 
ATOM   991  O O   . LEU A 1 117 ? 2.64849   5.94208   2.25457   1.000 12.39000 ? 117 LEU A O   1 
ATOM   992  C CB  . LEU A 1 117 ? 3.76839   3.18685   2.01031   1.000 11.74000 ? 117 LEU A CB  1 
ATOM   993  C CG  . LEU A 1 117 ? 2.56435   2.49665   1.37642   1.000 13.21000 ? 117 LEU A CG  1 
ATOM   994  C CD1 . LEU A 1 117 ? 2.90928   2.02160   -0.02812  1.000 16.05000 ? 117 LEU A CD1 1 
ATOM   995  C CD2 . LEU A 1 117 ? 2.08618   1.34918   2.26104   1.000 15.55000 ? 117 LEU A CD2 1 
ATOM   996  N N   . GLU A 1 118 ? 2.84108   5.89664   0.02010   1.000 11.18000 ? 118 GLU A N   1 
ATOM   997  C CA  . GLU A 1 118 ? 1.79092   6.87716   -0.22369  1.000 10.90000 ? 118 GLU A CA  1 
ATOM   998  C C   . GLU A 1 118 ? 0.62910   6.15155   -0.88785  1.000 11.26000 ? 118 GLU A C   1 
ATOM   999  O O   . GLU A 1 118 ? 0.79327   5.55869   -1.96231  1.000 13.29000 ? 118 GLU A O   1 
ATOM   1000 C CB  . GLU A 1 118 ? 2.33993   7.99017   -1.11020  1.000 13.08000 ? 118 GLU A CB  1 
ATOM   1001 C CG  . GLU A 1 118 ? 1.35302   9.03720   -1.55812  1.000 19.12000 ? 118 GLU A CG  1 
ATOM   1002 C CD  . GLU A 1 118 ? 1.99556   10.03148  -2.50378  1.000 22.37000 ? 118 GLU A CD  1 
ATOM   1003 O OE1 . GLU A 1 118 ? 2.42432   11.10478  -2.03360  1.000 28.18000 ? 118 GLU A OE1 1 
ATOM   1004 O OE2 . GLU A 1 118 ? 2.08703   9.72991   -3.71410  1.000 27.18000 ? 118 GLU A OE2 1 
ATOM   1005 N N   . LEU A 1 119 ? -0.53427  6.18614   -0.25085  1.000 10.87000 ? 119 LEU A N   1 
ATOM   1006 C CA  . LEU A 1 119 ? -1.73800  5.53146   -0.74491  1.000 10.22000 ? 119 LEU A CA  1 
ATOM   1007 C C   . LEU A 1 119 ? -2.71370  6.59024   -1.22504  1.000 11.49000 ? 119 LEU A C   1 
ATOM   1008 O O   . LEU A 1 119 ? -3.00275  7.54880   -0.49436  1.000 12.66000 ? 119 LEU A O   1 
ATOM   1009 C CB  . LEU A 1 119 ? -2.40955  4.73286   0.37140   1.000 12.10000 ? 119 LEU A CB  1 
ATOM   1010 C CG  . LEU A 1 119 ? -1.51742  3.79030   1.17309   1.000 11.52000 ? 119 LEU A CG  1 
ATOM   1011 C CD1 . LEU A 1 119 ? -2.29677  3.22268   2.34375   1.000 16.68000 ? 119 LEU A CD1 1 
ATOM   1012 C CD2 . LEU A 1 119 ? -0.99526  2.67975   0.29628   1.000 16.78000 ? 119 LEU A CD2 1 
ATOM   1013 N N   . THR A 1 120 ? -3.24661  6.41328   -2.42445  1.000 11.91000 ? 120 THR A N   1 
ATOM   1014 C CA  . THR A 1 120 ? -4.15344  7.39926   -2.99640  1.000 12.38000 ? 120 THR A CA  1 
ATOM   1015 C C   . THR A 1 120 ? -5.46009  6.75128   -3.43440  1.000 12.40000 ? 120 THR A C   1 
ATOM   1016 O O   . THR A 1 120 ? -5.48274  5.62125   -3.93458  1.000 11.52000 ? 120 THR A O   1 
ATOM   1017 C CB  . THR A 1 120 ? -3.53112  8.12958   -4.19592  1.000 12.85000 ? 120 THR A CB  1 
ATOM   1018 O OG1 . THR A 1 120 ? -3.25679  7.19341   -5.24687  1.000 17.30000 ? 120 THR A OG1 1 
ATOM   1019 C CG2 . THR A 1 120 ? -2.23911  8.83824   -3.79698  1.000 13.82000 ? 120 THR A CG2 1 
ATOM   1020 N N   . CYS A 1 121 ? -6.54211  7.49722   -3.24635  1.000 12.74000 ? 121 CYS A N   1 
ATOM   1021 C CA  . CYS A 1 121 ? -7.81852  7.14787   -3.84888  1.000 13.73000 ? 121 CYS A CA  1 
ATOM   1022 C C   . CYS A 1 121 ? -8.64941  8.41450   -3.93013  1.000 13.43000 ? 121 CYS A C   1 
ATOM   1023 O O   . CYS A 1 121 ? -8.79948  9.11926   -2.92410  1.000 15.10000 ? 121 CYS A O   1 
ATOM   1024 C CB  . CYS A 1 121 ? -8.54438  6.09545   -3.01982  1.000 11.26000 ? 121 CYS A CB  1 
ATOM   1025 S SG  . CYS A 1 121 ? -10.17901 5.72141   -3.58225  1.000 18.96000 ? 121 CYS A SG  1 
ATOM   1026 N N   . GLY A 1 122 ? -9.19747  8.69567   -5.10435  1.000 16.14000 ? 122 GLY A N   1 
ATOM   1027 C CA  . GLY A 1 122 ? -10.01844 9.88716   -5.25322  1.000 19.03000 ? 122 GLY A CA  1 
ATOM   1028 C C   . GLY A 1 122 ? -9.18061  11.12126  -4.99147  1.000 18.41000 ? 122 GLY A C   1 
ATOM   1029 O O   . GLY A 1 122 ? -8.10034  11.29504  -5.56804  1.000 20.83000 ? 122 GLY A O   1 
ATOM   1030 N N   . ASP A 1 123 ? -9.65685  11.98839  -4.10003  1.000 19.11000 ? 123 ASP A N   1 
ATOM   1031 C CA  . ASP A 1 123 ? -8.91130  13.17694  -3.71325  1.000 21.80000 ? 123 ASP A CA  1 
ATOM   1032 C C   . ASP A 1 123 ? -8.14610  12.99723  -2.40928  1.000 22.12000 ? 123 ASP A C   1 
ATOM   1033 O O   . ASP A 1 123 ? -7.65344  13.98096  -1.84968  1.000 23.13000 ? 123 ASP A O   1 
ATOM   1034 C CB  . ASP A 1 123 ? -9.83019  14.40295  -3.64251  1.000 25.53000 ? 123 ASP A CB  1 
ATOM   1035 C CG  . ASP A 1 123 ? -10.92418 14.25566  -2.60484  1.000 35.11000 ? 123 ASP A CG  1 
ATOM   1036 O OD1 . ASP A 1 123 ? -10.98011 13.20662  -1.92997  1.000 36.33000 ? 123 ASP A OD1 1 
ATOM   1037 O OD2 . ASP A 1 123 ? -11.73656 15.19448  -2.46310  1.000 42.97000 ? 123 ASP A OD2 1 
ATOM   1038 N N   . GLN A 1 124 ? -8.01909  11.77061  -1.92125  1.000 17.95000 ? 124 GLN A N   1 
ATOM   1039 C CA  . GLN A 1 124 ? -7.36929  11.50600  -0.64847  1.000 14.69000 ? 124 GLN A CA  1 
ATOM   1040 C C   . GLN A 1 124 ? -5.97442  10.92534  -0.85033  1.000 15.50000 ? 124 GLN A C   1 
ATOM   1041 O O   . GLN A 1 124 ? -5.74615  10.09638  -1.74068  1.000 16.97000 ? 124 GLN A O   1 
ATOM   1042 C CB  . GLN A 1 124 ? -8.22172  10.56057  0.19332   1.000 15.59000 ? 124 GLN A CB  1 
ATOM   1043 C CG  . GLN A 1 124 ? -9.56428  11.14595  0.55648   1.000 17.47000 ? 124 GLN A CG  1 
ATOM   1044 C CD  . GLN A 1 124 ? -9.43250  12.42220  1.35316   1.000 17.53000 ? 124 GLN A CD  1 
ATOM   1045 O OE1 . GLN A 1 124 ? -8.75140  12.46457  2.37119   1.000 17.91000 ? 124 GLN A OE1 1 
ATOM   1046 N NE2 . GLN A 1 124 ? -10.08722 13.48103  0.88627   1.000 25.44000 ? 124 GLN A NE2 1 
ATOM   1047 N N   . VAL A 1 125 ? -5.04199  11.37045  -0.01705  1.000 14.03000 ? 125 VAL A N   1 
ATOM   1048 C CA  . VAL A 1 125 ? -3.67502  10.87051  -0.00253  1.000 13.44000 ? 125 VAL A CA  1 
ATOM   1049 C C   . VAL A 1 125 ? -3.32493  10.53495  1.43375   1.000 14.48000 ? 125 VAL A C   1 
ATOM   1050 O O   . VAL A 1 125 ? -3.50183  11.36458  2.33095   1.000 15.14000 ? 125 VAL A O   1 
ATOM   1051 C CB  . VAL A 1 125 ? -2.68199  11.89199  -0.58107  1.000 15.72000 ? 125 VAL A CB  1 
ATOM   1052 C CG1 . VAL A 1 125 ? -1.26486  11.33036  -0.51554  1.000 16.81000 ? 125 VAL A CG1 1 
ATOM   1053 C CG2 . VAL A 1 125 ? -3.07988  12.26141  -2.01970  1.000 19.80000 ? 125 VAL A CG2 1 
ATOM   1054 N N   . CYS A 1 126 ? -2.86852  9.31824   1.66586   1.000 12.68000 ? 126 CYS A N   1 
ATOM   1055 C CA  . CYS A 1 126 ? -2.37360  8.87482   2.95319   1.000 12.11000 ? 126 CYS A CA  1 
ATOM   1056 C C   . CYS A 1 126 ? -0.88735  8.61544   2.84246   1.000 11.99000 ? 126 CYS A C   1 
ATOM   1057 O O   . CYS A 1 126 ? -0.40783  8.04251   1.85597   1.000 12.48000 ? 126 CYS A O   1 
ATOM   1058 C CB  . CYS A 1 126 ? -3.10736  7.63119   3.43295   1.000 11.95000 ? 126 CYS A CB  1 
ATOM   1059 S SG  . CYS A 1 126 ? -2.32526  6.53810   4.63853   1.000 12.74000 ? 126 CYS A SG  1 
ATOM   1060 N N   . ARG A 1 127 ? -0.11888  9.05451   3.84240   1.000 11.59000 ? 127 ARG A N   1 
ATOM   1061 C CA  . ARG A 1 127 ? 1.32674   8.86906   3.86802   1.000 11.04000 ? 127 ARG A CA  1 
ATOM   1062 C C   . ARG A 1 127 ? 1.70359   8.06214   5.09551   1.000 11.34000 ? 127 ARG A C   1 
ATOM   1063 O O   . ARG A 1 127 ? 1.38435   8.45140   6.22550   1.000 11.93000 ? 127 ARG A O   1 
ATOM   1064 C CB  . ARG A 1 127 ? 2.07692   10.19401  3.84896   1.000 13.19000 ? 127 ARG A CB  1 
ATOM   1065 C CG  . ARG A 1 127 ? 3.57495   10.00397  4.05544   1.000 18.46000 ? 127 ARG A CG  1 
ATOM   1066 C CD  . ARG A 1 127 ? 4.38074   11.24284  3.71754   1.000 23.74000 ? 127 ARG A CD  1 
ATOM   1067 N NE  . ARG A 1 127 ? 4.39994   11.49233  2.28198   1.000 22.43000 ? 127 ARG A NE  1 
ATOM   1068 C CZ  . ARG A 1 127 ? 5.40637   12.07246  1.63219   1.000 20.09000 ? 127 ARG A CZ  1 
ATOM   1069 N NH1 . ARG A 1 127 ? 6.49192   12.45890  2.28689   1.000 28.56000 ? 127 ARG A NH1 1 
ATOM   1070 N NH2 . ARG A 1 127 ? 5.32103   12.25671  0.32451   1.000 28.48000 ? 127 ARG A NH2 1 
ATOM   1071 N N   . GLN A 1 128 ? 2.39917   6.95595   4.87338   1.000 10.95000 ? 128 GLN A N   1 
ATOM   1072 C CA  . GLN A 1 128 ? 2.88938   6.10910   5.95510   1.000 10.85000 ? 128 GLN A CA  1 
ATOM   1073 C C   . GLN A 1 128 ? 4.39607   6.05126   5.87211   1.000 10.54000 ? 128 GLN A C   1 
ATOM   1074 O O   . GLN A 1 128 ? 4.96349   6.00787   4.77686   1.000 11.64000 ? 128 GLN A O   1 
ATOM   1075 C CB  . GLN A 1 128 ? 2.30512   4.70178   5.84346   1.000 11.52000 ? 128 GLN A CB  1 
ATOM   1076 C CG  . GLN A 1 128 ? 0.77981   4.70360   5.79624   1.000 12.22000 ? 128 GLN A CG  1 
ATOM   1077 C CD  . GLN A 1 128 ? 0.15619   3.31956   5.83631   1.000 14.38000 ? 128 GLN A CD  1 
ATOM   1078 O OE1 . GLN A 1 128 ? 0.80358   2.31278   5.55594   1.000 16.45000 ? 128 GLN A OE1 1 
ATOM   1079 N NE2 . GLN A 1 128 ? -1.12859  3.27062   6.17510   1.000 16.52000 ? 128 GLN A NE2 1 
ATOM   1080 N N   . VAL A 1 129 ? 5.04952   6.03426   7.02000   1.000 10.69000 ? 129 VAL A N   1 
ATOM   1081 C CA  . VAL A 1 129 ? 6.50626   6.02795   7.11025   1.000 10.69000 ? 129 VAL A CA  1 
ATOM   1082 C C   . VAL A 1 129 ? 6.90686   4.88585   8.02336   1.000 10.02000 ? 129 VAL A C   1 
ATOM   1083 O O   . VAL A 1 129 ? 6.31619   4.70504   9.09387   1.000 10.94000 ? 129 VAL A O   1 
ATOM   1084 C CB  . VAL A 1 129 ? 7.04595   7.36582   7.64257   1.000 11.16000 ? 129 VAL A CB  1 
ATOM   1085 C CG1 . VAL A 1 129 ? 8.56795   7.38512   7.57616   1.000 13.82000 ? 129 VAL A CG1 1 
ATOM   1086 C CG2 . VAL A 1 129 ? 6.45449   8.54211   6.84989   1.000 14.19000 ? 129 VAL A CG2 1 
ATOM   1087 N N   . PHE A 1 130 ? 7.90886   4.12216   7.60184   1.000 11.07000 ? 130 PHE A N   1 
ATOM   1088 C CA  . PHE A 1 130 ? 8.35985   2.92543   8.30572   1.000 11.19000 ? 130 PHE A CA  1 
ATOM   1089 C C   . PHE A 1 130 ? 9.86813   2.95333   8.51455   1.000 12.66000 ? 130 PHE A C   1 
ATOM   1090 O O   . PHE A 1 130 ? 10.62657  3.44505   7.67107   1.000 12.41000 ? 130 PHE A O   1 
ATOM   1091 C CB  . PHE A 1 130 ? 8.05000   1.65683   7.49645   1.000 12.67000 ? 130 PHE A CB  1 
ATOM   1092 C CG  . PHE A 1 130 ? 6.59642   1.46873   7.16251   1.000 11.62000 ? 130 PHE A CG  1 
ATOM   1093 C CD1 . PHE A 1 130 ? 5.99799   2.16242   6.11347   1.000 11.18000 ? 130 PHE A CD1 1 
ATOM   1094 C CD2 . PHE A 1 130 ? 5.82244   0.56489   7.87777   1.000 12.24000 ? 130 PHE A CD2 1 
ATOM   1095 C CE1 . PHE A 1 130 ? 4.65192   1.98087   5.81209   1.000 11.93000 ? 130 PHE A CE1 1 
ATOM   1096 C CE2 . PHE A 1 130 ? 4.49637   0.38497   7.58375   1.000 13.24000 ? 130 PHE A CE2 1 
ATOM   1097 C CZ  . PHE A 1 130 ? 3.89930   1.09219   6.55316   1.000 13.98000 ? 130 PHE A CZ  1 
ATOM   1098 N N   . LYS A 1 131 ? 10.30836  2.38931   9.63248   1.000 12.90000 ? 131 LYS A N   1 
ATOM   1099 C CA  . LYS A 1 131 ? 11.72693  2.20165   9.89944   1.000 14.00000 ? 131 LYS A CA  1 
ATOM   1100 C C   . LYS A 1 131 ? 12.09769  0.73788   9.70828   1.000 13.61000 ? 131 LYS A C   1 
ATOM   1101 O O   . LYS A 1 131 ? 11.29055  -0.16226  9.93942   1.000 14.42000 ? 131 LYS A O   1 
ATOM   1102 C CB  . LYS A 1 131 ? 12.08395  2.63957   11.32406  1.000 16.04000 ? 131 LYS A CB  1 
ATOM   1103 C CG  . LYS A 1 131 ? 11.40942  1.81686   12.40406  1.000 21.77000 ? 131 LYS A CG  1 
ATOM   1104 C CD  . LYS A 1 131 ? 12.01948  2.08686   13.77543  1.000 31.57000 ? 131 LYS A CD  1 
ATOM   1105 C CE  . LYS A 1 131 ? 10.95840  2.11898   14.87023  1.000 36.51000 ? 131 LYS A CE  1 
ATOM   1106 N NZ  . LYS A 1 131 ? 11.52804  2.53391   16.18764  1.000 40.47000 ? 131 LYS A NZ  1 
ATOM   1107 N N   . LYS A 1 132 ? 13.32844  0.50919   9.26693   1.000 13.21000 ? 132 LYS A N   1 
ATOM   1108 C CA  . LYS A 1 132 ? 13.77559  -0.84576  9.00339   1.000 17.59000 ? 132 LYS A CA  1 
ATOM   1109 C C   . LYS A 1 132 ? 14.05942  -1.57017  10.31140  1.000 16.88000 ? 132 LYS A C   1 
ATOM   1110 O O   . LYS A 1 132 ? 14.78011  -1.05394  11.17424  1.000 17.73000 ? 132 LYS A O   1 
ATOM   1111 C CB  . LYS A 1 132 ? 15.01843  -0.82200  8.11908   1.000 17.67000 ? 132 LYS A CB  1 
ATOM   1112 C CG  . LYS A 1 132 ? 15.34997  -2.18398  7.52466   1.000 22.53000 ? 132 LYS A CG  1 
ATOM   1113 C CD  . LYS A 1 132 ? 16.07387  -2.06523  6.19251   1.000 29.59000 ? 132 LYS A CD  1 
ATOM   1114 C CE  . LYS A 1 132 ? 15.93250  -3.35329  5.39271   1.000 32.41000 ? 132 LYS A CE  1 
ATOM   1115 N NZ  . LYS A 1 132 ? 16.86758  -4.42210  5.83167   1.000 30.96000 ? 132 LYS A NZ  1 
ATOM   1116 N N   . LYS A 1 133 ? 13.48786  -2.75997  10.45759  1.000 18.65000 ? 133 LYS A N   1 
ATOM   1117 C CA  . LYS A 1 133 ? 13.71427  -3.59544  11.63819  1.000 25.46000 ? 133 LYS A CA  1 
ATOM   1118 C C   . LYS A 1 133 ? 14.69635  -4.71491  11.30904  1.000 34.64000 ? 133 LYS A C   1 
ATOM   1119 O O   . LYS A 1 133 ? 14.65962  -5.28440  10.21702  1.000 34.50000 ? 133 LYS A O   1 
ATOM   1120 C CB  . LYS A 1 133 ? 12.39946  -4.19121  12.14321  1.000 27.14000 ? 133 LYS A CB  1 
ATOM   1121 C CG  . LYS A 1 133 ? 12.52824  -4.90103  13.48093  1.000 35.99000 ? 133 LYS A CG  1 
HETATM 1122 C C1  . GOL B 2 .   ? 8.63054   -9.03367  12.47217  1.000 39.58000 ? 301 GOL A C1  1 
HETATM 1123 O O1  . GOL B 2 .   ? 7.98120   -8.05915  13.31604  1.000 43.08000 ? 301 GOL A O1  1 
HETATM 1124 C C2  . GOL B 2 .   ? 10.14466  -9.02471  12.71047  1.000 41.61000 ? 301 GOL A C2  1 
HETATM 1125 O O2  . GOL B 2 .   ? 10.31105  -9.27589  14.05908  1.000 40.60000 ? 301 GOL A O2  1 
HETATM 1126 C C3  . GOL B 2 .   ? 10.94727  -10.09641 12.03176  1.000 39.49000 ? 301 GOL A C3  1 
HETATM 1127 O O3  . GOL B 2 .   ? 12.34391  -9.92581  12.30005  1.000 42.00000 ? 301 GOL A O3  1 
HETATM 1128 C C1  . GOL C 2 .   ? 2.62748   -15.34217 -7.23904  1.000 32.87000 ? 302 GOL A C1  1 
HETATM 1129 O O1  . GOL C 2 .   ? 1.85718   -16.14081 -6.39355  1.000 44.21000 ? 302 GOL A O1  1 
HETATM 1130 C C2  . GOL C 2 .   ? 1.70369   -14.22337 -7.78651  1.000 33.76000 ? 302 GOL A C2  1 
HETATM 1131 O O2  . GOL C 2 .   ? 0.66118   -13.92970 -6.91872  1.000 47.46000 ? 302 GOL A O2  1 
HETATM 1132 C C3  . GOL C 2 .   ? 2.64089   -13.01183 -7.99612  1.000 35.22000 ? 302 GOL A C3  1 
HETATM 1133 O O3  . GOL C 2 .   ? 2.41926   -12.54354 -9.28545  1.000 32.21000 ? 302 GOL A O3  1 
HETATM 1134 C C13 . RH6 D 3 .   ? 3.76693   -3.61260  -0.39749  1.000 23.08000 ? 303 RH6 A C13 1 
HETATM 1135 C C15 . RH6 D 3 .   ? 5.55517   -3.40697  -2.03180  1.000 32.66000 ? 303 RH6 A C15 1 
HETATM 1136 C C20 . RH6 D 3 .   ? 1.63565   -2.46941  -0.39292  1.000 23.89000 ? 303 RH6 A C20 1 
HETATM 1137 C C21 . RH6 D 3 .   ? 0.58292   -1.84490  -1.05750  1.000 30.22000 ? 303 RH6 A C21 1 
HETATM 1138 C C01 . RH6 D 3 .   ? -0.52185  -1.36290  -0.34870  1.000 29.83000 ? 303 RH6 A C01 1 
HETATM 1139 C C02 . RH6 D 3 .   ? -0.62230  -1.48887  1.05107   1.000 29.14000 ? 303 RH6 A C02 1 
HETATM 1140 C C04 . RH6 D 3 .   ? -2.92669  -0.34451  1.05043   1.000 39.36000 ? 303 RH6 A C04 1 
HETATM 1141 C C05 . RH6 D 3 .   ? -3.97107  -1.30213  0.46751   1.000 39.74000 ? 303 RH6 A C05 1 
HETATM 1142 C C06 . RH6 D 3 .   ? -1.98292  -1.23129  3.19012   1.000 39.46000 ? 303 RH6 A C06 1 
HETATM 1143 C C07 . RH6 D 3 .   ? -1.17027  -0.19032  3.96343   1.000 39.03000 ? 303 RH6 A C07 1 
HETATM 1144 C C08 . RH6 D 3 .   ? 0.46420   -2.13286  1.70982   1.000 25.12000 ? 303 RH6 A C08 1 
HETATM 1145 C C09 . RH6 D 3 .   ? 1.58262   -2.62315  0.99716   1.000 22.24000 ? 303 RH6 A C09 1 
HETATM 1146 C C11 . RH6 D 3 .   ? 3.64590   -3.73419  0.99705   1.000 25.12000 ? 303 RH6 A C11 1 
HETATM 1147 C C14 . RH6 D 3 .   ? 4.88241   -4.36051  -1.09318  1.000 27.22000 ? 303 RH6 A C14 1 
HETATM 1148 C C16 . RH6 D 3 .   ? 6.13462   -2.31570  -1.52841  1.000 33.88000 ? 303 RH6 A C16 1 
HETATM 1149 C C19 . RH6 D 3 .   ? 2.74346   -2.95903  -1.09636  1.000 25.28000 ? 303 RH6 A C19 1 
HETATM 1150 N N03 . RH6 D 3 .   ? -1.79684  -0.96998  1.75340   1.000 37.73000 ? 303 RH6 A N03 1 
HETATM 1151 O O10 . RH6 D 3 .   ? 2.60264   -3.22550  1.62674   1.000 23.71000 ? 303 RH6 A O10 1 
HETATM 1152 O O12 . RH6 D 3 .   ? 4.50721   -4.35935  1.61275   1.000 24.08000 ? 303 RH6 A O12 1 
HETATM 1153 H H1  . RH6 D 3 .   ? 5.56703   -3.57503  -2.94599  1.000 39.22000 ? 303 RH6 A H1  1 
HETATM 1154 H H2  . RH6 D 3 .   ? 0.33480   -2.29790  -1.82959  1.000 36.29000 ? 303 RH6 A H2  1 
HETATM 1155 H H3  . RH6 D 3 .   ? -0.79069  -0.52559  -0.64658  1.000 35.82000 ? 303 RH6 A H3  1 
HETATM 1156 H H4  . RH6 D 3 .   ? -3.36310  0.22466   1.65485   1.000 47.26000 ? 303 RH6 A H4  1 
HETATM 1157 H H5  . RH6 D 3 .   ? -2.57852  0.16609   0.34226   1.000 47.26000 ? 303 RH6 A H5  1 
HETATM 1158 H H6  . RH6 D 3 .   ? -4.83152  -1.00642  0.70266   1.000 47.71000 ? 303 RH6 A H6  1 
HETATM 1159 H H7  . RH6 D 3 .   ? -3.89194  -1.32150  -0.46768  1.000 47.71000 ? 303 RH6 A H7  1 
HETATM 1160 H H8  . RH6 D 3 .   ? -3.83204  -2.16451  0.81175   1.000 47.71000 ? 303 RH6 A H8  1 
HETATM 1161 H H9  . RH6 D 3 .   ? -1.67939  -2.09501  3.40018   1.000 47.37000 ? 303 RH6 A H9  1 
HETATM 1162 H H10 . RH6 D 3 .   ? -2.89158  -1.16082  3.41398   1.000 47.37000 ? 303 RH6 A H10 1 
HETATM 1163 H H11 . RH6 D 3 .   ? -0.47006  0.12453   3.42413   1.000 46.86000 ? 303 RH6 A H11 1 
HETATM 1164 H H12 . RH6 D 3 .   ? -1.72787  0.52641   4.20456   1.000 46.86000 ? 303 RH6 A H12 1 
HETATM 1165 H H13 . RH6 D 3 .   ? -0.81587  -0.58433  4.73885   1.000 46.86000 ? 303 RH6 A H13 1 
HETATM 1166 H H14 . RH6 D 3 .   ? 0.43853   -2.23209  2.63344   1.000 30.17000 ? 303 RH6 A H14 1 
HETATM 1167 H H15 . RH6 D 3 .   ? 5.50389   -4.65266  -0.45166  1.000 32.68000 ? 303 RH6 A H15 1 
HETATM 1168 H H16 . RH6 D 3 .   ? 6.11289   -2.18258  -0.60901  1.000 40.68000 ? 303 RH6 A H16 1 
HETATM 1169 H H19 . RH6 D 3 .   ? 2.79959   -2.85042  -2.01798  1.000 30.36000 ? 303 RH6 A H19 1 
HETATM 1170 O O   . HOH E 4 .   ? 16.99027  -11.51115 -5.55087  1.000 28.71000 ? 401 HOH A O   1 
HETATM 1171 O O   . HOH E 4 .   ? -5.53476  7.34301   -16.00969 1.000 43.08000 ? 402 HOH A O   1 
HETATM 1172 O O   . HOH E 4 .   ? -12.42006 4.98695   17.51208  1.000 37.55000 ? 403 HOH A O   1 
HETATM 1173 O O   . HOH E 4 .   ? -12.08650 -11.05647 -12.68786 1.000 35.03000 ? 404 HOH A O   1 
HETATM 1174 O O   . HOH E 4 .   ? 0.47316   16.89157  5.29041   1.000 40.01000 ? 405 HOH A O   1 
HETATM 1175 O O   . HOH E 4 .   ? -4.65757  -10.62186 -15.43225 1.000 32.70000 ? 406 HOH A O   1 
HETATM 1176 O O   . HOH E 4 .   ? 11.26001  12.16675  -2.04254  1.000 31.19000 ? 407 HOH A O   1 
HETATM 1177 O O   . HOH E 4 .   ? 3.61185   -14.73393 -1.85713  1.000 36.29000 ? 408 HOH A O   1 
HETATM 1178 O O   . HOH E 4 .   ? -13.81936 -11.03205 -5.65730  1.000 27.58000 ? 409 HOH A O   1 
HETATM 1179 O O   . HOH E 4 .   ? 12.33696  -4.33601  -10.79838 1.000 26.21000 ? 410 HOH A O   1 
HETATM 1180 O O   . HOH E 4 .   ? -2.96592  14.89481  5.54163   1.000 31.94000 ? 411 HOH A O   1 
HETATM 1181 O O   . HOH E 4 .   ? 4.76494   5.86241   -14.68382 1.000 28.75000 ? 412 HOH A O   1 
HETATM 1182 O O   . HOH E 4 .   ? -16.34558 12.32985  4.95121   1.000 33.35000 ? 413 HOH A O   1 
HETATM 1183 O O   . HOH E 4 .   ? 2.69183   11.61020  0.41988   1.000 30.00000 ? 414 HOH A O   1 
HETATM 1184 O O   . HOH E 4 .   ? 10.71579  -9.73407  -14.97171 1.000 37.02000 ? 415 HOH A O   1 
HETATM 1185 O O   . HOH E 4 .   ? 2.22376   -11.71528 -0.29814  1.000 23.33000 ? 416 HOH A O   1 
HETATM 1186 O O   . HOH E 4 .   ? -15.44848 10.62619  -9.36966  1.000 36.40000 ? 417 HOH A O   1 
HETATM 1187 O O   . HOH E 4 .   ? 3.29064   12.44708  7.23305   1.000 22.88000 ? 418 HOH A O   1 
HETATM 1188 O O   . HOH E 4 .   ? -17.36244 -3.92258  -2.41604  1.000 37.01000 ? 419 HOH A O   1 
HETATM 1189 O O   . HOH E 4 .   ? 16.79470  1.60317   5.28467   1.000 32.20000 ? 420 HOH A O   1 
HETATM 1190 O O   . HOH E 4 .   ? 6.47635   4.05528   -14.39542 1.000 19.07000 ? 421 HOH A O   1 
HETATM 1191 O O   . HOH E 4 .   ? -1.82351  -14.71592 1.42531   1.000 27.97000 ? 422 HOH A O   1 
HETATM 1192 O O   . HOH E 4 .   ? -0.50489  -10.10376 5.76584   1.000 18.45000 ? 423 HOH A O   1 
HETATM 1193 O O   . HOH E 4 .   ? 3.07415   9.75142   8.04765   1.000 15.73000 ? 424 HOH A O   1 
HETATM 1194 O O   . HOH E 4 .   ? -10.78453 13.05482  11.58380  1.000 49.08000 ? 425 HOH A O   1 
HETATM 1195 O O   . HOH E 4 .   ? 9.64569   -10.31222 9.70489   1.000 32.55000 ? 426 HOH A O   1 
HETATM 1196 O O   . HOH E 4 .   ? 15.69262  -2.58677  2.36132   1.000 31.01000 ? 427 HOH A O   1 
HETATM 1197 O O   . HOH E 4 .   ? -7.26399  -5.62315  -0.17192  1.000 31.35000 ? 428 HOH A O   1 
HETATM 1198 O O   . HOH E 4 .   ? 14.61422  -5.97441  7.65864   1.000 25.11000 ? 429 HOH A O   1 
HETATM 1199 O O   . HOH E 4 .   ? 5.03862   -12.16783 -9.46075  1.000 23.04000 ? 430 HOH A O   1 
HETATM 1200 O O   . HOH E 4 .   ? -19.52953 5.02466   -11.53968 1.000 27.15000 ? 431 HOH A O   1 
HETATM 1201 O O   . HOH E 4 .   ? -4.31535  2.09361   -3.24356  1.000 17.26000 ? 432 HOH A O   1 
HETATM 1202 O O   . HOH E 4 .   ? 15.22677  9.19821   -1.75583  1.000 32.81000 ? 433 HOH A O   1 
HETATM 1203 O O   . HOH E 4 .   ? -4.20878  -10.73403 -0.85153  1.000 34.27000 ? 434 HOH A O   1 
HETATM 1204 O O   . HOH E 4 .   ? 0.53861   7.57141   -4.23631  1.000 27.09000 ? 435 HOH A O   1 
HETATM 1205 O O   . HOH E 4 .   ? -0.37769  -9.65597  -17.56320 1.000 20.68000 ? 436 HOH A O   1 
HETATM 1206 O O   . HOH E 4 .   ? -1.22028  -10.59963 -6.14517  1.000 24.92000 ? 437 HOH A O   1 
HETATM 1207 O O   . HOH E 4 .   ? -4.43550  -12.19346 -9.43827  1.000 37.03000 ? 438 HOH A O   1 
HETATM 1208 O O   . HOH E 4 .   ? -1.33734  3.04743   16.27231  1.000 19.69000 ? 439 HOH A O   1 
HETATM 1209 O O   . HOH E 4 .   ? 0.73671   -10.47597 -9.83740  1.000 22.49000 ? 440 HOH A O   1 
HETATM 1210 O O   . HOH E 4 .   ? 1.88169   -6.65645  12.66553  1.000 25.07000 ? 441 HOH A O   1 
HETATM 1211 O O   . HOH E 4 .   ? 7.06511   9.08341   -8.76035  1.000 21.09000 ? 442 HOH A O   1 
HETATM 1212 O O   . HOH E 4 .   ? 6.58751   -10.68473 2.03461   1.000 19.77000 ? 443 HOH A O   1 
HETATM 1213 O O   . HOH E 4 .   ? -0.71775  7.04754   -6.31462  1.000 22.17000 ? 444 HOH A O   1 
HETATM 1214 O O   . HOH E 4 .   ? 19.01727  -4.22024  -4.47772  1.000 35.17000 ? 445 HOH A O   1 
HETATM 1215 O O   . HOH E 4 .   ? -4.00008  2.99536   10.97899  1.000 23.41000 ? 446 HOH A O   1 
HETATM 1216 O O   . HOH E 4 .   ? 13.52225  9.87856   6.19286   1.000 21.74000 ? 447 HOH A O   1 
HETATM 1217 O O   . HOH E 4 .   ? -5.52811  11.09861  -4.56302  1.000 25.97000 ? 448 HOH A O   1 
HETATM 1218 O O   . HOH E 4 .   ? -0.66405  -11.10733 -14.46780 1.000 25.27000 ? 449 HOH A O   1 
HETATM 1219 O O   . HOH E 4 .   ? 7.32025   10.36038  10.17285  1.000 32.18000 ? 450 HOH A O   1 
HETATM 1220 O O   . HOH E 4 .   ? 11.70821  -10.00853 3.71740   1.000 25.37000 ? 451 HOH A O   1 
HETATM 1221 O O   . HOH E 4 .   ? -6.25385  -0.60455  -2.33251  1.000 21.05000 ? 452 HOH A O   1 
HETATM 1222 O O   . HOH E 4 .   ? -0.40869  5.72515   -8.59153  1.000 18.57000 ? 453 HOH A O   1 
HETATM 1223 O O   . HOH E 4 .   ? -6.97931  -10.00495 5.28247   1.000 29.72000 ? 454 HOH A O   1 
HETATM 1224 O O   . HOH E 4 .   ? -9.70034  2.04337   -9.32422  1.000 13.58000 ? 455 HOH A O   1 
HETATM 1225 O O   . HOH E 4 .   ? -2.01515  13.70454  2.71544   1.000 33.92000 ? 456 HOH A O   1 
HETATM 1226 O O   . HOH E 4 .   ? -9.19224  -13.34669 -12.84595 1.000 28.15000 ? 457 HOH A O   1 
HETATM 1227 O O   . HOH E 4 .   ? 15.16306  2.77233   8.91695   1.000 20.71000 ? 458 HOH A O   1 
HETATM 1228 O O   . HOH E 4 .   ? -1.74937  -3.31328  14.95625  1.000 15.13000 ? 459 HOH A O   1 
HETATM 1229 O O   . HOH E 4 .   ? 2.92041   -4.99068  -11.98299 1.000 11.25000 ? 460 HOH A O   1 
HETATM 1230 O O   . HOH E 4 .   ? -4.11073  -7.80415  -3.08771  1.000 23.38000 ? 461 HOH A O   1 
HETATM 1231 O O   . HOH E 4 .   ? -12.76522 -1.23556  -9.09614  1.000 15.97000 ? 462 HOH A O   1 
HETATM 1232 O O   . HOH E 4 .   ? -9.07464  3.89274   -12.02377 1.000 20.47000 ? 463 HOH A O   1 
HETATM 1233 O O   . HOH E 4 .   ? 18.06888  6.38735   2.32755   1.000 28.09000 ? 464 HOH A O   1 
HETATM 1234 O O   . HOH E 4 .   ? -9.97751  -7.16637  6.30712   1.000 25.62000 ? 465 HOH A O   1 
HETATM 1235 O O   . HOH E 4 .   ? 13.57965  4.65175   -3.40513  1.000 16.08000 ? 466 HOH A O   1 
HETATM 1236 O O   . HOH E 4 .   ? 12.29310  -9.57480  6.50289   1.000 26.82000 ? 467 HOH A O   1 
HETATM 1237 O O   . HOH E 4 .   ? 2.82958   8.98583   -11.09483 1.000 36.00000 ? 468 HOH A O   1 
HETATM 1238 O O   . HOH E 4 .   ? 10.23363  11.27973  1.73113   1.000 20.25000 ? 469 HOH A O   1 
HETATM 1239 O O   . HOH E 4 .   ? -19.50811 2.20506   3.30349   1.000 32.18000 ? 470 HOH A O   1 
HETATM 1240 O O   . HOH E 4 .   ? -4.54735  -9.70711  12.18450  1.000 31.49000 ? 471 HOH A O   1 
HETATM 1241 O O   . HOH E 4 .   ? 3.87168   -8.14676  8.04345   1.000 19.39000 ? 472 HOH A O   1 
HETATM 1242 O O   . HOH E 4 .   ? 8.32942   -14.54708 0.84973   1.000 40.76000 ? 473 HOH A O   1 
HETATM 1243 O O   . HOH E 4 .   ? -15.21154 -4.74666  -8.52997  1.000 22.55000 ? 474 HOH A O   1 
HETATM 1244 O O   . HOH E 4 .   ? -16.90978 4.76316   4.21857   1.000 32.85000 ? 475 HOH A O   1 
HETATM 1245 O O   . HOH E 4 .   ? 2.35997   1.82077   -12.89194 1.000 19.33000 ? 476 HOH A O   1 
HETATM 1246 O O   . HOH E 4 .   ? -5.57831  6.14157   -12.69117 1.000 30.32000 ? 477 HOH A O   1 
HETATM 1247 O O   . HOH E 4 .   ? 10.70558  -11.54353 -12.88230 1.000 35.52000 ? 478 HOH A O   1 
HETATM 1248 O O   . HOH E 4 .   ? -3.44374  12.13668  9.90930   1.000 24.53000 ? 479 HOH A O   1 
HETATM 1249 O O   . HOH E 4 .   ? 14.06173  7.15385   -3.39637  1.000 28.32000 ? 480 HOH A O   1 
HETATM 1250 O O   . HOH E 4 .   ? -13.10587 13.74140  -0.05637  1.000 40.84000 ? 481 HOH A O   1 
HETATM 1251 O O   . HOH E 4 .   ? -2.07616  7.78689   12.84759  1.000 28.39000 ? 482 HOH A O   1 
HETATM 1252 O O   . HOH E 4 .   ? -16.40985 3.87439   -12.64203 1.000 35.18000 ? 483 HOH A O   1 
HETATM 1253 O O   . HOH E 4 .   ? -7.99553  7.90955   -12.42298 1.000 25.78000 ? 484 HOH A O   1 
HETATM 1254 O O   . HOH E 4 .   ? -12.99994 7.91244   -3.72765  1.000 28.22000 ? 485 HOH A O   1 
HETATM 1255 O O   . HOH E 4 .   ? -1.28973  -3.43929  -5.08210  1.000 19.27000 ? 486 HOH A O   1 
HETATM 1256 O O   . HOH E 4 .   ? 5.92949   -12.21258 -6.88715  1.000 21.72000 ? 487 HOH A O   1 
HETATM 1257 O O   . HOH E 4 .   ? -3.42545  -1.00507  -14.90954 1.000 26.89000 ? 488 HOH A O   1 
HETATM 1258 O O   . HOH E 4 .   ? -3.49032  -11.38461 -13.08955 1.000 24.49000 ? 489 HOH A O   1 
HETATM 1259 O O   . HOH E 4 .   ? 1.96805   -4.00029  13.43370  1.000 22.97000 ? 490 HOH A O   1 
HETATM 1260 O O   . HOH E 4 .   ? -1.34868  4.54966   12.65488  1.000 25.89000 ? 491 HOH A O   1 
HETATM 1261 O O   . HOH E 4 .   ? 15.16904  -2.76237  -7.55583  1.000 33.08000 ? 492 HOH A O   1 
HETATM 1262 O O   . HOH E 4 .   ? -12.63072 8.14544   -6.90571  1.000 38.36000 ? 493 HOH A O   1 
HETATM 1263 O O   . HOH E 4 .   ? 13.36722  -14.19304 -2.74240  1.000 41.63000 ? 494 HOH A O   1 
HETATM 1264 O O   . HOH E 4 .   ? 2.42969   -8.95827  -11.83471 1.000 12.76000 ? 495 HOH A O   1 
HETATM 1265 O O   . HOH E 4 .   ? 8.68541   -7.71417  -16.27660 1.000 23.20000 ? 496 HOH A O   1 
HETATM 1266 O O   . HOH E 4 .   ? 19.22315  9.09576   7.82227   1.000 30.13000 ? 497 HOH A O   1 
HETATM 1267 O O   . HOH E 4 .   ? 14.25345  -10.96277 14.26796  1.000 26.94000 ? 498 HOH A O   1 
HETATM 1268 O O   . HOH E 4 .   ? 7.89610   2.66839   15.46235  1.000 27.86000 ? 499 HOH A O   1 
HETATM 1269 O O   . HOH E 4 .   ? -7.65025  -8.46975  7.05615   1.000 26.13000 ? 500 HOH A O   1 
HETATM 1270 O O   . HOH E 4 .   ? -5.50757  14.03787  1.11578   1.000 22.04000 ? 501 HOH A O   1 
HETATM 1271 O O   . HOH E 4 .   ? 15.35793  5.04822   10.69515  1.000 31.58000 ? 502 HOH A O   1 
HETATM 1272 O O   . HOH E 4 .   ? -6.78749  4.54614   -10.71499 1.000 17.78000 ? 503 HOH A O   1 
HETATM 1273 O O   . HOH E 4 .   ? -9.50010  13.36427  5.22345   1.000 33.38000 ? 504 HOH A O   1 
HETATM 1274 O O   . HOH E 4 .   ? -12.53488 10.39904  2.30619   1.000 29.80000 ? 505 HOH A O   1 
HETATM 1275 O O   . HOH E 4 .   ? -3.80759  8.17974   9.80136   1.000 18.11000 ? 506 HOH A O   1 
HETATM 1276 O O   . HOH E 4 .   ? -11.40567 0.80502   -7.64386  1.000 14.26000 ? 507 HOH A O   1 
HETATM 1277 O O   . HOH E 4 .   ? -3.14822  6.12960   -9.38953  1.000 23.37000 ? 508 HOH A O   1 
HETATM 1278 O O   . HOH E 4 .   ? 13.97191  8.91805   -8.05748  1.000 31.44000 ? 509 HOH A O   1 
HETATM 1279 O O   . HOH E 4 .   ? 9.98277   -12.03453 -4.24670  1.000 22.57000 ? 510 HOH A O   1 
HETATM 1280 O O   . HOH E 4 .   ? -1.38063  -10.47855 11.49296  1.000 30.85000 ? 511 HOH A O   1 
HETATM 1281 O O   . HOH E 4 .   ? -6.19289  9.36748   9.58892   1.000 23.28000 ? 512 HOH A O   1 
HETATM 1282 O O   . HOH E 4 .   ? 5.40962   -12.77525 -13.77869 1.000 39.35000 ? 513 HOH A O   1 
HETATM 1283 O O   . HOH E 4 .   ? -5.47921  -9.60660  -5.04733  1.000 25.90000 ? 514 HOH A O   1 
HETATM 1284 O O   . HOH E 4 .   ? -8.19458  -0.40186  16.96673  1.000 26.06000 ? 515 HOH A O   1 
HETATM 1285 O O   . HOH E 4 .   ? -11.97417 5.63972   -12.55694 1.000 35.33000 ? 516 HOH A O   1 
HETATM 1286 O O   . HOH E 4 .   ? 6.71236   -17.80660 -1.04113  1.000 37.15000 ? 517 HOH A O   1 
HETATM 1287 O O   . HOH E 4 .   ? -3.05535  8.18978   -8.30765  1.000 39.34000 ? 518 HOH A O   1 
HETATM 1288 O O   . HOH E 4 .   ? -12.40843 10.53206  -2.76707  1.000 33.52000 ? 519 HOH A O   1 
HETATM 1289 O O   . HOH E 4 .   ? 3.30178   -9.71332  12.07959  1.000 39.67000 ? 520 HOH A O   1 
HETATM 1290 O O   . HOH E 4 .   ? 13.07067  -11.02355 -11.94170 1.000 30.99000 ? 521 HOH A O   1 
HETATM 1291 O O   . HOH E 4 .   ? 15.14270  5.22124   -14.31039 1.000 34.75000 ? 522 HOH A O   1 
HETATM 1292 O O   . HOH E 4 .   ? 1.20805   -11.90720 6.97954   1.000 22.06000 ? 523 HOH A O   1 
HETATM 1293 O O   . HOH E 4 .   ? 13.43550  8.72606   -13.84204 1.000 34.17000 ? 524 HOH A O   1 
HETATM 1294 O O   . HOH E 4 .   ? 16.22779  -0.86164  -14.04197 1.000 39.87000 ? 525 HOH A O   1 
HETATM 1295 O O   . HOH E 4 .   ? -13.33986 -8.42593  -5.46494  1.000 30.02000 ? 526 HOH A O   1 
HETATM 1296 O O   . HOH E 4 .   ? 19.09106  3.63448   2.35709   1.000 36.58000 ? 527 HOH A O   1 
HETATM 1297 O O   . HOH E 4 .   ? 5.10519   -9.24267  10.43932  1.000 34.52000 ? 528 HOH A O   1 
HETATM 1298 O O   . HOH E 4 .   ? 14.44553  -2.51032  -13.38602 1.000 31.14000 ? 529 HOH A O   1 
HETATM 1299 O O   . HOH E 4 .   ? -8.04234  9.88413   11.99247  1.000 41.21000 ? 530 HOH A O   1 
HETATM 1300 O O   . HOH E 4 .   ? -13.49479 11.07371  -0.43469  1.000 39.72000 ? 531 HOH A O   1 
HETATM 1301 O O   . HOH E 4 .   ? 9.14037   5.28853   15.99237  1.000 35.19000 ? 532 HOH A O   1 
HETATM 1302 O O   . HOH E 4 .   ? -18.07555 -8.31577  2.79505   1.000 37.55000 ? 533 HOH A O   1 
HETATM 1303 O O   . HOH E 4 .   ? -14.65437 10.09861  1.12530   1.000 34.41000 ? 534 HOH A O   1 
HETATM 1304 O O   . HOH E 4 .   ? -0.95156  -12.77518 -2.25899  1.000 30.00000 ? 535 HOH A O   1 
HETATM 1305 O O   . HOH E 4 .   ? 16.83922  -2.30245  -11.26778 1.000 46.89000 ? 536 HOH A O   1 
HETATM 1306 O O   . HOH E 4 .   ? 1.16238   6.91293   -13.13915 1.000 36.36000 ? 537 HOH A O   1 
HETATM 1307 O O   . HOH E 4 .   ? -9.01795  12.10680  13.04923  0.50  50.47000 ? 538 HOH A O   1 
HETATM 1308 O O   . HOH E 4 .   ? -1.79464  5.25778   -15.67576 1.000 38.81000 ? 539 HOH A O   1 
HETATM 1309 O O   . HOH E 4 .   ? -12.91603 12.31812  3.41660   1.000 40.75000 ? 540 HOH A O   1 
HETATM 1310 O O   . HOH E 4 .   ? 10.38755  -12.39493 3.34500   1.000 35.77000 ? 541 HOH A O   1 
HETATM 1311 O O   . HOH E 4 .   ? -8.35982  -4.73760  17.71746  1.000 30.00000 ? 542 HOH A O   1 
HETATM 1312 O O   . HOH E 4 .   ? -1.54059  -11.95868 -10.14797 1.000 35.97000 ? 543 HOH A O   1 
HETATM 1313 O O   . HOH E 4 .   ? -15.56830 -5.93125  -11.19698 1.000 39.64000 ? 544 HOH A O   1 
HETATM 1314 O O   . HOH E 4 .   ? -1.43893  9.71266   -7.97496  1.000 43.37000 ? 545 HOH A O   1 
HETATM 1315 O O   . HOH E 4 .   ? 2.20668   10.75670  -12.26368 1.000 42.13000 ? 546 HOH A O   1 
HETATM 1316 O O   . HOH E 4 .   ? -11.70099 12.48446  5.57982   1.000 41.74000 ? 547 HOH A O   1 
HETATM 1317 O O   . HOH E 4 .   ? -15.34097 -2.06400  -8.98515  1.000 26.06000 ? 548 HOH A O   1 
HETATM 1318 O O   . HOH E 4 .   ? 7.86747   -13.02780 2.63952   1.000 33.16000 ? 549 HOH A O   1 
HETATM 1319 O O   . HOH E 4 .   ? 0.59928   7.31884   -10.63946 1.000 26.04000 ? 550 HOH A O   1 
HETATM 1320 O O   . HOH E 4 .   ? 16.45637  6.55147   -12.85327 1.000 37.70000 ? 551 HOH A O   1 
HETATM 1321 O O   . HOH E 4 .   ? 3.76163   -10.95504 7.62113   1.000 24.56000 ? 552 HOH A O   1 
HETATM 1322 O O   . HOH E 4 .   ? 8.66644   -12.14950 8.79256   1.000 42.06000 ? 553 HOH A O   1 
HETATM 1323 O O   . HOH E 4 .   ? 1.20041   2.49634   -15.52556 1.000 26.52000 ? 554 HOH A O   1 
HETATM 1324 O O   . HOH E 4 .   ? -3.35513  7.34815   -11.96381 1.000 34.05000 ? 555 HOH A O   1 
HETATM 1325 O O   . HOH E 4 .   ? 5.83418   -12.42709 7.05803   1.000 31.72000 ? 556 HOH A O   1 
HETATM 1326 O O   . HOH E 4 .   ? 10.97712  -13.97795 -16.71942 1.000 42.03000 ? 557 HOH A O   1 
# 
loop_
_pdbx_poly_seq_scheme.asym_id 
_pdbx_poly_seq_scheme.entity_id 
_pdbx_poly_seq_scheme.seq_id 
_pdbx_poly_seq_scheme.mon_id 
_pdbx_poly_seq_scheme.ndb_seq_num 
_pdbx_poly_seq_scheme.pdb_seq_num 
_pdbx_poly_seq_scheme.auth_seq_num 
_pdbx_poly_seq_scheme.pdb_mon_id 
_pdbx_poly_seq_scheme.auth_mon_id 
_pdbx_poly_seq_scheme.pdb_strand_id 
_pdbx_poly_seq_scheme.pdb_ins_code 
_pdbx_poly_seq_scheme.hetero 
A 1 1   THR 1   1   1   THR THR A . n 
A 1 2   ARG 2   2   2   ARG ARG A . n 
A 1 3   ASP 3   3   3   ASP ASP A . n 
A 1 4   PHE 4   4   4   PHE PHE A . n 
A 1 5   ASN 5   5   5   ASN ASN A . n 
A 1 6   GLY 6   6   6   GLY GLY A . n 
A 1 7   THR 7   7   7   THR THR A . n 
A 1 8   TRP 8   8   8   TRP TRP A . n 
A 1 9   GLU 9   9   9   GLU GLU A . n 
A 1 10  MET 10  10  10  MET MET A . n 
A 1 11  GLU 11  11  11  GLU GLU A . n 
A 1 12  SER 12  12  12  SER SER A . n 
A 1 13  ASN 13  13  13  ASN ASN A . n 
A 1 14  GLU 14  14  14  GLU GLU A . n 
A 1 15  ASN 15  15  15  ASN ASN A . n 
A 1 16  PHE 16  16  16  PHE PHE A . n 
A 1 17  GLU 17  17  17  GLU GLU A . n 
A 1 18  GLY 18  18  18  GLY GLY A . n 
A 1 19  TYR 19  19  19  TYR TYR A . n 
A 1 20  MET 20  20  20  MET MET A . n 
A 1 21  LYS 21  21  21  LYS LYS A . n 
A 1 22  ALA 22  22  22  ALA ALA A . n 
A 1 23  LEU 23  23  23  LEU LEU A . n 
A 1 24  ASP 24  24  24  ASP ASP A . n 
A 1 25  ILE 25  25  25  ILE ILE A . n 
A 1 26  ASP 26  26  26  ASP ASP A . n 
A 1 27  PHE 27  27  27  PHE PHE A . n 
A 1 28  ALA 28  28  28  ALA ALA A . n 
A 1 29  THR 29  29  29  THR THR A . n 
A 1 30  ARG 30  30  30  ARG ARG A . n 
A 1 31  LYS 31  31  31  LYS LYS A . n 
A 1 32  ILE 32  32  32  ILE ILE A . n 
A 1 33  ALA 33  33  33  ALA ALA A . n 
A 1 34  VAL 34  34  34  VAL VAL A . n 
A 1 35  ARG 35  35  35  ARG ARG A . n 
A 1 36  LEU 36  36  36  LEU LEU A . n 
A 1 37  THR 37  37  37  THR THR A . n 
A 1 38  PHE 38  38  38  PHE PHE A . n 
A 1 39  THR 39  39  39  THR THR A . n 
A 1 40  LEU 40  40  40  LEU LEU A . n 
A 1 41  VAL 41  41  41  VAL VAL A . n 
A 1 42  ILE 42  42  42  ILE ILE A . n 
A 1 43  ASP 43  43  43  ASP ASP A . n 
A 1 44  GLN 44  44  44  GLN GLN A . n 
A 1 45  ASP 45  45  45  ASP ASP A . n 
A 1 46  GLY 46  46  46  GLY GLY A . n 
A 1 47  ASP 47  47  47  ASP ASP A . n 
A 1 48  ASN 48  48  48  ASN ASN A . n 
A 1 49  PHE 49  49  49  PHE PHE A . n 
A 1 50  LYS 50  50  50  LYS LYS A . n 
A 1 51  CYS 51  51  51  CYS CYS A . n 
A 1 52  LYS 52  52  52  LYS LYS A . n 
A 1 53  ALA 53  53  53  ALA ALA A . n 
A 1 54  THR 54  54  54  THR THR A . n 
A 1 55  SER 55  55  55  SER SER A . n 
A 1 56  THR 56  56  56  THR THR A . n 
A 1 57  PHE 57  57  57  PHE PHE A . n 
A 1 58  LEU 58  58  58  LEU LEU A . n 
A 1 59  ASN 59  59  59  ASN ASN A . n 
A 1 60  TYR 60  60  60  TYR TYR A . n 
A 1 61  ASP 61  61  61  ASP ASP A . n 
A 1 62  VAL 62  62  62  VAL VAL A . n 
A 1 63  ASP 63  63  63  ASP ASP A . n 
A 1 64  PHE 64  64  64  PHE PHE A . n 
A 1 65  THR 65  65  65  THR THR A . n 
A 1 66  VAL 66  66  66  VAL VAL A . n 
A 1 67  GLY 67  67  67  GLY GLY A . n 
A 1 68  VAL 68  68  68  VAL VAL A . n 
A 1 69  GLU 69  69  69  GLU GLU A . n 
A 1 70  PHE 70  70  70  PHE PHE A . n 
A 1 71  ASP 71  71  71  ASP ASP A . n 
A 1 72  GLU 72  72  72  GLU GLU A . n 
A 1 73  TYR 73  73  73  TYR TYR A . n 
A 1 74  THR 74  74  74  THR THR A . n 
A 1 75  LYS 75  75  75  LYS LYS A . n 
A 1 76  SER 76  76  76  SER SER A . n 
A 1 77  LEU 77  77  77  LEU LEU A . n 
A 1 78  ASP 78  78  78  ASP ASP A . n 
A 1 79  ASN 79  79  79  ASN ASN A . n 
A 1 80  ARG 80  80  80  ARG ARG A . n 
A 1 81  HIS 81  81  81  HIS HIS A . n 
A 1 82  VAL 82  82  82  VAL VAL A . n 
A 1 83  LYS 83  83  83  LYS LYS A . n 
A 1 84  ALA 84  84  84  ALA ALA A . n 
A 1 85  LEU 85  85  85  LEU LEU A . n 
A 1 86  VAL 86  86  86  VAL VAL A . n 
A 1 87  THR 87  87  87  THR THR A . n 
A 1 88  TRP 88  88  88  TRP TRP A . n 
A 1 89  GLU 89  89  89  GLU GLU A . n 
A 1 90  GLY 90  90  90  GLY GLY A . n 
A 1 91  ASP 91  91  91  ASP ASP A . n 
A 1 92  VAL 92  92  92  VAL VAL A . n 
A 1 93  LEU 93  93  93  LEU LEU A . n 
A 1 94  VAL 94  94  94  VAL VAL A . n 
A 1 95  CYS 95  95  95  CYS CYS A . n 
A 1 96  VAL 96  96  96  VAL VAL A . n 
A 1 97  GLN 97  97  97  GLN GLN A . n 
A 1 98  LYS 98  98  98  LYS LYS A . n 
A 1 99  GLY 99  99  99  GLY GLY A . n 
A 1 100 GLU 100 100 100 GLU GLU A . n 
A 1 101 LYS 101 101 101 LYS LYS A . n 
A 1 102 GLU 102 102 102 GLU GLU A . n 
A 1 103 ASN 103 103 103 ASN ASN A . n 
A 1 104 ARG 104 104 104 ARG ARG A . n 
A 1 105 GLY 105 105 105 GLY GLY A . n 
A 1 106 TRP 106 106 106 TRP TRP A . n 
A 1 107 LYS 107 107 107 LYS LYS A . n 
A 1 108 LYS 108 108 108 LYS LYS A . n 
A 1 109 TRP 109 109 109 TRP TRP A . n 
A 1 110 ILE 110 110 110 ILE ILE A . n 
A 1 111 GLU 111 111 111 GLU GLU A . n 
A 1 112 GLY 112 112 112 GLY GLY A . n 
A 1 113 ASP 113 113 113 ASP ASP A . n 
A 1 114 LYS 114 114 114 LYS LYS A . n 
A 1 115 LEU 115 115 115 LEU LEU A . n 
A 1 116 TYR 116 116 116 TYR TYR A . n 
A 1 117 LEU 117 117 117 LEU LEU A . n 
A 1 118 GLU 118 118 118 GLU GLU A . n 
A 1 119 LEU 119 119 119 LEU LEU A . n 
A 1 120 THR 120 120 120 THR THR A . n 
A 1 121 CYS 121 121 121 CYS CYS A . n 
A 1 122 GLY 122 122 122 GLY GLY A . n 
A 1 123 ASP 123 123 123 ASP ASP A . n 
A 1 124 GLN 124 124 124 GLN GLN A . n 
A 1 125 VAL 125 125 125 VAL VAL A . n 
A 1 126 CYS 126 126 126 CYS CYS A . n 
A 1 127 ARG 127 127 127 ARG ARG A . n 
A 1 128 GLN 128 128 128 GLN GLN A . n 
A 1 129 VAL 129 129 129 VAL VAL A . n 
A 1 130 PHE 130 130 130 PHE PHE A . n 
A 1 131 LYS 131 131 131 LYS LYS A . n 
A 1 132 LYS 132 132 132 LYS LYS A . n 
A 1 133 LYS 133 133 133 LYS LYS A . n 
# 
_pdbx_contact_author.id                 4 
_pdbx_contact_author.email              geigerj@msu.edu 
_pdbx_contact_author.name_first         James 
_pdbx_contact_author.name_last          Geiger 
_pdbx_contact_author.name_mi            H 
_pdbx_contact_author.role               'principal investigator/group leader' 
_pdbx_contact_author.identifier_ORCID   0000-0002-9443-4488 
# 
loop_
_pdbx_nonpoly_scheme.asym_id 
_pdbx_nonpoly_scheme.entity_id 
_pdbx_nonpoly_scheme.mon_id 
_pdbx_nonpoly_scheme.ndb_seq_num 
_pdbx_nonpoly_scheme.pdb_seq_num 
_pdbx_nonpoly_scheme.auth_seq_num 
_pdbx_nonpoly_scheme.pdb_mon_id 
_pdbx_nonpoly_scheme.auth_mon_id 
_pdbx_nonpoly_scheme.pdb_strand_id 
_pdbx_nonpoly_scheme.pdb_ins_code 
B 2 GOL 1   301 301 GOL GOL A . 
C 2 GOL 1   302 501 GOL GOL A . 
D 3 RH6 1   303 701 RH6 CM1 A . 
E 4 HOH 1   401 94  HOH HOH A . 
E 4 HOH 2   402 142 HOH HOH A . 
E 4 HOH 3   403 136 HOH HOH A . 
E 4 HOH 4   404 143 HOH HOH A . 
E 4 HOH 5   405 141 HOH HOH A . 
E 4 HOH 6   406 72  HOH HOH A . 
E 4 HOH 7   407 87  HOH HOH A . 
E 4 HOH 8   408 153 HOH HOH A . 
E 4 HOH 9   409 123 HOH HOH A . 
E 4 HOH 10  410 21  HOH HOH A . 
E 4 HOH 11  411 165 HOH HOH A . 
E 4 HOH 12  412 80  HOH HOH A . 
E 4 HOH 13  413 57  HOH HOH A . 
E 4 HOH 14  414 46  HOH HOH A . 
E 4 HOH 15  415 167 HOH HOH A . 
E 4 HOH 16  416 67  HOH HOH A . 
E 4 HOH 17  417 63  HOH HOH A . 
E 4 HOH 18  418 58  HOH HOH A . 
E 4 HOH 19  419 20  HOH HOH A . 
E 4 HOH 20  420 88  HOH HOH A . 
E 4 HOH 21  421 95  HOH HOH A . 
E 4 HOH 22  422 92  HOH HOH A . 
E 4 HOH 23  423 111 HOH HOH A . 
E 4 HOH 24  424 11  HOH HOH A . 
E 4 HOH 25  425 112 HOH HOH A . 
E 4 HOH 26  426 75  HOH HOH A . 
E 4 HOH 27  427 144 HOH HOH A . 
E 4 HOH 28  428 149 HOH HOH A . 
E 4 HOH 29  429 51  HOH HOH A . 
E 4 HOH 30  430 66  HOH HOH A . 
E 4 HOH 31  431 55  HOH HOH A . 
E 4 HOH 32  432 10  HOH HOH A . 
E 4 HOH 33  433 140 HOH HOH A . 
E 4 HOH 34  434 119 HOH HOH A . 
E 4 HOH 35  435 90  HOH HOH A . 
E 4 HOH 36  436 8   HOH HOH A . 
E 4 HOH 37  437 44  HOH HOH A . 
E 4 HOH 38  438 154 HOH HOH A . 
E 4 HOH 39  439 39  HOH HOH A . 
E 4 HOH 40  440 45  HOH HOH A . 
E 4 HOH 41  441 26  HOH HOH A . 
E 4 HOH 42  442 22  HOH HOH A . 
E 4 HOH 43  443 147 HOH HOH A . 
E 4 HOH 44  444 34  HOH HOH A . 
E 4 HOH 45  445 71  HOH HOH A . 
E 4 HOH 46  446 79  HOH HOH A . 
E 4 HOH 47  447 49  HOH HOH A . 
E 4 HOH 48  448 76  HOH HOH A . 
E 4 HOH 49  449 36  HOH HOH A . 
E 4 HOH 50  450 114 HOH HOH A . 
E 4 HOH 51  451 64  HOH HOH A . 
E 4 HOH 52  452 30  HOH HOH A . 
E 4 HOH 53  453 15  HOH HOH A . 
E 4 HOH 54  454 133 HOH HOH A . 
E 4 HOH 55  455 7   HOH HOH A . 
E 4 HOH 56  456 118 HOH HOH A . 
E 4 HOH 57  457 121 HOH HOH A . 
E 4 HOH 58  458 23  HOH HOH A . 
E 4 HOH 59  459 17  HOH HOH A . 
E 4 HOH 60  460 4   HOH HOH A . 
E 4 HOH 61  461 84  HOH HOH A . 
E 4 HOH 62  462 2   HOH HOH A . 
E 4 HOH 63  463 9   HOH HOH A . 
E 4 HOH 64  464 86  HOH HOH A . 
E 4 HOH 65  465 41  HOH HOH A . 
E 4 HOH 66  466 12  HOH HOH A . 
E 4 HOH 67  467 16  HOH HOH A . 
E 4 HOH 68  468 138 HOH HOH A . 
E 4 HOH 69  469 60  HOH HOH A . 
E 4 HOH 70  470 81  HOH HOH A . 
E 4 HOH 71  471 43  HOH HOH A . 
E 4 HOH 72  472 42  HOH HOH A . 
E 4 HOH 73  473 115 HOH HOH A . 
E 4 HOH 74  474 19  HOH HOH A . 
E 4 HOH 75  475 135 HOH HOH A . 
E 4 HOH 76  476 25  HOH HOH A . 
E 4 HOH 77  477 101 HOH HOH A . 
E 4 HOH 78  478 56  HOH HOH A . 
E 4 HOH 79  479 1   HOH HOH A . 
E 4 HOH 80  480 48  HOH HOH A . 
E 4 HOH 81  481 160 HOH HOH A . 
E 4 HOH 82  482 127 HOH HOH A . 
E 4 HOH 83  483 150 HOH HOH A . 
E 4 HOH 84  484 14  HOH HOH A . 
E 4 HOH 85  485 50  HOH HOH A . 
E 4 HOH 86  486 31  HOH HOH A . 
E 4 HOH 87  487 27  HOH HOH A . 
E 4 HOH 88  488 91  HOH HOH A . 
E 4 HOH 89  489 32  HOH HOH A . 
E 4 HOH 90  490 37  HOH HOH A . 
E 4 HOH 91  491 77  HOH HOH A . 
E 4 HOH 92  492 69  HOH HOH A . 
E 4 HOH 93  493 124 HOH HOH A . 
E 4 HOH 94  494 104 HOH HOH A . 
E 4 HOH 95  495 3   HOH HOH A . 
E 4 HOH 96  496 28  HOH HOH A . 
E 4 HOH 97  497 116 HOH HOH A . 
E 4 HOH 98  498 122 HOH HOH A . 
E 4 HOH 99  499 148 HOH HOH A . 
E 4 HOH 100 500 29  HOH HOH A . 
E 4 HOH 101 501 18  HOH HOH A . 
E 4 HOH 102 502 97  HOH HOH A . 
E 4 HOH 103 503 5   HOH HOH A . 
E 4 HOH 104 504 73  HOH HOH A . 
E 4 HOH 105 505 33  HOH HOH A . 
E 4 HOH 106 506 38  HOH HOH A . 
E 4 HOH 107 507 6   HOH HOH A . 
E 4 HOH 108 508 40  HOH HOH A . 
E 4 HOH 109 509 162 HOH HOH A . 
E 4 HOH 110 510 24  HOH HOH A . 
E 4 HOH 111 511 54  HOH HOH A . 
E 4 HOH 112 512 13  HOH HOH A . 
E 4 HOH 113 513 168 HOH HOH A . 
E 4 HOH 114 514 93  HOH HOH A . 
E 4 HOH 115 515 82  HOH HOH A . 
E 4 HOH 116 516 137 HOH HOH A . 
E 4 HOH 117 517 166 HOH HOH A . 
E 4 HOH 118 518 99  HOH HOH A . 
E 4 HOH 119 519 53  HOH HOH A . 
E 4 HOH 120 520 155 HOH HOH A . 
E 4 HOH 121 521 62  HOH HOH A . 
E 4 HOH 122 522 120 HOH HOH A . 
E 4 HOH 123 523 105 HOH HOH A . 
E 4 HOH 124 524 139 HOH HOH A . 
E 4 HOH 125 525 65  HOH HOH A . 
E 4 HOH 126 526 117 HOH HOH A . 
E 4 HOH 127 527 110 HOH HOH A . 
E 4 HOH 128 528 100 HOH HOH A . 
E 4 HOH 129 529 106 HOH HOH A . 
E 4 HOH 130 530 102 HOH HOH A . 
E 4 HOH 131 531 130 HOH HOH A . 
E 4 HOH 132 532 47  HOH HOH A . 
E 4 HOH 133 533 108 HOH HOH A . 
E 4 HOH 134 534 78  HOH HOH A . 
E 4 HOH 135 535 173 HOH HOH A . 
E 4 HOH 136 536 158 HOH HOH A . 
E 4 HOH 137 537 125 HOH HOH A . 
E 4 HOH 138 538 129 HOH HOH A . 
E 4 HOH 139 539 169 HOH HOH A . 
E 4 HOH 140 540 146 HOH HOH A . 
E 4 HOH 141 541 74  HOH HOH A . 
E 4 HOH 142 542 172 HOH HOH A . 
E 4 HOH 143 543 103 HOH HOH A . 
E 4 HOH 144 544 98  HOH HOH A . 
E 4 HOH 145 545 171 HOH HOH A . 
E 4 HOH 146 546 145 HOH HOH A . 
E 4 HOH 147 547 70  HOH HOH A . 
E 4 HOH 148 548 35  HOH HOH A . 
E 4 HOH 149 549 68  HOH HOH A . 
E 4 HOH 150 550 61  HOH HOH A . 
E 4 HOH 151 551 163 HOH HOH A . 
E 4 HOH 152 552 107 HOH HOH A . 
E 4 HOH 153 553 164 HOH HOH A . 
E 4 HOH 154 554 59  HOH HOH A . 
E 4 HOH 155 555 83  HOH HOH A . 
E 4 HOH 156 556 109 HOH HOH A . 
E 4 HOH 157 557 156 HOH HOH A . 
# 
_pdbx_struct_assembly.id                   1 
_pdbx_struct_assembly.details              author_defined_assembly 
_pdbx_struct_assembly.method_details       ? 
_pdbx_struct_assembly.oligomeric_details   monomeric 
_pdbx_struct_assembly.oligomeric_count     1 
# 
_pdbx_struct_assembly_gen.assembly_id       1 
_pdbx_struct_assembly_gen.oper_expression   1 
_pdbx_struct_assembly_gen.asym_id_list      A,B,C,D,E 
# 
_pdbx_struct_oper_list.id                   1 
_pdbx_struct_oper_list.type                 'identity operation' 
_pdbx_struct_oper_list.name                 1_555 
_pdbx_struct_oper_list.symmetry_operation   x,y,z 
_pdbx_struct_oper_list.matrix[1][1]         1.0000000000 
_pdbx_struct_oper_list.matrix[1][2]         0.0000000000 
_pdbx_struct_oper_list.matrix[1][3]         0.0000000000 
_pdbx_struct_oper_list.vector[1]            0.0000000000 
_pdbx_struct_oper_list.matrix[2][1]         0.0000000000 
_pdbx_struct_oper_list.matrix[2][2]         1.0000000000 
_pdbx_struct_oper_list.matrix[2][3]         0.0000000000 
_pdbx_struct_oper_list.vector[2]            0.0000000000 
_pdbx_struct_oper_list.matrix[3][1]         0.0000000000 
_pdbx_struct_oper_list.matrix[3][2]         0.0000000000 
_pdbx_struct_oper_list.matrix[3][3]         1.0000000000 
_pdbx_struct_oper_list.vector[3]            0.0000000000 
# 
_pdbx_struct_special_symmetry.id              1 
_pdbx_struct_special_symmetry.PDB_model_num   1 
_pdbx_struct_special_symmetry.auth_asym_id    A 
_pdbx_struct_special_symmetry.auth_comp_id    HOH 
_pdbx_struct_special_symmetry.auth_seq_id     538 
_pdbx_struct_special_symmetry.PDB_ins_code    ? 
_pdbx_struct_special_symmetry.label_asym_id   E 
_pdbx_struct_special_symmetry.label_comp_id   HOH 
_pdbx_struct_special_symmetry.label_seq_id    . 
# 
loop_
_pdbx_audit_revision_history.ordinal 
_pdbx_audit_revision_history.data_content_type 
_pdbx_audit_revision_history.major_revision 
_pdbx_audit_revision_history.minor_revision 
_pdbx_audit_revision_history.revision_date 
1 'Structure model' 1 0 2023-02-01 
2 'Structure model' 1 1 2023-02-15 
3 'Structure model' 1 2 2023-03-15 
4 'Structure model' 1 3 2023-10-25 
# 
_pdbx_audit_revision_details.ordinal             1 
_pdbx_audit_revision_details.revision_ordinal    1 
_pdbx_audit_revision_details.data_content_type   'Structure model' 
_pdbx_audit_revision_details.provider            repository 
_pdbx_audit_revision_details.type                'Initial release' 
_pdbx_audit_revision_details.description         ? 
_pdbx_audit_revision_details.details             ? 
# 
loop_
_pdbx_audit_revision_group.ordinal 
_pdbx_audit_revision_group.revision_ordinal 
_pdbx_audit_revision_group.data_content_type 
_pdbx_audit_revision_group.group 
1 2 'Structure model' 'Database references'    
2 3 'Structure model' 'Database references'    
3 4 'Structure model' 'Data collection'        
4 4 'Structure model' 'Refinement description' 
# 
loop_
_pdbx_audit_revision_category.ordinal 
_pdbx_audit_revision_category.revision_ordinal 
_pdbx_audit_revision_category.data_content_type 
_pdbx_audit_revision_category.category 
1 2 'Structure model' citation                      
2 2 'Structure model' citation_author               
3 3 'Structure model' citation                      
4 3 'Structure model' citation_author               
5 4 'Structure model' chem_comp_atom                
6 4 'Structure model' chem_comp_bond                
7 4 'Structure model' pdbx_initial_refinement_model 
# 
loop_
_pdbx_audit_revision_item.ordinal 
_pdbx_audit_revision_item.revision_ordinal 
_pdbx_audit_revision_item.data_content_type 
_pdbx_audit_revision_item.item 
1  2 'Structure model' '_citation.journal_abbrev'          
2  2 'Structure model' '_citation.journal_id_CSD'          
3  2 'Structure model' '_citation.journal_id_ISSN'         
4  2 'Structure model' '_citation.pdbx_database_id_DOI'    
5  2 'Structure model' '_citation.pdbx_database_id_PubMed' 
6  2 'Structure model' '_citation.title'                   
7  2 'Structure model' '_citation.year'                    
8  2 'Structure model' '_citation_author.identifier_ORCID' 
9  2 'Structure model' '_citation_author.name'             
10 3 'Structure model' '_citation.journal_volume'          
11 3 'Structure model' '_citation.page_first'              
12 3 'Structure model' '_citation.page_last'               
13 3 'Structure model' '_citation_author.identifier_ORCID' 
# 
loop_
_space_group_symop.id 
_space_group_symop.operation_xyz 
1 x,y,z           
2 -x,y,-z         
3 x+1/2,y+1/2,z   
4 -x+1/2,y+1/2,-z 
# 
loop_
_software.citation_id 
_software.classification 
_software.compiler_name 
_software.compiler_version 
_software.contact_author 
_software.contact_author_email 
_software.date 
_software.description 
_software.dependencies 
_software.hardware 
_software.language 
_software.location 
_software.mods 
_software.name 
_software.os 
_software.os_version 
_software.type 
_software.version 
_software.pdbx_ordinal 
? refinement       ? ? ? ? ? ? ? ? ? ? ? PHENIX   ? ? ? 1.16_3549 1 
? refinement       ? ? ? ? ? ? ? ? ? ? ? PHENIX   ? ? ? 1.16_3549 2 
? 'data reduction' ? ? ? ? ? ? ? ? ? ? ? HKL-2000 ? ? ? .         3 
? 'data scaling'   ? ? ? ? ? ? ? ? ? ? ? HKL-2000 ? ? ? .         4 
? phasing          ? ? ? ? ? ? ? ? ? ? ? PHASER   ? ? ? .         5 
# 
_pdbx_entry_details.entry_id                 8DN1 
_pdbx_entry_details.has_ligand_of_interest   Y 
_pdbx_entry_details.compound_details         ? 
_pdbx_entry_details.source_details           ? 
_pdbx_entry_details.nonpolymer_details       ? 
_pdbx_entry_details.sequence_details         ? 
# 
loop_
_pdbx_validate_close_contact.id 
_pdbx_validate_close_contact.PDB_model_num 
_pdbx_validate_close_contact.auth_atom_id_1 
_pdbx_validate_close_contact.auth_asym_id_1 
_pdbx_validate_close_contact.auth_comp_id_1 
_pdbx_validate_close_contact.auth_seq_id_1 
_pdbx_validate_close_contact.PDB_ins_code_1 
_pdbx_validate_close_contact.label_alt_id_1 
_pdbx_validate_close_contact.auth_atom_id_2 
_pdbx_validate_close_contact.auth_asym_id_2 
_pdbx_validate_close_contact.auth_comp_id_2 
_pdbx_validate_close_contact.auth_seq_id_2 
_pdbx_validate_close_contact.PDB_ins_code_2 
_pdbx_validate_close_contact.label_alt_id_2 
_pdbx_validate_close_contact.dist 
1 1 NZ  A LYS 108 ? ? C16 A RH6 303 ? ? 1.13 
2 1 SG  A CYS 51  ? ? C14 A RH6 303 ? ? 1.43 
3 1 SG  A CYS 51  ? ? H15 A RH6 303 ? ? 1.54 
4 1 NZ  A LYS 108 ? ? C15 A RH6 303 ? ? 2.13 
5 1 O   A HOH 531 ? ? O   A HOH 534 ? ? 2.17 
6 1 OD1 A ASP 45  ? ? O   A HOH 401 ? ? 2.19 
# 
loop_
_pdbx_validate_symm_contact.id 
_pdbx_validate_symm_contact.PDB_model_num 
_pdbx_validate_symm_contact.auth_atom_id_1 
_pdbx_validate_symm_contact.auth_asym_id_1 
_pdbx_validate_symm_contact.auth_comp_id_1 
_pdbx_validate_symm_contact.auth_seq_id_1 
_pdbx_validate_symm_contact.PDB_ins_code_1 
_pdbx_validate_symm_contact.label_alt_id_1 
_pdbx_validate_symm_contact.site_symmetry_1 
_pdbx_validate_symm_contact.auth_atom_id_2 
_pdbx_validate_symm_contact.auth_asym_id_2 
_pdbx_validate_symm_contact.auth_comp_id_2 
_pdbx_validate_symm_contact.auth_seq_id_2 
_pdbx_validate_symm_contact.PDB_ins_code_2 
_pdbx_validate_symm_contact.label_alt_id_2 
_pdbx_validate_symm_contact.site_symmetry_2 
_pdbx_validate_symm_contact.dist 
1 1 O   A HOH 406 ? ? 1_555 O   A HOH 406 ? ? 2_555 1.99 
2 1 O   A HOH 433 ? ? 1_555 O   A HOH 434 ? ? 1_655 2.11 
3 1 OD1 A ASP 47  ? ? 1_555 OD1 A ASP 47  ? ? 2_655 2.19 
# 
_pdbx_validate_rmsd_bond.id                        1 
_pdbx_validate_rmsd_bond.PDB_model_num             1 
_pdbx_validate_rmsd_bond.auth_atom_id_1            C 
_pdbx_validate_rmsd_bond.auth_asym_id_1            A 
_pdbx_validate_rmsd_bond.auth_comp_id_1            LYS 
_pdbx_validate_rmsd_bond.auth_seq_id_1             108 
_pdbx_validate_rmsd_bond.PDB_ins_code_1            ? 
_pdbx_validate_rmsd_bond.label_alt_id_1            ? 
_pdbx_validate_rmsd_bond.auth_atom_id_2            O 
_pdbx_validate_rmsd_bond.auth_asym_id_2            A 
_pdbx_validate_rmsd_bond.auth_comp_id_2            LYS 
_pdbx_validate_rmsd_bond.auth_seq_id_2             108 
_pdbx_validate_rmsd_bond.PDB_ins_code_2            ? 
_pdbx_validate_rmsd_bond.label_alt_id_2            ? 
_pdbx_validate_rmsd_bond.bond_value                1.364 
_pdbx_validate_rmsd_bond.bond_target_value         1.229 
_pdbx_validate_rmsd_bond.bond_deviation            0.135 
_pdbx_validate_rmsd_bond.bond_standard_deviation   0.019 
_pdbx_validate_rmsd_bond.linker_flag               N 
# 
loop_
_pdbx_validate_torsion.id 
_pdbx_validate_torsion.PDB_model_num 
_pdbx_validate_torsion.auth_comp_id 
_pdbx_validate_torsion.auth_asym_id 
_pdbx_validate_torsion.auth_seq_id 
_pdbx_validate_torsion.PDB_ins_code 
_pdbx_validate_torsion.label_alt_id 
_pdbx_validate_torsion.phi 
_pdbx_validate_torsion.psi 
1 1 PHE A 57  ? ? -133.32 -31.49  
2 1 LEU A 77  ? ? -117.58 -103.08 
3 1 ASP A 113 ? ? 75.40   -2.55   
# 
loop_
_pdbx_distant_solvent_atoms.id 
_pdbx_distant_solvent_atoms.PDB_model_num 
_pdbx_distant_solvent_atoms.auth_atom_id 
_pdbx_distant_solvent_atoms.label_alt_id 
_pdbx_distant_solvent_atoms.auth_asym_id 
_pdbx_distant_solvent_atoms.auth_comp_id 
_pdbx_distant_solvent_atoms.auth_seq_id 
_pdbx_distant_solvent_atoms.PDB_ins_code 
_pdbx_distant_solvent_atoms.neighbor_macromolecule_distance 
_pdbx_distant_solvent_atoms.neighbor_ligand_distance 
1 1 O ? A HOH 556 ? 5.82 . 
2 1 O ? A HOH 557 ? 6.86 . 
# 
loop_
_pdbx_unobs_or_zero_occ_atoms.id 
_pdbx_unobs_or_zero_occ_atoms.PDB_model_num 
_pdbx_unobs_or_zero_occ_atoms.polymer_flag 
_pdbx_unobs_or_zero_occ_atoms.occupancy_flag 
_pdbx_unobs_or_zero_occ_atoms.auth_asym_id 
_pdbx_unobs_or_zero_occ_atoms.auth_comp_id 
_pdbx_unobs_or_zero_occ_atoms.auth_seq_id 
_pdbx_unobs_or_zero_occ_atoms.PDB_ins_code 
_pdbx_unobs_or_zero_occ_atoms.auth_atom_id 
_pdbx_unobs_or_zero_occ_atoms.label_alt_id 
_pdbx_unobs_or_zero_occ_atoms.label_asym_id 
_pdbx_unobs_or_zero_occ_atoms.label_comp_id 
_pdbx_unobs_or_zero_occ_atoms.label_seq_id 
_pdbx_unobs_or_zero_occ_atoms.label_atom_id 
1 1 Y 1 A LYS 31  ? CE ? A LYS 31  CE 
2 1 Y 1 A LYS 31  ? NZ ? A LYS 31  NZ 
3 1 Y 1 A LYS 133 ? CD ? A LYS 133 CD 
4 1 Y 1 A LYS 133 ? CE ? A LYS 133 CE 
5 1 Y 1 A LYS 133 ? NZ ? A LYS 133 NZ 
# 
loop_
_chem_comp_atom.comp_id 
_chem_comp_atom.atom_id 
_chem_comp_atom.type_symbol 
_chem_comp_atom.pdbx_aromatic_flag 
_chem_comp_atom.pdbx_stereo_config 
_chem_comp_atom.pdbx_ordinal 
ALA N    N N N 1   
ALA CA   C N S 2   
ALA C    C N N 3   
ALA O    O N N 4   
ALA CB   C N N 5   
ALA OXT  O N N 6   
ALA H    H N N 7   
ALA H2   H N N 8   
ALA HA   H N N 9   
ALA HB1  H N N 10  
ALA HB2  H N N 11  
ALA HB3  H N N 12  
ALA HXT  H N N 13  
ARG N    N N N 14  
ARG CA   C N S 15  
ARG C    C N N 16  
ARG O    O N N 17  
ARG CB   C N N 18  
ARG CG   C N N 19  
ARG CD   C N N 20  
ARG NE   N N N 21  
ARG CZ   C N N 22  
ARG NH1  N N N 23  
ARG NH2  N N N 24  
ARG OXT  O N N 25  
ARG H    H N N 26  
ARG H2   H N N 27  
ARG HA   H N N 28  
ARG HB2  H N N 29  
ARG HB3  H N N 30  
ARG HG2  H N N 31  
ARG HG3  H N N 32  
ARG HD2  H N N 33  
ARG HD3  H N N 34  
ARG HE   H N N 35  
ARG HH11 H N N 36  
ARG HH12 H N N 37  
ARG HH21 H N N 38  
ARG HH22 H N N 39  
ARG HXT  H N N 40  
ASN N    N N N 41  
ASN CA   C N S 42  
ASN C    C N N 43  
ASN O    O N N 44  
ASN CB   C N N 45  
ASN CG   C N N 46  
ASN OD1  O N N 47  
ASN ND2  N N N 48  
ASN OXT  O N N 49  
ASN H    H N N 50  
ASN H2   H N N 51  
ASN HA   H N N 52  
ASN HB2  H N N 53  
ASN HB3  H N N 54  
ASN HD21 H N N 55  
ASN HD22 H N N 56  
ASN HXT  H N N 57  
ASP N    N N N 58  
ASP CA   C N S 59  
ASP C    C N N 60  
ASP O    O N N 61  
ASP CB   C N N 62  
ASP CG   C N N 63  
ASP OD1  O N N 64  
ASP OD2  O N N 65  
ASP OXT  O N N 66  
ASP H    H N N 67  
ASP H2   H N N 68  
ASP HA   H N N 69  
ASP HB2  H N N 70  
ASP HB3  H N N 71  
ASP HD2  H N N 72  
ASP HXT  H N N 73  
CYS N    N N N 74  
CYS CA   C N R 75  
CYS C    C N N 76  
CYS O    O N N 77  
CYS CB   C N N 78  
CYS SG   S N N 79  
CYS OXT  O N N 80  
CYS H    H N N 81  
CYS H2   H N N 82  
CYS HA   H N N 83  
CYS HB2  H N N 84  
CYS HB3  H N N 85  
CYS HG   H N N 86  
CYS HXT  H N N 87  
GLN N    N N N 88  
GLN CA   C N S 89  
GLN C    C N N 90  
GLN O    O N N 91  
GLN CB   C N N 92  
GLN CG   C N N 93  
GLN CD   C N N 94  
GLN OE1  O N N 95  
GLN NE2  N N N 96  
GLN OXT  O N N 97  
GLN H    H N N 98  
GLN H2   H N N 99  
GLN HA   H N N 100 
GLN HB2  H N N 101 
GLN HB3  H N N 102 
GLN HG2  H N N 103 
GLN HG3  H N N 104 
GLN HE21 H N N 105 
GLN HE22 H N N 106 
GLN HXT  H N N 107 
GLU N    N N N 108 
GLU CA   C N S 109 
GLU C    C N N 110 
GLU O    O N N 111 
GLU CB   C N N 112 
GLU CG   C N N 113 
GLU CD   C N N 114 
GLU OE1  O N N 115 
GLU OE2  O N N 116 
GLU OXT  O N N 117 
GLU H    H N N 118 
GLU H2   H N N 119 
GLU HA   H N N 120 
GLU HB2  H N N 121 
GLU HB3  H N N 122 
GLU HG2  H N N 123 
GLU HG3  H N N 124 
GLU HE2  H N N 125 
GLU HXT  H N N 126 
GLY N    N N N 127 
GLY CA   C N N 128 
GLY C    C N N 129 
GLY O    O N N 130 
GLY OXT  O N N 131 
GLY H    H N N 132 
GLY H2   H N N 133 
GLY HA2  H N N 134 
GLY HA3  H N N 135 
GLY HXT  H N N 136 
GOL C1   C N N 137 
GOL O1   O N N 138 
GOL C2   C N N 139 
GOL O2   O N N 140 
GOL C3   C N N 141 
GOL O3   O N N 142 
GOL H11  H N N 143 
GOL H12  H N N 144 
GOL HO1  H N N 145 
GOL H2   H N N 146 
GOL HO2  H N N 147 
GOL H31  H N N 148 
GOL H32  H N N 149 
GOL HO3  H N N 150 
HIS N    N N N 151 
HIS CA   C N S 152 
HIS C    C N N 153 
HIS O    O N N 154 
HIS CB   C N N 155 
HIS CG   C Y N 156 
HIS ND1  N Y N 157 
HIS CD2  C Y N 158 
HIS CE1  C Y N 159 
HIS NE2  N Y N 160 
HIS OXT  O N N 161 
HIS H    H N N 162 
HIS H2   H N N 163 
HIS HA   H N N 164 
HIS HB2  H N N 165 
HIS HB3  H N N 166 
HIS HD1  H N N 167 
HIS HD2  H N N 168 
HIS HE1  H N N 169 
HIS HE2  H N N 170 
HIS HXT  H N N 171 
HOH O    O N N 172 
HOH H1   H N N 173 
HOH H2   H N N 174 
ILE N    N N N 175 
ILE CA   C N S 176 
ILE C    C N N 177 
ILE O    O N N 178 
ILE CB   C N S 179 
ILE CG1  C N N 180 
ILE CG2  C N N 181 
ILE CD1  C N N 182 
ILE OXT  O N N 183 
ILE H    H N N 184 
ILE H2   H N N 185 
ILE HA   H N N 186 
ILE HB   H N N 187 
ILE HG12 H N N 188 
ILE HG13 H N N 189 
ILE HG21 H N N 190 
ILE HG22 H N N 191 
ILE HG23 H N N 192 
ILE HD11 H N N 193 
ILE HD12 H N N 194 
ILE HD13 H N N 195 
ILE HXT  H N N 196 
LEU N    N N N 197 
LEU CA   C N S 198 
LEU C    C N N 199 
LEU O    O N N 200 
LEU CB   C N N 201 
LEU CG   C N N 202 
LEU CD1  C N N 203 
LEU CD2  C N N 204 
LEU OXT  O N N 205 
LEU H    H N N 206 
LEU H2   H N N 207 
LEU HA   H N N 208 
LEU HB2  H N N 209 
LEU HB3  H N N 210 
LEU HG   H N N 211 
LEU HD11 H N N 212 
LEU HD12 H N N 213 
LEU HD13 H N N 214 
LEU HD21 H N N 215 
LEU HD22 H N N 216 
LEU HD23 H N N 217 
LEU HXT  H N N 218 
LYS N    N N N 219 
LYS CA   C N S 220 
LYS C    C N N 221 
LYS O    O N N 222 
LYS CB   C N N 223 
LYS CG   C N N 224 
LYS CD   C N N 225 
LYS CE   C N N 226 
LYS NZ   N N N 227 
LYS OXT  O N N 228 
LYS H    H N N 229 
LYS H2   H N N 230 
LYS HA   H N N 231 
LYS HB2  H N N 232 
LYS HB3  H N N 233 
LYS HG2  H N N 234 
LYS HG3  H N N 235 
LYS HD2  H N N 236 
LYS HD3  H N N 237 
LYS HE2  H N N 238 
LYS HE3  H N N 239 
LYS HZ1  H N N 240 
LYS HZ2  H N N 241 
LYS HZ3  H N N 242 
LYS HXT  H N N 243 
MET N    N N N 244 
MET CA   C N S 245 
MET C    C N N 246 
MET O    O N N 247 
MET CB   C N N 248 
MET CG   C N N 249 
MET SD   S N N 250 
MET CE   C N N 251 
MET OXT  O N N 252 
MET H    H N N 253 
MET H2   H N N 254 
MET HA   H N N 255 
MET HB2  H N N 256 
MET HB3  H N N 257 
MET HG2  H N N 258 
MET HG3  H N N 259 
MET HE1  H N N 260 
MET HE2  H N N 261 
MET HE3  H N N 262 
MET HXT  H N N 263 
PHE N    N N N 264 
PHE CA   C N S 265 
PHE C    C N N 266 
PHE O    O N N 267 
PHE CB   C N N 268 
PHE CG   C Y N 269 
PHE CD1  C Y N 270 
PHE CD2  C Y N 271 
PHE CE1  C Y N 272 
PHE CE2  C Y N 273 
PHE CZ   C Y N 274 
PHE OXT  O N N 275 
PHE H    H N N 276 
PHE H2   H N N 277 
PHE HA   H N N 278 
PHE HB2  H N N 279 
PHE HB3  H N N 280 
PHE HD1  H N N 281 
PHE HD2  H N N 282 
PHE HE1  H N N 283 
PHE HE2  H N N 284 
PHE HZ   H N N 285 
PHE HXT  H N N 286 
RH6 C13  C N N 287 
RH6 C15  C N N 288 
RH6 C20  C Y N 289 
RH6 C21  C Y N 290 
RH6 C01  C Y N 291 
RH6 C02  C Y N 292 
RH6 C04  C N N 293 
RH6 C05  C N N 294 
RH6 C06  C N N 295 
RH6 C07  C N N 296 
RH6 C08  C Y N 297 
RH6 C09  C Y N 298 
RH6 C11  C N N 299 
RH6 C14  C N N 300 
RH6 C16  C N N 301 
RH6 C19  C N N 302 
RH6 N03  N N N 303 
RH6 O10  O N N 304 
RH6 O12  O N N 305 
RH6 H1   H N N 306 
RH6 H2   H N N 307 
RH6 H3   H N N 308 
RH6 H4   H N N 309 
RH6 H5   H N N 310 
RH6 H6   H N N 311 
RH6 H7   H N N 312 
RH6 H8   H N N 313 
RH6 H9   H N N 314 
RH6 H10  H N N 315 
RH6 H11  H N N 316 
RH6 H12  H N N 317 
RH6 H13  H N N 318 
RH6 H14  H N N 319 
RH6 H15  H N N 320 
RH6 H16  H N N 321 
RH6 H17  H N N 322 
RH6 H18  H N N 323 
RH6 H19  H N N 324 
SER N    N N N 325 
SER CA   C N S 326 
SER C    C N N 327 
SER O    O N N 328 
SER CB   C N N 329 
SER OG   O N N 330 
SER OXT  O N N 331 
SER H    H N N 332 
SER H2   H N N 333 
SER HA   H N N 334 
SER HB2  H N N 335 
SER HB3  H N N 336 
SER HG   H N N 337 
SER HXT  H N N 338 
THR N    N N N 339 
THR CA   C N S 340 
THR C    C N N 341 
THR O    O N N 342 
THR CB   C N R 343 
THR OG1  O N N 344 
THR CG2  C N N 345 
THR OXT  O N N 346 
THR H    H N N 347 
THR H2   H N N 348 
THR HA   H N N 349 
THR HB   H N N 350 
THR HG1  H N N 351 
THR HG21 H N N 352 
THR HG22 H N N 353 
THR HG23 H N N 354 
THR HXT  H N N 355 
TRP N    N N N 356 
TRP CA   C N S 357 
TRP C    C N N 358 
TRP O    O N N 359 
TRP CB   C N N 360 
TRP CG   C Y N 361 
TRP CD1  C Y N 362 
TRP CD2  C Y N 363 
TRP NE1  N Y N 364 
TRP CE2  C Y N 365 
TRP CE3  C Y N 366 
TRP CZ2  C Y N 367 
TRP CZ3  C Y N 368 
TRP CH2  C Y N 369 
TRP OXT  O N N 370 
TRP H    H N N 371 
TRP H2   H N N 372 
TRP HA   H N N 373 
TRP HB2  H N N 374 
TRP HB3  H N N 375 
TRP HD1  H N N 376 
TRP HE1  H N N 377 
TRP HE3  H N N 378 
TRP HZ2  H N N 379 
TRP HZ3  H N N 380 
TRP HH2  H N N 381 
TRP HXT  H N N 382 
TYR N    N N N 383 
TYR CA   C N S 384 
TYR C    C N N 385 
TYR O    O N N 386 
TYR CB   C N N 387 
TYR CG   C Y N 388 
TYR CD1  C Y N 389 
TYR CD2  C Y N 390 
TYR CE1  C Y N 391 
TYR CE2  C Y N 392 
TYR CZ   C Y N 393 
TYR OH   O N N 394 
TYR OXT  O N N 395 
TYR H    H N N 396 
TYR H2   H N N 397 
TYR HA   H N N 398 
TYR HB2  H N N 399 
TYR HB3  H N N 400 
TYR HD1  H N N 401 
TYR HD2  H N N 402 
TYR HE1  H N N 403 
TYR HE2  H N N 404 
TYR HH   H N N 405 
TYR HXT  H N N 406 
VAL N    N N N 407 
VAL CA   C N S 408 
VAL C    C N N 409 
VAL O    O N N 410 
VAL CB   C N N 411 
VAL CG1  C N N 412 
VAL CG2  C N N 413 
VAL OXT  O N N 414 
VAL H    H N N 415 
VAL H2   H N N 416 
VAL HA   H N N 417 
VAL HB   H N N 418 
VAL HG11 H N N 419 
VAL HG12 H N N 420 
VAL HG13 H N N 421 
VAL HG21 H N N 422 
VAL HG22 H N N 423 
VAL HG23 H N N 424 
VAL HXT  H N N 425 
# 
loop_
_chem_comp_bond.comp_id 
_chem_comp_bond.atom_id_1 
_chem_comp_bond.atom_id_2 
_chem_comp_bond.value_order 
_chem_comp_bond.pdbx_aromatic_flag 
_chem_comp_bond.pdbx_stereo_config 
_chem_comp_bond.pdbx_ordinal 
ALA N   CA   sing N N 1   
ALA N   H    sing N N 2   
ALA N   H2   sing N N 3   
ALA CA  C    sing N N 4   
ALA CA  CB   sing N N 5   
ALA CA  HA   sing N N 6   
ALA C   O    doub N N 7   
ALA C   OXT  sing N N 8   
ALA CB  HB1  sing N N 9   
ALA CB  HB2  sing N N 10  
ALA CB  HB3  sing N N 11  
ALA OXT HXT  sing N N 12  
ARG N   CA   sing N N 13  
ARG N   H    sing N N 14  
ARG N   H2   sing N N 15  
ARG CA  C    sing N N 16  
ARG CA  CB   sing N N 17  
ARG CA  HA   sing N N 18  
ARG C   O    doub N N 19  
ARG C   OXT  sing N N 20  
ARG CB  CG   sing N N 21  
ARG CB  HB2  sing N N 22  
ARG CB  HB3  sing N N 23  
ARG CG  CD   sing N N 24  
ARG CG  HG2  sing N N 25  
ARG CG  HG3  sing N N 26  
ARG CD  NE   sing N N 27  
ARG CD  HD2  sing N N 28  
ARG CD  HD3  sing N N 29  
ARG NE  CZ   sing N N 30  
ARG NE  HE   sing N N 31  
ARG CZ  NH1  sing N N 32  
ARG CZ  NH2  doub N N 33  
ARG NH1 HH11 sing N N 34  
ARG NH1 HH12 sing N N 35  
ARG NH2 HH21 sing N N 36  
ARG NH2 HH22 sing N N 37  
ARG OXT HXT  sing N N 38  
ASN N   CA   sing N N 39  
ASN N   H    sing N N 40  
ASN N   H2   sing N N 41  
ASN CA  C    sing N N 42  
ASN CA  CB   sing N N 43  
ASN CA  HA   sing N N 44  
ASN C   O    doub N N 45  
ASN C   OXT  sing N N 46  
ASN CB  CG   sing N N 47  
ASN CB  HB2  sing N N 48  
ASN CB  HB3  sing N N 49  
ASN CG  OD1  doub N N 50  
ASN CG  ND2  sing N N 51  
ASN ND2 HD21 sing N N 52  
ASN ND2 HD22 sing N N 53  
ASN OXT HXT  sing N N 54  
ASP N   CA   sing N N 55  
ASP N   H    sing N N 56  
ASP N   H2   sing N N 57  
ASP CA  C    sing N N 58  
ASP CA  CB   sing N N 59  
ASP CA  HA   sing N N 60  
ASP C   O    doub N N 61  
ASP C   OXT  sing N N 62  
ASP CB  CG   sing N N 63  
ASP CB  HB2  sing N N 64  
ASP CB  HB3  sing N N 65  
ASP CG  OD1  doub N N 66  
ASP CG  OD2  sing N N 67  
ASP OD2 HD2  sing N N 68  
ASP OXT HXT  sing N N 69  
CYS N   CA   sing N N 70  
CYS N   H    sing N N 71  
CYS N   H2   sing N N 72  
CYS CA  C    sing N N 73  
CYS CA  CB   sing N N 74  
CYS CA  HA   sing N N 75  
CYS C   O    doub N N 76  
CYS C   OXT  sing N N 77  
CYS CB  SG   sing N N 78  
CYS CB  HB2  sing N N 79  
CYS CB  HB3  sing N N 80  
CYS SG  HG   sing N N 81  
CYS OXT HXT  sing N N 82  
GLN N   CA   sing N N 83  
GLN N   H    sing N N 84  
GLN N   H2   sing N N 85  
GLN CA  C    sing N N 86  
GLN CA  CB   sing N N 87  
GLN CA  HA   sing N N 88  
GLN C   O    doub N N 89  
GLN C   OXT  sing N N 90  
GLN CB  CG   sing N N 91  
GLN CB  HB2  sing N N 92  
GLN CB  HB3  sing N N 93  
GLN CG  CD   sing N N 94  
GLN CG  HG2  sing N N 95  
GLN CG  HG3  sing N N 96  
GLN CD  OE1  doub N N 97  
GLN CD  NE2  sing N N 98  
GLN NE2 HE21 sing N N 99  
GLN NE2 HE22 sing N N 100 
GLN OXT HXT  sing N N 101 
GLU N   CA   sing N N 102 
GLU N   H    sing N N 103 
GLU N   H2   sing N N 104 
GLU CA  C    sing N N 105 
GLU CA  CB   sing N N 106 
GLU CA  HA   sing N N 107 
GLU C   O    doub N N 108 
GLU C   OXT  sing N N 109 
GLU CB  CG   sing N N 110 
GLU CB  HB2  sing N N 111 
GLU CB  HB3  sing N N 112 
GLU CG  CD   sing N N 113 
GLU CG  HG2  sing N N 114 
GLU CG  HG3  sing N N 115 
GLU CD  OE1  doub N N 116 
GLU CD  OE2  sing N N 117 
GLU OE2 HE2  sing N N 118 
GLU OXT HXT  sing N N 119 
GLY N   CA   sing N N 120 
GLY N   H    sing N N 121 
GLY N   H2   sing N N 122 
GLY CA  C    sing N N 123 
GLY CA  HA2  sing N N 124 
GLY CA  HA3  sing N N 125 
GLY C   O    doub N N 126 
GLY C   OXT  sing N N 127 
GLY OXT HXT  sing N N 128 
GOL C1  O1   sing N N 129 
GOL C1  C2   sing N N 130 
GOL C1  H11  sing N N 131 
GOL C1  H12  sing N N 132 
GOL O1  HO1  sing N N 133 
GOL C2  O2   sing N N 134 
GOL C2  C3   sing N N 135 
GOL C2  H2   sing N N 136 
GOL O2  HO2  sing N N 137 
GOL C3  O3   sing N N 138 
GOL C3  H31  sing N N 139 
GOL C3  H32  sing N N 140 
GOL O3  HO3  sing N N 141 
HIS N   CA   sing N N 142 
HIS N   H    sing N N 143 
HIS N   H2   sing N N 144 
HIS CA  C    sing N N 145 
HIS CA  CB   sing N N 146 
HIS CA  HA   sing N N 147 
HIS C   O    doub N N 148 
HIS C   OXT  sing N N 149 
HIS CB  CG   sing N N 150 
HIS CB  HB2  sing N N 151 
HIS CB  HB3  sing N N 152 
HIS CG  ND1  sing Y N 153 
HIS CG  CD2  doub Y N 154 
HIS ND1 CE1  doub Y N 155 
HIS ND1 HD1  sing N N 156 
HIS CD2 NE2  sing Y N 157 
HIS CD2 HD2  sing N N 158 
HIS CE1 NE2  sing Y N 159 
HIS CE1 HE1  sing N N 160 
HIS NE2 HE2  sing N N 161 
HIS OXT HXT  sing N N 162 
HOH O   H1   sing N N 163 
HOH O   H2   sing N N 164 
ILE N   CA   sing N N 165 
ILE N   H    sing N N 166 
ILE N   H2   sing N N 167 
ILE CA  C    sing N N 168 
ILE CA  CB   sing N N 169 
ILE CA  HA   sing N N 170 
ILE C   O    doub N N 171 
ILE C   OXT  sing N N 172 
ILE CB  CG1  sing N N 173 
ILE CB  CG2  sing N N 174 
ILE CB  HB   sing N N 175 
ILE CG1 CD1  sing N N 176 
ILE CG1 HG12 sing N N 177 
ILE CG1 HG13 sing N N 178 
ILE CG2 HG21 sing N N 179 
ILE CG2 HG22 sing N N 180 
ILE CG2 HG23 sing N N 181 
ILE CD1 HD11 sing N N 182 
ILE CD1 HD12 sing N N 183 
ILE CD1 HD13 sing N N 184 
ILE OXT HXT  sing N N 185 
LEU N   CA   sing N N 186 
LEU N   H    sing N N 187 
LEU N   H2   sing N N 188 
LEU CA  C    sing N N 189 
LEU CA  CB   sing N N 190 
LEU CA  HA   sing N N 191 
LEU C   O    doub N N 192 
LEU C   OXT  sing N N 193 
LEU CB  CG   sing N N 194 
LEU CB  HB2  sing N N 195 
LEU CB  HB3  sing N N 196 
LEU CG  CD1  sing N N 197 
LEU CG  CD2  sing N N 198 
LEU CG  HG   sing N N 199 
LEU CD1 HD11 sing N N 200 
LEU CD1 HD12 sing N N 201 
LEU CD1 HD13 sing N N 202 
LEU CD2 HD21 sing N N 203 
LEU CD2 HD22 sing N N 204 
LEU CD2 HD23 sing N N 205 
LEU OXT HXT  sing N N 206 
LYS N   CA   sing N N 207 
LYS N   H    sing N N 208 
LYS N   H2   sing N N 209 
LYS CA  C    sing N N 210 
LYS CA  CB   sing N N 211 
LYS CA  HA   sing N N 212 
LYS C   O    doub N N 213 
LYS C   OXT  sing N N 214 
LYS CB  CG   sing N N 215 
LYS CB  HB2  sing N N 216 
LYS CB  HB3  sing N N 217 
LYS CG  CD   sing N N 218 
LYS CG  HG2  sing N N 219 
LYS CG  HG3  sing N N 220 
LYS CD  CE   sing N N 221 
LYS CD  HD2  sing N N 222 
LYS CD  HD3  sing N N 223 
LYS CE  NZ   sing N N 224 
LYS CE  HE2  sing N N 225 
LYS CE  HE3  sing N N 226 
LYS NZ  HZ1  sing N N 227 
LYS NZ  HZ2  sing N N 228 
LYS NZ  HZ3  sing N N 229 
LYS OXT HXT  sing N N 230 
MET N   CA   sing N N 231 
MET N   H    sing N N 232 
MET N   H2   sing N N 233 
MET CA  C    sing N N 234 
MET CA  CB   sing N N 235 
MET CA  HA   sing N N 236 
MET C   O    doub N N 237 
MET C   OXT  sing N N 238 
MET CB  CG   sing N N 239 
MET CB  HB2  sing N N 240 
MET CB  HB3  sing N N 241 
MET CG  SD   sing N N 242 
MET CG  HG2  sing N N 243 
MET CG  HG3  sing N N 244 
MET SD  CE   sing N N 245 
MET CE  HE1  sing N N 246 
MET CE  HE2  sing N N 247 
MET CE  HE3  sing N N 248 
MET OXT HXT  sing N N 249 
PHE N   CA   sing N N 250 
PHE N   H    sing N N 251 
PHE N   H2   sing N N 252 
PHE CA  C    sing N N 253 
PHE CA  CB   sing N N 254 
PHE CA  HA   sing N N 255 
PHE C   O    doub N N 256 
PHE C   OXT  sing N N 257 
PHE CB  CG   sing N N 258 
PHE CB  HB2  sing N N 259 
PHE CB  HB3  sing N N 260 
PHE CG  CD1  doub Y N 261 
PHE CG  CD2  sing Y N 262 
PHE CD1 CE1  sing Y N 263 
PHE CD1 HD1  sing N N 264 
PHE CD2 CE2  doub Y N 265 
PHE CD2 HD2  sing N N 266 
PHE CE1 CZ   doub Y N 267 
PHE CE1 HE1  sing N N 268 
PHE CE2 CZ   sing Y N 269 
PHE CE2 HE2  sing N N 270 
PHE CZ  HZ   sing N N 271 
PHE OXT HXT  sing N N 272 
RH6 C16 C15  sing N N 273 
RH6 C15 C14  doub N E 274 
RH6 C14 C13  sing N N 275 
RH6 C19 C13  doub N N 276 
RH6 C19 C20  sing N N 277 
RH6 C13 C11  sing N N 278 
RH6 O12 C11  doub N N 279 
RH6 C20 C21  doub Y N 280 
RH6 C20 C09  sing Y N 281 
RH6 C21 C01  sing Y N 282 
RH6 C11 O10  sing N N 283 
RH6 O10 C09  sing N N 284 
RH6 C09 C08  doub Y N 285 
RH6 C01 C02  doub Y N 286 
RH6 C08 C02  sing Y N 287 
RH6 C02 N03  sing N N 288 
RH6 N03 C04  sing N N 289 
RH6 N03 C06  sing N N 290 
RH6 C04 C05  sing N N 291 
RH6 C07 C06  sing N N 292 
RH6 C15 H1   sing N N 293 
RH6 C21 H2   sing N N 294 
RH6 C01 H3   sing N N 295 
RH6 C04 H4   sing N N 296 
RH6 C04 H5   sing N N 297 
RH6 C05 H6   sing N N 298 
RH6 C05 H7   sing N N 299 
RH6 C05 H8   sing N N 300 
RH6 C06 H9   sing N N 301 
RH6 C06 H10  sing N N 302 
RH6 C07 H11  sing N N 303 
RH6 C07 H12  sing N N 304 
RH6 C07 H13  sing N N 305 
RH6 C08 H14  sing N N 306 
RH6 C14 H15  sing N N 307 
RH6 C16 H16  sing N N 308 
RH6 C16 H17  sing N N 309 
RH6 C16 H18  sing N N 310 
RH6 C19 H19  sing N N 311 
SER N   CA   sing N N 312 
SER N   H    sing N N 313 
SER N   H2   sing N N 314 
SER CA  C    sing N N 315 
SER CA  CB   sing N N 316 
SER CA  HA   sing N N 317 
SER C   O    doub N N 318 
SER C   OXT  sing N N 319 
SER CB  OG   sing N N 320 
SER CB  HB2  sing N N 321 
SER CB  HB3  sing N N 322 
SER OG  HG   sing N N 323 
SER OXT HXT  sing N N 324 
THR N   CA   sing N N 325 
THR N   H    sing N N 326 
THR N   H2   sing N N 327 
THR CA  C    sing N N 328 
THR CA  CB   sing N N 329 
THR CA  HA   sing N N 330 
THR C   O    doub N N 331 
THR C   OXT  sing N N 332 
THR CB  OG1  sing N N 333 
THR CB  CG2  sing N N 334 
THR CB  HB   sing N N 335 
THR OG1 HG1  sing N N 336 
THR CG2 HG21 sing N N 337 
THR CG2 HG22 sing N N 338 
THR CG2 HG23 sing N N 339 
THR OXT HXT  sing N N 340 
TRP N   CA   sing N N 341 
TRP N   H    sing N N 342 
TRP N   H2   sing N N 343 
TRP CA  C    sing N N 344 
TRP CA  CB   sing N N 345 
TRP CA  HA   sing N N 346 
TRP C   O    doub N N 347 
TRP C   OXT  sing N N 348 
TRP CB  CG   sing N N 349 
TRP CB  HB2  sing N N 350 
TRP CB  HB3  sing N N 351 
TRP CG  CD1  doub Y N 352 
TRP CG  CD2  sing Y N 353 
TRP CD1 NE1  sing Y N 354 
TRP CD1 HD1  sing N N 355 
TRP CD2 CE2  doub Y N 356 
TRP CD2 CE3  sing Y N 357 
TRP NE1 CE2  sing Y N 358 
TRP NE1 HE1  sing N N 359 
TRP CE2 CZ2  sing Y N 360 
TRP CE3 CZ3  doub Y N 361 
TRP CE3 HE3  sing N N 362 
TRP CZ2 CH2  doub Y N 363 
TRP CZ2 HZ2  sing N N 364 
TRP CZ3 CH2  sing Y N 365 
TRP CZ3 HZ3  sing N N 366 
TRP CH2 HH2  sing N N 367 
TRP OXT HXT  sing N N 368 
TYR N   CA   sing N N 369 
TYR N   H    sing N N 370 
TYR N   H2   sing N N 371 
TYR CA  C    sing N N 372 
TYR CA  CB   sing N N 373 
TYR CA  HA   sing N N 374 
TYR C   O    doub N N 375 
TYR C   OXT  sing N N 376 
TYR CB  CG   sing N N 377 
TYR CB  HB2  sing N N 378 
TYR CB  HB3  sing N N 379 
TYR CG  CD1  doub Y N 380 
TYR CG  CD2  sing Y N 381 
TYR CD1 CE1  sing Y N 382 
TYR CD1 HD1  sing N N 383 
TYR CD2 CE2  doub Y N 384 
TYR CD2 HD2  sing N N 385 
TYR CE1 CZ   doub Y N 386 
TYR CE1 HE1  sing N N 387 
TYR CE2 CZ   sing Y N 388 
TYR CE2 HE2  sing N N 389 
TYR CZ  OH   sing N N 390 
TYR OH  HH   sing N N 391 
TYR OXT HXT  sing N N 392 
VAL N   CA   sing N N 393 
VAL N   H    sing N N 394 
VAL N   H2   sing N N 395 
VAL CA  C    sing N N 396 
VAL CA  CB   sing N N 397 
VAL CA  HA   sing N N 398 
VAL C   O    doub N N 399 
VAL C   OXT  sing N N 400 
VAL CB  CG1  sing N N 401 
VAL CB  CG2  sing N N 402 
VAL CB  HB   sing N N 403 
VAL CG1 HG11 sing N N 404 
VAL CG1 HG12 sing N N 405 
VAL CG1 HG13 sing N N 406 
VAL CG2 HG21 sing N N 407 
VAL CG2 HG22 sing N N 408 
VAL CG2 HG23 sing N N 409 
VAL OXT HXT  sing N N 410 
# 
_pdbx_audit_support.funding_organization   
'National Institutes of Health/National Institute of Biomedical Imaging and Bioengineering (NIH/NIBIB)' 
_pdbx_audit_support.country                'United States' 
_pdbx_audit_support.grant_number           ? 
_pdbx_audit_support.ordinal                1 
# 
_pdbx_entity_instance_feature.ordinal        1 
_pdbx_entity_instance_feature.comp_id        RH6 
_pdbx_entity_instance_feature.asym_id        ? 
_pdbx_entity_instance_feature.seq_num        ? 
_pdbx_entity_instance_feature.auth_comp_id   RH6 
_pdbx_entity_instance_feature.auth_asym_id   ? 
_pdbx_entity_instance_feature.auth_seq_num   ? 
_pdbx_entity_instance_feature.feature_type   'SUBJECT OF INVESTIGATION' 
_pdbx_entity_instance_feature.details        ? 
# 
loop_
_pdbx_entity_nonpoly.entity_id 
_pdbx_entity_nonpoly.name 
_pdbx_entity_nonpoly.comp_id 
2 GLYCEROL                                                                      GOL 
3 '(2E)-3-[7-(diethylamino)-2-oxo-2H-1-benzopyran-3-yl]prop-2-enal, bound form' RH6 
4 water                                                                         HOH 
# 
_pdbx_initial_refinement_model.id               1 
_pdbx_initial_refinement_model.entity_id_list   ? 
_pdbx_initial_refinement_model.type             'experimental model' 
_pdbx_initial_refinement_model.source_name      PDB 
_pdbx_initial_refinement_model.accession_code   4QZT 
_pdbx_initial_refinement_model.details          ? 
# 
_pdbx_struct_assembly_auth_evidence.id                     1 
_pdbx_struct_assembly_auth_evidence.assembly_id            1 
_pdbx_struct_assembly_auth_evidence.experimental_support   'gel filtration' 
_pdbx_struct_assembly_auth_evidence.details                ? 
# 
_space_group.name_H-M_alt     'C 1 2 1' 
_space_group.name_Hall        'C 2y' 
_space_group.IT_number        5 
_space_group.crystal_system   monoclinic 
_space_group.id               1 
# 
